data_2VPB
# 
_entry.id   2VPB 
# 
_audit_conform.dict_name       mmcif_pdbx.dic 
_audit_conform.dict_version    5.382 
_audit_conform.dict_location   http://mmcif.pdb.org/dictionaries/ascii/mmcif_pdbx.dic 
# 
loop_
_database_2.database_id 
_database_2.database_code 
_database_2.pdbx_database_accession 
_database_2.pdbx_DOI 
PDB   2VPB         pdb_00002vpb 10.2210/pdb2vpb/pdb 
PDBE  EBI-35466    ?            ?                   
WWPDB D_1290035466 ?            ?                   
# 
loop_
_pdbx_database_related.db_name 
_pdbx_database_related.db_id 
_pdbx_database_related.content_type 
_pdbx_database_related.details 
PDB 2VP7 unspecified 'DECODING OF METHYLATED HISTONE H3 TAIL BY THE PYGO-BCL9 WNT SIGNALING COMPLEX' 
PDB 2VPD unspecified 'DECODING OF METHYLATED HISTONE H3 TAIL BY THE PYGO-BCL9 WNT SIGNALING COMPLEX' 
PDB 2VPE unspecified 'DECODING OF METHYLATED HISTONE H3 TAIL BY THE PYGO-BCL9 WNT SIGNALING COMPLEX' 
PDB 2VPG unspecified 'DECODING OF METHYLATED HISTONE H3 TAIL BY THE PYGO-BCL9 WNT SIGNALING COMPLEX' 
# 
_pdbx_database_status.status_code                     REL 
_pdbx_database_status.entry_id                        2VPB 
_pdbx_database_status.deposit_site                    PDBE 
_pdbx_database_status.process_site                    PDBE 
_pdbx_database_status.SG_entry                        . 
_pdbx_database_status.recvd_initial_deposition_date   2008-02-27 
_pdbx_database_status.pdb_format_compatible           Y 
_pdbx_database_status.status_code_sf                  REL 
_pdbx_database_status.status_code_mr                  ? 
_pdbx_database_status.status_code_cs                  ? 
_pdbx_database_status.methods_development_category    ? 
_pdbx_database_status.status_code_nmr_data            ? 
# 
loop_
_audit_author.name 
_audit_author.pdbx_ordinal 
'Fiedler, M.'           1 
'Sanchez-Barrena, M.J.' 2 
'Nekrasov, M.'          3 
'Mieszczanek, J.'       4 
'Rybin, V.'             5 
'Muller, J.'            6 
'Evans, P.'             7 
'Bienz, M.'             8 
# 
_citation.id                        primary 
_citation.title                     'Decoding of Methylated Histone H3 Tail by the Pygo- Bcl9 Wnt Signaling Complex.' 
_citation.journal_abbrev            Mol.Cell 
_citation.journal_volume            30 
_citation.page_first                507 
_citation.page_last                 ? 
_citation.year                      2008 
_citation.journal_id_ASTM           MOCEFL 
_citation.country                   US 
_citation.journal_id_ISSN           1097-2765 
_citation.journal_id_CSD            2168 
_citation.book_publisher            ? 
_citation.pdbx_database_id_PubMed   18498752 
_citation.pdbx_database_id_DOI      10.1016/J.MOLCEL.2008.03.011 
# 
loop_
_citation_author.citation_id 
_citation_author.name 
_citation_author.ordinal 
_citation_author.identifier_ORCID 
primary 'Fiedler, M.'           1 ? 
primary 'Sanchez-Barrena, M.J.' 2 ? 
primary 'Nekrasov, M.'          3 ? 
primary 'Mieszczanek, J.'       4 ? 
primary 'Rybin, V.'             5 ? 
primary 'Muller, J.'            6 ? 
primary 'Evans, P.'             7 ? 
primary 'Bienz, M.'             8 ? 
# 
_cell.entry_id           2VPB 
_cell.length_a           32.100 
_cell.length_b           79.470 
_cell.length_c           91.830 
_cell.angle_alpha        90.00 
_cell.angle_beta         90.00 
_cell.angle_gamma        90.00 
_cell.Z_PDB              8 
_cell.pdbx_unique_axis   ? 
# 
_symmetry.entry_id                         2VPB 
_symmetry.space_group_name_H-M             'I 2 2 2' 
_symmetry.pdbx_full_space_group_name_H-M   ? 
_symmetry.cell_setting                     ? 
_symmetry.Int_Tables_number                23 
# 
loop_
_entity.id 
_entity.type 
_entity.src_method 
_entity.pdbx_description 
_entity.formula_weight 
_entity.pdbx_number_of_molecules 
_entity.pdbx_ec 
_entity.pdbx_mutation 
_entity.pdbx_fragment 
_entity.details 
1 polymer     man 'PYGOPUS HOMOLOG 1'             6982.755 1   ? ? 'PHD DOMAIN, RESIDUES 333-397' ? 
2 polymer     man 'B-CELL CLL/LYMPHOMA 9 PROTEIN' 3758.405 1   ? ? 'HD1 DOMAIN, RESIDUES 174-205' ? 
3 non-polymer syn 'SODIUM ION'                    22.990   2   ? ? ?                              ? 
4 non-polymer syn 'ZINC ION'                      65.409   2   ? ? ?                              ? 
5 water       nat water                           18.015   102 ? ? ?                              ? 
# 
loop_
_entity_name_com.entity_id 
_entity_name_com.name 
1 HPYGO1                                                            
2 'B-CELL LYMPHOMA 9 PROTEIN, BCL-9, PROTEIN LEGLESS HOMOLOG, BCL9' 
# 
loop_
_entity_poly.entity_id 
_entity_poly.type 
_entity_poly.nstd_linkage 
_entity_poly.nstd_monomer 
_entity_poly.pdbx_seq_one_letter_code 
_entity_poly.pdbx_seq_one_letter_code_can 
_entity_poly.pdbx_strand_id 
_entity_poly.pdbx_target_identifier 
1 'polypeptide(L)' no no GHSSSDPVYPCGICTNEVNDDQDAILCEASCQKWFHRICTGMTETAYGLLTAEASAVWGCDTCMA 
GHSSSDPVYPCGICTNEVNDDQDAILCEASCQKWFHRICTGMTETAYGLLTAEASAVWGCDTCMA A ? 
2 'polypeptide(L)' no no AMAAKVVYVFSTEMANKAAEAVLKGQVETIVSFHI                               AMAAKVVYVFSTEMANKAAEAVLKGQVETIVSFHI B ? 
# 
loop_
_entity_poly_seq.entity_id 
_entity_poly_seq.num 
_entity_poly_seq.mon_id 
_entity_poly_seq.hetero 
1 1  GLY n 
1 2  HIS n 
1 3  SER n 
1 4  SER n 
1 5  SER n 
1 6  ASP n 
1 7  PRO n 
1 8  VAL n 
1 9  TYR n 
1 10 PRO n 
1 11 CYS n 
1 12 GLY n 
1 13 ILE n 
1 14 CYS n 
1 15 THR n 
1 16 ASN n 
1 17 GLU n 
1 18 VAL n 
1 19 ASN n 
1 20 ASP n 
1 21 ASP n 
1 22 GLN n 
1 23 ASP n 
1 24 ALA n 
1 25 ILE n 
1 26 LEU n 
1 27 CYS n 
1 28 GLU n 
1 29 ALA n 
1 30 SER n 
1 31 CYS n 
1 32 GLN n 
1 33 LYS n 
1 34 TRP n 
1 35 PHE n 
1 36 HIS n 
1 37 ARG n 
1 38 ILE n 
1 39 CYS n 
1 40 THR n 
1 41 GLY n 
1 42 MET n 
1 43 THR n 
1 44 GLU n 
1 45 THR n 
1 46 ALA n 
1 47 TYR n 
1 48 GLY n 
1 49 LEU n 
1 50 LEU n 
1 51 THR n 
1 52 ALA n 
1 53 GLU n 
1 54 ALA n 
1 55 SER n 
1 56 ALA n 
1 57 VAL n 
1 58 TRP n 
1 59 GLY n 
1 60 CYS n 
1 61 ASP n 
1 62 THR n 
1 63 CYS n 
1 64 MET n 
1 65 ALA n 
2 1  ALA n 
2 2  MET n 
2 3  ALA n 
2 4  ALA n 
2 5  LYS n 
2 6  VAL n 
2 7  VAL n 
2 8  TYR n 
2 9  VAL n 
2 10 PHE n 
2 11 SER n 
2 12 THR n 
2 13 GLU n 
2 14 MET n 
2 15 ALA n 
2 16 ASN n 
2 17 LYS n 
2 18 ALA n 
2 19 ALA n 
2 20 GLU n 
2 21 ALA n 
2 22 VAL n 
2 23 LEU n 
2 24 LYS n 
2 25 GLY n 
2 26 GLN n 
2 27 VAL n 
2 28 GLU n 
2 29 THR n 
2 30 ILE n 
2 31 VAL n 
2 32 SER n 
2 33 PHE n 
2 34 HIS n 
2 35 ILE n 
# 
loop_
_entity_src_gen.entity_id 
_entity_src_gen.pdbx_src_id 
_entity_src_gen.pdbx_alt_source_flag 
_entity_src_gen.pdbx_seq_type 
_entity_src_gen.pdbx_beg_seq_num 
_entity_src_gen.pdbx_end_seq_num 
_entity_src_gen.gene_src_common_name 
_entity_src_gen.gene_src_genus 
_entity_src_gen.pdbx_gene_src_gene 
_entity_src_gen.gene_src_species 
_entity_src_gen.gene_src_strain 
_entity_src_gen.gene_src_tissue 
_entity_src_gen.gene_src_tissue_fraction 
_entity_src_gen.gene_src_details 
_entity_src_gen.pdbx_gene_src_fragment 
_entity_src_gen.pdbx_gene_src_scientific_name 
_entity_src_gen.pdbx_gene_src_ncbi_taxonomy_id 
_entity_src_gen.pdbx_gene_src_variant 
_entity_src_gen.pdbx_gene_src_cell_line 
_entity_src_gen.pdbx_gene_src_atcc 
_entity_src_gen.pdbx_gene_src_organ 
_entity_src_gen.pdbx_gene_src_organelle 
_entity_src_gen.pdbx_gene_src_cell 
_entity_src_gen.pdbx_gene_src_cellular_location 
_entity_src_gen.host_org_common_name 
_entity_src_gen.pdbx_host_org_scientific_name 
_entity_src_gen.pdbx_host_org_ncbi_taxonomy_id 
_entity_src_gen.host_org_genus 
_entity_src_gen.pdbx_host_org_gene 
_entity_src_gen.pdbx_host_org_organ 
_entity_src_gen.host_org_species 
_entity_src_gen.pdbx_host_org_tissue 
_entity_src_gen.pdbx_host_org_tissue_fraction 
_entity_src_gen.pdbx_host_org_strain 
_entity_src_gen.pdbx_host_org_variant 
_entity_src_gen.pdbx_host_org_cell_line 
_entity_src_gen.pdbx_host_org_atcc 
_entity_src_gen.pdbx_host_org_culture_collection 
_entity_src_gen.pdbx_host_org_cell 
_entity_src_gen.pdbx_host_org_organelle 
_entity_src_gen.pdbx_host_org_cellular_location 
_entity_src_gen.pdbx_host_org_vector_type 
_entity_src_gen.pdbx_host_org_vector 
_entity_src_gen.host_org_details 
_entity_src_gen.expression_system_id 
_entity_src_gen.plasmid_name 
_entity_src_gen.plasmid_details 
_entity_src_gen.pdbx_description 
1 1 sample ? ? ? HUMAN ? ? ? ? ? ? ? ? 'HOMO SAPIENS' 9606 ? ? ? ? ? ? ? ? 'ESCHERICHIA COLI' 511693 ? ? ? ? ? ? BL21 
'CODONPLUS(DE3)-RIL' ? ? ? ? ? ? ? 'BI-CISTRONIC EXPRESSION VECTOR' ? ? ? ? ? 
2 1 sample ? ? ? HUMAN ? ? ? ? ? ? ? ? 'HOMO SAPIENS' 9606 ? ? ? ? ? ? ? ? 'ESCHERICHIA COLI' 511693 ? ? ? ? ? ? BL21 
'CODONPLUS(DE3)-RIL' ? ? ? ? ? ? ? 'BI-CISTRONIC EXPRESSION VECTOR' ? ? ? ? ? 
# 
loop_
_struct_ref.id 
_struct_ref.db_name 
_struct_ref.db_code 
_struct_ref.entity_id 
_struct_ref.pdbx_seq_one_letter_code 
_struct_ref.pdbx_align_begin 
_struct_ref.pdbx_db_accession 
_struct_ref.pdbx_db_isoform 
1 UNP PYGO1_HUMAN 1 ? ? Q9Y3Y4 ? 
2 PDB 2VPB        2 ? ? 2VPB   ? 
3 UNP BCL9_HUMAN  2 ? ? O00512 ? 
# 
loop_
_struct_ref_seq.align_id 
_struct_ref_seq.ref_id 
_struct_ref_seq.pdbx_PDB_id_code 
_struct_ref_seq.pdbx_strand_id 
_struct_ref_seq.seq_align_beg 
_struct_ref_seq.pdbx_seq_align_beg_ins_code 
_struct_ref_seq.seq_align_end 
_struct_ref_seq.pdbx_seq_align_end_ins_code 
_struct_ref_seq.pdbx_db_accession 
_struct_ref_seq.db_align_beg 
_struct_ref_seq.pdbx_db_align_beg_ins_code 
_struct_ref_seq.db_align_end 
_struct_ref_seq.pdbx_db_align_end_ins_code 
_struct_ref_seq.pdbx_auth_seq_align_beg 
_struct_ref_seq.pdbx_auth_seq_align_end 
1 1 2VPB A 1 ? 65 ? Q9Y3Y4 333 ? 397 ? 333 397 
2 2 2VPB B 1 ? 3  ? 2VPB   171 ? 173 ? 171 173 
3 3 2VPB B 4 ? 35 ? O00512 174 ? 205 ? 174 205 
# 
loop_
_chem_comp.id 
_chem_comp.type 
_chem_comp.mon_nstd_flag 
_chem_comp.name 
_chem_comp.pdbx_synonyms 
_chem_comp.formula 
_chem_comp.formula_weight 
ALA 'L-peptide linking' y ALANINE         ? 'C3 H7 N O2'     89.093  
ARG 'L-peptide linking' y ARGININE        ? 'C6 H15 N4 O2 1' 175.209 
ASN 'L-peptide linking' y ASPARAGINE      ? 'C4 H8 N2 O3'    132.118 
ASP 'L-peptide linking' y 'ASPARTIC ACID' ? 'C4 H7 N O4'     133.103 
CYS 'L-peptide linking' y CYSTEINE        ? 'C3 H7 N O2 S'   121.158 
GLN 'L-peptide linking' y GLUTAMINE       ? 'C5 H10 N2 O3'   146.144 
GLU 'L-peptide linking' y 'GLUTAMIC ACID' ? 'C5 H9 N O4'     147.129 
GLY 'peptide linking'   y GLYCINE         ? 'C2 H5 N O2'     75.067  
HIS 'L-peptide linking' y HISTIDINE       ? 'C6 H10 N3 O2 1' 156.162 
HOH non-polymer         . WATER           ? 'H2 O'           18.015  
ILE 'L-peptide linking' y ISOLEUCINE      ? 'C6 H13 N O2'    131.173 
LEU 'L-peptide linking' y LEUCINE         ? 'C6 H13 N O2'    131.173 
LYS 'L-peptide linking' y LYSINE          ? 'C6 H15 N2 O2 1' 147.195 
MET 'L-peptide linking' y METHIONINE      ? 'C5 H11 N O2 S'  149.211 
NA  non-polymer         . 'SODIUM ION'    ? 'Na 1'           22.990  
PHE 'L-peptide linking' y PHENYLALANINE   ? 'C9 H11 N O2'    165.189 
PRO 'L-peptide linking' y PROLINE         ? 'C5 H9 N O2'     115.130 
SER 'L-peptide linking' y SERINE          ? 'C3 H7 N O3'     105.093 
THR 'L-peptide linking' y THREONINE       ? 'C4 H9 N O3'     119.119 
TRP 'L-peptide linking' y TRYPTOPHAN      ? 'C11 H12 N2 O2'  204.225 
TYR 'L-peptide linking' y TYROSINE        ? 'C9 H11 N O3'    181.189 
VAL 'L-peptide linking' y VALINE          ? 'C5 H11 N O2'    117.146 
ZN  non-polymer         . 'ZINC ION'      ? 'Zn 2'           65.409  
# 
_exptl.entry_id          2VPB 
_exptl.method            'X-RAY DIFFRACTION' 
_exptl.crystals_number   1 
# 
_exptl_crystal.id                    1 
_exptl_crystal.density_meas          ? 
_exptl_crystal.density_Matthews      2.53 
_exptl_crystal.density_percent_sol   51.32 
_exptl_crystal.description           NONE 
_exptl_crystal.preparation           ? 
# 
_exptl_crystal_grow.crystal_id      1 
_exptl_crystal_grow.method          'VAPOR DIFFUSION, HANGING DROP' 
_exptl_crystal_grow.temp            292 
_exptl_crystal_grow.temp_details    ? 
_exptl_crystal_grow.pH              8 
_exptl_crystal_grow.pdbx_pH_range   ? 
_exptl_crystal_grow.pdbx_details    
'HANGING-DROP VAPOUR-DIFFUSION METHOD AT 19 CELSIUS. CRYSTALLIZATION CONDITIONS: 1M NA-CITRATE, 100MM TRIS PH7, 200MM NACL, pH 8' 
# 
_diffrn.id                               1 
_diffrn.ambient_temp                     100 
_diffrn.ambient_temp_details             ? 
_diffrn.crystal_id                       1 
_diffrn.pdbx_serial_crystal_experiment   ? 
# 
_diffrn_detector.diffrn_id              1 
_diffrn_detector.detector               CCD 
_diffrn_detector.type                   'ADSC CCD' 
_diffrn_detector.pdbx_collection_date   2007-06-16 
_diffrn_detector.details                'TOROIDAL FOCUSING MIRROR' 
# 
_diffrn_radiation.diffrn_id                        1 
_diffrn_radiation.wavelength_id                    1 
_diffrn_radiation.pdbx_monochromatic_or_laue_m_l   M 
_diffrn_radiation.monochromator                    'CHANNEL CUT ESRF MONOCHROMATOR' 
_diffrn_radiation.pdbx_diffrn_protocol             'SINGLE WAVELENGTH' 
_diffrn_radiation.pdbx_scattering_type             x-ray 
# 
_diffrn_radiation_wavelength.id           1 
_diffrn_radiation_wavelength.wavelength   0.934 
_diffrn_radiation_wavelength.wt           1.0 
# 
_diffrn_source.diffrn_id                   1 
_diffrn_source.source                      SYNCHROTRON 
_diffrn_source.type                        'ESRF BEAMLINE ID14-1' 
_diffrn_source.pdbx_synchrotron_site       ESRF 
_diffrn_source.pdbx_synchrotron_beamline   ID14-1 
_diffrn_source.pdbx_wavelength             0.934 
_diffrn_source.pdbx_wavelength_list        ? 
# 
_reflns.pdbx_diffrn_id               1 
_reflns.pdbx_ordinal                 1 
_reflns.entry_id                     2VPB 
_reflns.observed_criterion_sigma_I   2.0 
_reflns.observed_criterion_sigma_F   ? 
_reflns.d_resolution_low             28.56 
_reflns.d_resolution_high            1.59 
_reflns.number_obs                   15426 
_reflns.number_all                   ? 
_reflns.percent_possible_obs         99.9 
_reflns.pdbx_Rmerge_I_obs            0.06 
_reflns.pdbx_Rsym_value              ? 
_reflns.pdbx_netI_over_sigmaI        26.60 
_reflns.B_iso_Wilson_estimate        ? 
_reflns.pdbx_redundancy              10.5 
# 
_reflns_shell.pdbx_diffrn_id         1 
_reflns_shell.pdbx_ordinal           1 
_reflns_shell.d_res_high             1.59 
_reflns_shell.d_res_low              1.68 
_reflns_shell.percent_possible_all   99.9 
_reflns_shell.Rmerge_I_obs           0.37 
_reflns_shell.pdbx_Rsym_value        ? 
_reflns_shell.meanI_over_sigI_obs    11.40 
_reflns_shell.pdbx_redundancy        10.3 
# 
_refine.pdbx_refine_id                           'X-RAY DIFFRACTION' 
_refine.entry_id                                 2VPB 
_refine.pdbx_diffrn_id                           1 
_refine.pdbx_TLS_residual_ADP_flag               ? 
_refine.ls_number_reflns_obs                     15426 
_refine.ls_number_reflns_all                     ? 
_refine.pdbx_ls_sigma_I                          ? 
_refine.pdbx_ls_sigma_F                          ? 
_refine.pdbx_data_cutoff_high_absF               ? 
_refine.pdbx_data_cutoff_low_absF                ? 
_refine.pdbx_data_cutoff_high_rms_absF           ? 
_refine.ls_d_res_low                             60.08 
_refine.ls_d_res_high                            1.59 
_refine.ls_percent_reflns_obs                    99.8 
_refine.ls_R_factor_obs                          0.194 
_refine.ls_R_factor_all                          ? 
_refine.ls_R_factor_R_work                       0.192 
_refine.ls_R_factor_R_free                       0.225 
_refine.ls_R_factor_R_free_error                 ? 
_refine.ls_R_factor_R_free_error_details         ? 
_refine.ls_percent_reflns_R_free                 5.000 
_refine.ls_number_reflns_R_free                  814 
_refine.ls_number_parameters                     ? 
_refine.ls_number_restraints                     ? 
_refine.occupancy_min                            ? 
_refine.occupancy_max                            ? 
_refine.correlation_coeff_Fo_to_Fc               0.954 
_refine.correlation_coeff_Fo_to_Fc_free          0.934 
_refine.B_iso_mean                               22.93 
_refine.aniso_B[1][1]                            1.30000 
_refine.aniso_B[2][2]                            -0.49000 
_refine.aniso_B[3][3]                            -0.81000 
_refine.aniso_B[1][2]                            0.00000 
_refine.aniso_B[1][3]                            0.00000 
_refine.aniso_B[2][3]                            0.00000 
_refine.solvent_model_details                    MASK 
_refine.solvent_model_param_ksol                 ? 
_refine.solvent_model_param_bsol                 ? 
_refine.pdbx_solvent_vdw_probe_radii             1.20 
_refine.pdbx_solvent_ion_probe_radii             0.80 
_refine.pdbx_solvent_shrinkage_radii             0.80 
_refine.pdbx_ls_cross_valid_method               THROUGHOUT 
_refine.details                                  
;HYDROGENS HAVE BEEN ADDED IN THE RIDING POSITIONS. PYGO1 PHD RESIDUE S362 PRESENTS AN UNUSUAL CONFORMATION SINCE IT IS NEXT TO C363, WHICH IS PART OF THE ZN 2 BINDING SITE
;
_refine.pdbx_starting_model                      'PDB ENTRY 2VP7' 
_refine.pdbx_method_to_determine_struct          'MOLECULAR REPLACEMENT' 
_refine.pdbx_isotropic_thermal_model             ? 
_refine.pdbx_stereochemistry_target_values       'MAXIMUM LIKELIHOOD' 
_refine.pdbx_stereochem_target_val_spec_case     ? 
_refine.pdbx_R_Free_selection_details            RANDOM 
_refine.pdbx_overall_ESU_R                       0.080 
_refine.pdbx_overall_ESU_R_Free                  0.083 
_refine.overall_SU_ML                            0.048 
_refine.pdbx_overall_phase_error                 ? 
_refine.overall_SU_B                             1.301 
_refine.overall_SU_R_Cruickshank_DPI             ? 
_refine.pdbx_overall_SU_R_free_Cruickshank_DPI   ? 
_refine.pdbx_overall_SU_R_Blow_DPI               ? 
_refine.pdbx_overall_SU_R_free_Blow_DPI          ? 
# 
_refine_hist.pdbx_refine_id                   'X-RAY DIFFRACTION' 
_refine_hist.cycle_id                         LAST 
_refine_hist.pdbx_number_atoms_protein        690 
_refine_hist.pdbx_number_atoms_nucleic_acid   0 
_refine_hist.pdbx_number_atoms_ligand         4 
_refine_hist.number_atoms_solvent             102 
_refine_hist.number_atoms_total               796 
_refine_hist.d_res_high                       1.59 
_refine_hist.d_res_low                        60.08 
# 
loop_
_refine_ls_restr.type 
_refine_ls_restr.dev_ideal 
_refine_ls_restr.dev_ideal_target 
_refine_ls_restr.weight 
_refine_ls_restr.number 
_refine_ls_restr.pdbx_refine_id 
_refine_ls_restr.pdbx_restraint_function 
r_bond_refined_d             0.010  0.022  ? 725 'X-RAY DIFFRACTION' ? 
r_bond_other_d               ?      ?      ? ?   'X-RAY DIFFRACTION' ? 
r_angle_refined_deg          1.147  1.928  ? 977 'X-RAY DIFFRACTION' ? 
r_angle_other_deg            ?      ?      ? ?   'X-RAY DIFFRACTION' ? 
r_dihedral_angle_1_deg       5.503  5.000  ? 94  'X-RAY DIFFRACTION' ? 
r_dihedral_angle_2_deg       36.242 25.714 ? 28  'X-RAY DIFFRACTION' ? 
r_dihedral_angle_3_deg       12.993 15.000 ? 119 'X-RAY DIFFRACTION' ? 
r_dihedral_angle_4_deg       14.161 15.000 ? 1   'X-RAY DIFFRACTION' ? 
r_chiral_restr               0.090  0.200  ? 114 'X-RAY DIFFRACTION' ? 
r_gen_planes_refined         0.004  0.020  ? 534 'X-RAY DIFFRACTION' ? 
r_gen_planes_other           ?      ?      ? ?   'X-RAY DIFFRACTION' ? 
r_nbd_refined                0.208  0.200  ? 317 'X-RAY DIFFRACTION' ? 
r_nbd_other                  ?      ?      ? ?   'X-RAY DIFFRACTION' ? 
r_nbtor_refined              0.298  0.200  ? 514 'X-RAY DIFFRACTION' ? 
r_nbtor_other                ?      ?      ? ?   'X-RAY DIFFRACTION' ? 
r_xyhbond_nbd_refined        0.123  0.200  ? 72  'X-RAY DIFFRACTION' ? 
r_xyhbond_nbd_other          ?      ?      ? ?   'X-RAY DIFFRACTION' ? 
r_metal_ion_refined          ?      ?      ? ?   'X-RAY DIFFRACTION' ? 
r_metal_ion_other            ?      ?      ? ?   'X-RAY DIFFRACTION' ? 
r_symmetry_vdw_refined       0.221  0.200  ? 27  'X-RAY DIFFRACTION' ? 
r_symmetry_vdw_other         ?      ?      ? ?   'X-RAY DIFFRACTION' ? 
r_symmetry_hbond_refined     0.130  0.200  ? 8   'X-RAY DIFFRACTION' ? 
r_symmetry_hbond_other       ?      ?      ? ?   'X-RAY DIFFRACTION' ? 
r_symmetry_metal_ion_refined ?      ?      ? ?   'X-RAY DIFFRACTION' ? 
r_symmetry_metal_ion_other   ?      ?      ? ?   'X-RAY DIFFRACTION' ? 
r_mcbond_it                  0.780  1.500  ? 467 'X-RAY DIFFRACTION' ? 
r_mcbond_other               ?      ?      ? ?   'X-RAY DIFFRACTION' ? 
r_mcangle_it                 1.477  2.000  ? 749 'X-RAY DIFFRACTION' ? 
r_mcangle_other              ?      ?      ? ?   'X-RAY DIFFRACTION' ? 
r_scbond_it                  2.235  3.000  ? 271 'X-RAY DIFFRACTION' ? 
r_scbond_other               ?      ?      ? ?   'X-RAY DIFFRACTION' ? 
r_scangle_it                 3.613  4.500  ? 228 'X-RAY DIFFRACTION' ? 
r_scangle_other              ?      ?      ? ?   'X-RAY DIFFRACTION' ? 
r_long_range_B_refined       ?      ?      ? ?   'X-RAY DIFFRACTION' ? 
r_long_range_B_other         ?      ?      ? ?   'X-RAY DIFFRACTION' ? 
r_rigid_bond_restr           ?      ?      ? ?   'X-RAY DIFFRACTION' ? 
r_sphericity_free            ?      ?      ? ?   'X-RAY DIFFRACTION' ? 
r_sphericity_bonded          ?      ?      ? ?   'X-RAY DIFFRACTION' ? 
# 
_refine_ls_shell.pdbx_refine_id                   'X-RAY DIFFRACTION' 
_refine_ls_shell.pdbx_total_number_of_bins_used   20 
_refine_ls_shell.d_res_high                       1.59 
_refine_ls_shell.d_res_low                        1.63 
_refine_ls_shell.number_reflns_R_work             1105 
_refine_ls_shell.R_factor_R_work                  0.1860 
_refine_ls_shell.percent_reflns_obs               ? 
_refine_ls_shell.R_factor_R_free                  0.1960 
_refine_ls_shell.R_factor_R_free_error            ? 
_refine_ls_shell.percent_reflns_R_free            ? 
_refine_ls_shell.number_reflns_R_free             56 
_refine_ls_shell.number_reflns_all                ? 
_refine_ls_shell.R_factor_all                     ? 
# 
_struct.entry_id                  2VPB 
_struct.title                     'Decoding of methylated histone H3 tail by the Pygo-BCL9 Wnt signaling complex' 
_struct.pdbx_model_details        ? 
_struct.pdbx_CASP_flag            ? 
_struct.pdbx_model_type_details   ? 
# 
_struct_keywords.entry_id        2VPB 
_struct_keywords.pdbx_keywords   'GENE REGULATION' 
_struct_keywords.text            
;GENE REGULATION, WNT SIGNALING PATHWAY, WNT SIGNALING COMPLEX, CHROMOSOMAL REARRANGEMENT, SIGNALING PROTEIN, BCL9 HD1 DOMAIN, HPYGO1 PHD DOMAIN, PROTO-ONCOGENE, PHOSPHOPROTEIN, HISTONE H3K4ME2, ZINC, NUCLEUS, ZINC-FINGER, METAL-BINDING
;
# 
loop_
_struct_asym.id 
_struct_asym.pdbx_blank_PDB_chainid_flag 
_struct_asym.pdbx_modified 
_struct_asym.entity_id 
_struct_asym.details 
A N N 1 ? 
B N N 2 ? 
C N N 3 ? 
D N N 3 ? 
E N N 4 ? 
F N N 4 ? 
G N N 5 ? 
H N N 5 ? 
# 
loop_
_struct_conf.conf_type_id 
_struct_conf.id 
_struct_conf.pdbx_PDB_helix_id 
_struct_conf.beg_label_comp_id 
_struct_conf.beg_label_asym_id 
_struct_conf.beg_label_seq_id 
_struct_conf.pdbx_beg_PDB_ins_code 
_struct_conf.end_label_comp_id 
_struct_conf.end_label_asym_id 
_struct_conf.end_label_seq_id 
_struct_conf.pdbx_end_PDB_ins_code 
_struct_conf.beg_auth_comp_id 
_struct_conf.beg_auth_asym_id 
_struct_conf.beg_auth_seq_id 
_struct_conf.end_auth_comp_id 
_struct_conf.end_auth_asym_id 
_struct_conf.end_auth_seq_id 
_struct_conf.pdbx_PDB_helix_class 
_struct_conf.details 
_struct_conf.pdbx_PDB_helix_length 
HELX_P HELX_P1 1 ARG A 37 ? GLY A 41 ? ARG A 369 GLY A 373 1 ? 5  
HELX_P HELX_P2 2 THR A 43 ? GLU A 53 ? THR A 375 GLU A 385 1 ? 11 
HELX_P HELX_P3 3 CYS A 60 ? ALA A 65 ? CYS A 392 ALA A 397 1 ? 6  
HELX_P HELX_P4 4 SER B 11 ? LYS B 24 ? SER B 181 LYS B 194 1 ? 14 
# 
_struct_conf_type.id          HELX_P 
_struct_conf_type.criteria    ? 
_struct_conf_type.reference   ? 
# 
loop_
_struct_conn.id 
_struct_conn.conn_type_id 
_struct_conn.pdbx_leaving_atom_flag 
_struct_conn.pdbx_PDB_id 
_struct_conn.ptnr1_label_asym_id 
_struct_conn.ptnr1_label_comp_id 
_struct_conn.ptnr1_label_seq_id 
_struct_conn.ptnr1_label_atom_id 
_struct_conn.pdbx_ptnr1_label_alt_id 
_struct_conn.pdbx_ptnr1_PDB_ins_code 
_struct_conn.pdbx_ptnr1_standard_comp_id 
_struct_conn.ptnr1_symmetry 
_struct_conn.ptnr2_label_asym_id 
_struct_conn.ptnr2_label_comp_id 
_struct_conn.ptnr2_label_seq_id 
_struct_conn.ptnr2_label_atom_id 
_struct_conn.pdbx_ptnr2_label_alt_id 
_struct_conn.pdbx_ptnr2_PDB_ins_code 
_struct_conn.ptnr1_auth_asym_id 
_struct_conn.ptnr1_auth_comp_id 
_struct_conn.ptnr1_auth_seq_id 
_struct_conn.ptnr2_auth_asym_id 
_struct_conn.ptnr2_auth_comp_id 
_struct_conn.ptnr2_auth_seq_id 
_struct_conn.ptnr2_symmetry 
_struct_conn.pdbx_ptnr3_label_atom_id 
_struct_conn.pdbx_ptnr3_label_seq_id 
_struct_conn.pdbx_ptnr3_label_comp_id 
_struct_conn.pdbx_ptnr3_label_asym_id 
_struct_conn.pdbx_ptnr3_label_alt_id 
_struct_conn.pdbx_ptnr3_PDB_ins_code 
_struct_conn.details 
_struct_conn.pdbx_dist_value 
_struct_conn.pdbx_value_order 
_struct_conn.pdbx_role 
metalc1  metalc ? ? A CYS 11 SG  ? ? ? 1_555 E ZN  . ZN ? ? A CYS 343  A ZN  1400 1_555 ? ? ? ? ? ? ? 2.284 ? ? 
metalc2  metalc ? ? A CYS 14 SG  ? ? ? 1_555 E ZN  . ZN ? ? A CYS 346  A ZN  1400 1_555 ? ? ? ? ? ? ? 2.328 ? ? 
metalc3  metalc ? ? A CYS 27 SG  ? ? ? 1_555 F ZN  . ZN ? ? A CYS 359  A ZN  1401 1_555 ? ? ? ? ? ? ? 2.314 ? ? 
metalc4  metalc ? ? A CYS 31 SG  ? ? ? 1_555 F ZN  . ZN ? ? A CYS 363  A ZN  1401 1_555 ? ? ? ? ? ? ? 2.354 ? ? 
metalc5  metalc ? ? A HIS 36 ND1 ? ? ? 1_555 E ZN  . ZN ? ? A HIS 368  A ZN  1400 1_555 ? ? ? ? ? ? ? 2.095 ? ? 
metalc6  metalc ? ? A CYS 39 SG  ? ? ? 1_555 E ZN  . ZN ? ? A CYS 371  A ZN  1400 1_555 ? ? ? ? ? ? ? 2.318 ? ? 
metalc7  metalc ? ? A LEU 50 O   ? ? ? 1_555 C NA  . NA ? ? A LEU 382  A NA  1398 1_555 ? ? ? ? ? ? ? 2.377 ? ? 
metalc8  metalc ? ? A GLU 53 O   ? ? ? 1_555 C NA  . NA ? ? A GLU 385  A NA  1398 1_555 ? ? ? ? ? ? ? 2.336 ? ? 
metalc9  metalc ? ? A ALA 56 O   ? ? ? 1_555 C NA  . NA ? ? A ALA 388  A NA  1398 1_555 ? ? ? ? ? ? ? 2.251 ? ? 
metalc10 metalc ? ? A CYS 60 SG  ? ? ? 1_555 F ZN  . ZN ? ? A CYS 392  A ZN  1401 1_555 ? ? ? ? ? ? ? 2.380 ? ? 
metalc11 metalc ? ? A CYS 63 SG  ? ? ? 1_555 F ZN  . ZN ? ? A CYS 395  A ZN  1401 1_555 ? ? ? ? ? ? ? 2.352 ? ? 
metalc12 metalc ? ? C NA  .  NA  ? ? ? 1_555 G HOH . O  ? ? A NA  1398 A HOH 2055 1_555 ? ? ? ? ? ? ? 2.369 ? ? 
metalc13 metalc ? ? C NA  .  NA  ? ? ? 1_555 G HOH . O  ? ? A NA  1398 A HOH 2061 1_555 ? ? ? ? ? ? ? 2.396 ? ? 
metalc14 metalc ? ? C NA  .  NA  ? ? ? 1_555 G HOH . O  ? ? A NA  1398 A HOH 2062 1_555 ? ? ? ? ? ? ? 2.467 ? ? 
# 
_struct_conn_type.id          metalc 
_struct_conn_type.criteria    ? 
_struct_conn_type.reference   ? 
# 
loop_
_struct_sheet.id 
_struct_sheet.type 
_struct_sheet.number_strands 
_struct_sheet.details 
AA ? 2 ? 
AB ? 2 ? 
# 
loop_
_struct_sheet_order.sheet_id 
_struct_sheet_order.range_id_1 
_struct_sheet_order.range_id_2 
_struct_sheet_order.offset 
_struct_sheet_order.sense 
AA 1 2 ? anti-parallel 
AB 1 2 ? parallel      
# 
loop_
_struct_sheet_range.sheet_id 
_struct_sheet_range.id 
_struct_sheet_range.beg_label_comp_id 
_struct_sheet_range.beg_label_asym_id 
_struct_sheet_range.beg_label_seq_id 
_struct_sheet_range.pdbx_beg_PDB_ins_code 
_struct_sheet_range.end_label_comp_id 
_struct_sheet_range.end_label_asym_id 
_struct_sheet_range.end_label_seq_id 
_struct_sheet_range.pdbx_end_PDB_ins_code 
_struct_sheet_range.beg_auth_comp_id 
_struct_sheet_range.beg_auth_asym_id 
_struct_sheet_range.beg_auth_seq_id 
_struct_sheet_range.end_auth_comp_id 
_struct_sheet_range.end_auth_asym_id 
_struct_sheet_range.end_auth_seq_id 
AA 1 ALA A 24 ? LEU A 26 ? ALA A 356 LEU A 358 
AA 2 TRP A 34 ? HIS A 36 ? TRP A 366 HIS A 368 
AB 1 ALA A 56 ? TRP A 58 ? ALA A 388 TRP A 390 
AB 2 TYR B 8  ? PHE B 10 ? TYR B 178 PHE B 180 
# 
loop_
_pdbx_struct_sheet_hbond.sheet_id 
_pdbx_struct_sheet_hbond.range_id_1 
_pdbx_struct_sheet_hbond.range_id_2 
_pdbx_struct_sheet_hbond.range_1_label_atom_id 
_pdbx_struct_sheet_hbond.range_1_label_comp_id 
_pdbx_struct_sheet_hbond.range_1_label_asym_id 
_pdbx_struct_sheet_hbond.range_1_label_seq_id 
_pdbx_struct_sheet_hbond.range_1_PDB_ins_code 
_pdbx_struct_sheet_hbond.range_1_auth_atom_id 
_pdbx_struct_sheet_hbond.range_1_auth_comp_id 
_pdbx_struct_sheet_hbond.range_1_auth_asym_id 
_pdbx_struct_sheet_hbond.range_1_auth_seq_id 
_pdbx_struct_sheet_hbond.range_2_label_atom_id 
_pdbx_struct_sheet_hbond.range_2_label_comp_id 
_pdbx_struct_sheet_hbond.range_2_label_asym_id 
_pdbx_struct_sheet_hbond.range_2_label_seq_id 
_pdbx_struct_sheet_hbond.range_2_PDB_ins_code 
_pdbx_struct_sheet_hbond.range_2_auth_atom_id 
_pdbx_struct_sheet_hbond.range_2_auth_comp_id 
_pdbx_struct_sheet_hbond.range_2_auth_asym_id 
_pdbx_struct_sheet_hbond.range_2_auth_seq_id 
AA 1 2 N ILE A 25 ? N ILE A 357 O PHE A 35 ? O PHE A 367 
AB 1 2 N VAL A 57 ? N VAL A 389 O TYR B 8  ? O TYR B 178 
# 
loop_
_struct_site.id 
_struct_site.pdbx_evidence_code 
_struct_site.pdbx_auth_asym_id 
_struct_site.pdbx_auth_comp_id 
_struct_site.pdbx_auth_seq_id 
_struct_site.pdbx_auth_ins_code 
_struct_site.pdbx_num_residues 
_struct_site.details 
AC1 Software ? ? ? ? 6 'BINDING SITE FOR RESIDUE NA A1398' 
AC2 Software ? ? ? ? 4 'BINDING SITE FOR RESIDUE NA A1399' 
AC3 Software ? ? ? ? 4 'BINDING SITE FOR RESIDUE ZN A1400' 
AC4 Software ? ? ? ? 4 'BINDING SITE FOR RESIDUE ZN A1401' 
# 
loop_
_struct_site_gen.id 
_struct_site_gen.site_id 
_struct_site_gen.pdbx_num_res 
_struct_site_gen.label_comp_id 
_struct_site_gen.label_asym_id 
_struct_site_gen.label_seq_id 
_struct_site_gen.pdbx_auth_ins_code 
_struct_site_gen.auth_comp_id 
_struct_site_gen.auth_asym_id 
_struct_site_gen.auth_seq_id 
_struct_site_gen.label_atom_id 
_struct_site_gen.label_alt_id 
_struct_site_gen.symmetry 
_struct_site_gen.details 
1  AC1 6 LEU A 50 ? LEU A 382  . ? 1_555 ? 
2  AC1 6 GLU A 53 ? GLU A 385  . ? 1_555 ? 
3  AC1 6 ALA A 56 ? ALA A 388  . ? 1_555 ? 
4  AC1 6 HOH G .  ? HOH A 2055 . ? 1_555 ? 
5  AC1 6 HOH G .  ? HOH A 2061 . ? 1_555 ? 
6  AC1 6 HOH G .  ? HOH A 2062 . ? 1_555 ? 
7  AC2 4 LEU A 26 ? LEU A 358  . ? 1_555 ? 
8  AC2 4 GLU A 28 ? GLU A 360  . ? 1_555 ? 
9  AC2 4 TRP A 58 ? TRP A 390  . ? 1_555 ? 
10 AC2 4 HOH G .  ? HOH A 2003 . ? 1_555 ? 
11 AC3 4 CYS A 11 ? CYS A 343  . ? 1_555 ? 
12 AC3 4 CYS A 14 ? CYS A 346  . ? 1_555 ? 
13 AC3 4 HIS A 36 ? HIS A 368  . ? 1_555 ? 
14 AC3 4 CYS A 39 ? CYS A 371  . ? 1_555 ? 
15 AC4 4 CYS A 27 ? CYS A 359  . ? 1_555 ? 
16 AC4 4 CYS A 31 ? CYS A 363  . ? 1_555 ? 
17 AC4 4 CYS A 60 ? CYS A 392  . ? 1_555 ? 
18 AC4 4 CYS A 63 ? CYS A 395  . ? 1_555 ? 
# 
_atom_sites.entry_id                    2VPB 
_atom_sites.fract_transf_matrix[1][1]   -0.01560547 
_atom_sites.fract_transf_matrix[1][2]   0.02692837 
_atom_sites.fract_transf_matrix[1][3]   0.00135696 
_atom_sites.fract_transf_matrix[2][1]   -0.01041925 
_atom_sites.fract_transf_matrix[2][2]   -0.00620711 
_atom_sites.fract_transf_matrix[2][3]   0.00335305 
_atom_sites.fract_transf_matrix[3][1]   0.00274237 
_atom_sites.fract_transf_matrix[3][2]   0.00106088 
_atom_sites.fract_transf_matrix[3][3]   0.01048552 
_atom_sites.fract_transf_vector[1]      -0.355641 
_atom_sites.fract_transf_vector[2]      -0.133887 
_atom_sites.fract_transf_vector[3]      -0.176773 
# 
loop_
_atom_type.symbol 
C  
N  
NA 
O  
S  
ZN 
# 
loop_
_atom_site.group_PDB 
_atom_site.id 
_atom_site.type_symbol 
_atom_site.label_atom_id 
_atom_site.label_alt_id 
_atom_site.label_comp_id 
_atom_site.label_asym_id 
_atom_site.label_entity_id 
_atom_site.label_seq_id 
_atom_site.pdbx_PDB_ins_code 
_atom_site.Cartn_x 
_atom_site.Cartn_y 
_atom_site.Cartn_z 
_atom_site.occupancy 
_atom_site.B_iso_or_equiv 
_atom_site.pdbx_formal_charge 
_atom_site.auth_seq_id 
_atom_site.auth_comp_id 
_atom_site.auth_asym_id 
_atom_site.auth_atom_id 
_atom_site.pdbx_PDB_model_num 
ATOM   1   N  N   . TYR A 1 9  ? -14.322 -0.675  -11.966 1.00 33.17 ? 341  TYR A N   1 
ATOM   2   C  CA  . TYR A 1 9  ? -14.215 0.110   -10.706 1.00 32.80 ? 341  TYR A CA  1 
ATOM   3   C  C   . TYR A 1 9  ? -13.616 1.494   -10.974 1.00 31.33 ? 341  TYR A C   1 
ATOM   4   O  O   . TYR A 1 9  ? -12.500 1.587   -11.483 1.00 31.40 ? 341  TYR A O   1 
ATOM   5   C  CB  . TYR A 1 9  ? -13.367 -0.646  -9.671  1.00 33.97 ? 341  TYR A CB  1 
ATOM   6   C  CG  . TYR A 1 9  ? -14.094 -1.787  -8.979  1.00 35.87 ? 341  TYR A CG  1 
ATOM   7   C  CD1 . TYR A 1 9  ? -15.162 -1.534  -8.118  1.00 38.08 ? 341  TYR A CD1 1 
ATOM   8   C  CD2 . TYR A 1 9  ? -13.703 -3.113  -9.171  1.00 37.90 ? 341  TYR A CD2 1 
ATOM   9   C  CE1 . TYR A 1 9  ? -15.837 -2.574  -7.473  1.00 39.01 ? 341  TYR A CE1 1 
ATOM   10  C  CE2 . TYR A 1 9  ? -14.370 -4.167  -8.527  1.00 38.79 ? 341  TYR A CE2 1 
ATOM   11  C  CZ  . TYR A 1 9  ? -15.435 -3.884  -7.678  1.00 39.70 ? 341  TYR A CZ  1 
ATOM   12  O  OH  . TYR A 1 9  ? -16.104 -4.906  -7.033  1.00 39.71 ? 341  TYR A OH  1 
ATOM   13  N  N   . PRO A 1 10 ? -14.366 2.564   -10.652 1.00 29.99 ? 342  PRO A N   1 
ATOM   14  C  CA  . PRO A 1 10 ? -13.859 3.929   -10.803 1.00 28.79 ? 342  PRO A CA  1 
ATOM   15  C  C   . PRO A 1 10 ? -12.796 4.259   -9.758  1.00 27.36 ? 342  PRO A C   1 
ATOM   16  O  O   . PRO A 1 10 ? -12.961 3.944   -8.575  1.00 27.56 ? 342  PRO A O   1 
ATOM   17  C  CB  . PRO A 1 10 ? -15.100 4.799   -10.595 1.00 29.08 ? 342  PRO A CB  1 
ATOM   18  C  CG  . PRO A 1 10 ? -16.035 3.953   -9.780  1.00 29.42 ? 342  PRO A CG  1 
ATOM   19  C  CD  . PRO A 1 10 ? -15.754 2.534   -10.145 1.00 30.05 ? 342  PRO A CD  1 
ATOM   20  N  N   . CYS A 1 11 ? -11.704 4.874   -10.202 1.00 25.26 ? 343  CYS A N   1 
ATOM   21  C  CA  . CYS A 1 11 ? -10.627 5.266   -9.294  1.00 23.41 ? 343  CYS A CA  1 
ATOM   22  C  C   . CYS A 1 11 ? -11.132 6.238   -8.237  1.00 23.52 ? 343  CYS A C   1 
ATOM   23  O  O   . CYS A 1 11 ? -11.809 7.223   -8.553  1.00 23.39 ? 343  CYS A O   1 
ATOM   24  C  CB  . CYS A 1 11 ? -9.474  5.890   -10.086 1.00 22.97 ? 343  CYS A CB  1 
ATOM   25  S  SG  . CYS A 1 11 ? -8.110  6.613   -9.107  1.00 17.61 ? 343  CYS A SG  1 
ATOM   26  N  N   . GLY A 1 12 ? -10.794 5.963   -6.977  1.00 23.17 ? 344  GLY A N   1 
ATOM   27  C  CA  . GLY A 1 12 ? -11.246 6.795   -5.865  1.00 23.07 ? 344  GLY A CA  1 
ATOM   28  C  C   . GLY A 1 12 ? -10.754 8.230   -5.895  1.00 23.24 ? 344  GLY A C   1 
ATOM   29  O  O   . GLY A 1 12 ? -11.264 9.081   -5.154  1.00 24.30 ? 344  GLY A O   1 
ATOM   30  N  N   . ILE A 1 13 ? -9.756  8.509   -6.740  1.00 22.70 ? 345  ILE A N   1 
ATOM   31  C  CA  . ILE A 1 13 ? -9.235  9.866   -6.897  1.00 22.52 ? 345  ILE A CA  1 
ATOM   32  C  C   . ILE A 1 13 ? -9.703  10.504  -8.206  1.00 23.29 ? 345  ILE A C   1 
ATOM   33  O  O   . ILE A 1 13 ? -10.378 11.539  -8.178  1.00 24.45 ? 345  ILE A O   1 
ATOM   34  C  CB  . ILE A 1 13 ? -7.684  9.918   -6.771  1.00 22.19 ? 345  ILE A CB  1 
ATOM   35  C  CG1 . ILE A 1 13 ? -7.276  9.657   -5.314  1.00 21.07 ? 345  ILE A CG1 1 
ATOM   36  C  CG2 . ILE A 1 13 ? -7.141  11.276  -7.219  1.00 22.09 ? 345  ILE A CG2 1 
ATOM   37  C  CD1 . ILE A 1 13 ? -5.841  9.167   -5.130  1.00 20.78 ? 345  ILE A CD1 1 
ATOM   38  N  N   . CYS A 1 14 ? -9.380  9.882   -9.340  1.00 23.35 ? 346  CYS A N   1 
ATOM   39  C  CA  . CYS A 1 14 ? -9.635  10.525  -10.639 1.00 23.29 ? 346  CYS A CA  1 
ATOM   40  C  C   . CYS A 1 14 ? -11.001 10.208  -11.264 1.00 24.44 ? 346  CYS A C   1 
ATOM   41  O  O   . CYS A 1 14 ? -11.397 10.846  -12.250 1.00 24.72 ? 346  CYS A O   1 
ATOM   42  C  CB  . CYS A 1 14 ? -8.504  10.200  -11.621 1.00 22.81 ? 346  CYS A CB  1 
ATOM   43  S  SG  . CYS A 1 14 ? -8.556  8.566   -12.326 1.00 19.31 ? 346  CYS A SG  1 
ATOM   44  N  N   . THR A 1 15 ? -11.704 9.232   -10.687 1.00 24.97 ? 347  THR A N   1 
ATOM   45  C  CA  . THR A 1 15 ? -12.998 8.708   -11.189 1.00 25.98 ? 347  THR A CA  1 
ATOM   46  C  C   . THR A 1 15 ? -12.945 7.872   -12.489 1.00 25.73 ? 347  THR A C   1 
ATOM   47  O  O   . THR A 1 15 ? -13.942 7.250   -12.874 1.00 25.82 ? 347  THR A O   1 
ATOM   48  C  CB  . THR A 1 15 ? -14.129 9.798   -11.284 1.00 26.18 ? 347  THR A CB  1 
ATOM   49  O  OG1 . THR A 1 15 ? -13.948 10.598  -12.459 1.00 28.76 ? 347  THR A OG1 1 
ATOM   50  C  CG2 . THR A 1 15 ? -14.169 10.682  -10.042 1.00 27.79 ? 347  THR A CG2 1 
ATOM   51  N  N   . ASN A 1 16 ? -11.796 7.839   -13.166 1.00 25.51 ? 348  ASN A N   1 
ATOM   52  C  CA  . ASN A 1 16 ? -11.664 7.013   -14.365 1.00 25.81 ? 348  ASN A CA  1 
ATOM   53  C  C   . ASN A 1 16 ? -11.525 5.540   -14.017 1.00 26.63 ? 348  ASN A C   1 
ATOM   54  O  O   . ASN A 1 16 ? -11.069 5.197   -12.923 1.00 26.28 ? 348  ASN A O   1 
ATOM   55  C  CB  . ASN A 1 16 ? -10.480 7.480   -15.227 1.00 25.11 ? 348  ASN A CB  1 
ATOM   56  C  CG  . ASN A 1 16 ? -10.562 8.955   -15.572 1.00 24.49 ? 348  ASN A CG  1 
ATOM   57  O  OD1 . ASN A 1 16 ? -9.653  9.730   -15.277 1.00 25.66 ? 348  ASN A OD1 1 
ATOM   58  N  ND2 . ASN A 1 16 ? -11.670 9.356   -16.185 1.00 22.63 ? 348  ASN A ND2 1 
ATOM   59  N  N   . GLU A 1 17 ? -11.928 4.669   -14.936 1.00 27.81 ? 349  GLU A N   1 
ATOM   60  C  CA  . GLU A 1 17 ? -11.880 3.232   -14.689 1.00 29.50 ? 349  GLU A CA  1 
ATOM   61  C  C   . GLU A 1 17 ? -10.470 2.755   -14.373 1.00 30.02 ? 349  GLU A C   1 
ATOM   62  O  O   . GLU A 1 17 ? -9.502  3.172   -15.007 1.00 29.15 ? 349  GLU A O   1 
ATOM   63  C  CB  . GLU A 1 17 ? -12.427 2.455   -15.883 1.00 30.14 ? 349  GLU A CB  1 
ATOM   64  C  CG  . GLU A 1 17 ? -13.947 2.444   -15.966 1.00 33.74 ? 349  GLU A CG  1 
ATOM   65  C  CD  . GLU A 1 17 ? -14.448 1.697   -17.186 1.00 37.45 ? 349  GLU A CD  1 
ATOM   66  O  OE1 . GLU A 1 17 ? -13.836 0.664   -17.542 1.00 39.18 ? 349  GLU A OE1 1 
ATOM   67  O  OE2 . GLU A 1 17 ? -15.449 2.147   -17.788 1.00 39.80 ? 349  GLU A OE2 1 
ATOM   68  N  N   . VAL A 1 18 ? -10.367 1.877   -13.380 1.00 31.25 ? 350  VAL A N   1 
ATOM   69  C  CA  . VAL A 1 18 ? -9.110  1.218   -13.078 1.00 32.92 ? 350  VAL A CA  1 
ATOM   70  C  C   . VAL A 1 18 ? -9.046  -0.067  -13.899 1.00 34.57 ? 350  VAL A C   1 
ATOM   71  O  O   . VAL A 1 18 ? -9.747  -1.033  -13.603 1.00 34.83 ? 350  VAL A O   1 
ATOM   72  C  CB  . VAL A 1 18 ? -8.965  0.948   -11.560 1.00 32.71 ? 350  VAL A CB  1 
ATOM   73  C  CG1 . VAL A 1 18 ? -7.630  0.314   -11.261 1.00 32.82 ? 350  VAL A CG1 1 
ATOM   74  C  CG2 . VAL A 1 18 ? -9.116  2.242   -10.779 1.00 32.01 ? 350  VAL A CG2 1 
ATOM   75  N  N   . ASN A 1 19 ? -8.219  -0.054  -14.943 1.00 36.50 ? 351  ASN A N   1 
ATOM   76  C  CA  . ASN A 1 19 ? -8.127  -1.166  -15.899 1.00 38.51 ? 351  ASN A CA  1 
ATOM   77  C  C   . ASN A 1 19 ? -7.092  -2.203  -15.480 1.00 39.25 ? 351  ASN A C   1 
ATOM   78  O  O   . ASN A 1 19 ? -6.311  -1.973  -14.550 1.00 39.56 ? 351  ASN A O   1 
ATOM   79  C  CB  . ASN A 1 19 ? -7.806  -0.652  -17.310 1.00 38.87 ? 351  ASN A CB  1 
ATOM   80  C  CG  . ASN A 1 19 ? -8.845  0.335   -17.841 1.00 40.31 ? 351  ASN A CG  1 
ATOM   81  O  OD1 . ASN A 1 19 ? -8.495  1.407   -18.343 1.00 42.99 ? 351  ASN A OD1 1 
ATOM   82  N  ND2 . ASN A 1 19 ? -10.122 -0.027  -17.745 1.00 41.54 ? 351  ASN A ND2 1 
ATOM   83  N  N   . ASP A 1 20 ? -7.084  -3.335  -16.184 1.00 40.15 ? 352  ASP A N   1 
ATOM   84  C  CA  . ASP A 1 20 ? -6.186  -4.455  -15.873 1.00 40.75 ? 352  ASP A CA  1 
ATOM   85  C  C   . ASP A 1 20 ? -4.706  -4.157  -16.130 1.00 40.51 ? 352  ASP A C   1 
ATOM   86  O  O   . ASP A 1 20 ? -3.838  -4.677  -15.428 1.00 41.03 ? 352  ASP A O   1 
ATOM   87  C  CB  . ASP A 1 20 ? -6.596  -5.708  -16.655 1.00 41.30 ? 352  ASP A CB  1 
ATOM   88  C  CG  . ASP A 1 20 ? -8.047  -6.086  -16.438 1.00 42.65 ? 352  ASP A CG  1 
ATOM   89  O  OD1 . ASP A 1 20 ? -8.540  -5.950  -15.296 1.00 44.39 ? 352  ASP A OD1 1 
ATOM   90  O  OD2 . ASP A 1 20 ? -8.694  -6.530  -17.413 1.00 45.05 ? 352  ASP A OD2 1 
ATOM   91  N  N   . ASP A 1 21 ? -4.425  -3.330  -17.135 1.00 39.90 ? 353  ASP A N   1 
ATOM   92  C  CA  . ASP A 1 21 ? -3.042  -3.015  -17.526 1.00 39.06 ? 353  ASP A CA  1 
ATOM   93  C  C   . ASP A 1 21 ? -2.449  -1.800  -16.799 1.00 37.69 ? 353  ASP A C   1 
ATOM   94  O  O   . ASP A 1 21 ? -1.344  -1.343  -17.124 1.00 37.83 ? 353  ASP A O   1 
ATOM   95  C  CB  . ASP A 1 21 ? -2.940  -2.841  -19.048 1.00 39.81 ? 353  ASP A CB  1 
ATOM   96  C  CG  . ASP A 1 21 ? -4.041  -1.954  -19.616 1.00 41.56 ? 353  ASP A CG  1 
ATOM   97  O  OD1 . ASP A 1 21 ? -4.720  -1.243  -18.832 1.00 42.70 ? 353  ASP A OD1 1 
ATOM   98  O  OD2 . ASP A 1 21 ? -4.228  -1.974  -20.857 1.00 44.45 ? 353  ASP A OD2 1 
ATOM   99  N  N   . GLN A 1 22 ? -3.190  -1.282  -15.823 1.00 35.74 ? 354  GLN A N   1 
ATOM   100 C  CA  . GLN A 1 22 ? -2.705  -0.204  -14.961 1.00 33.38 ? 354  GLN A CA  1 
ATOM   101 C  C   . GLN A 1 22 ? -2.394  -0.776  -13.588 1.00 31.90 ? 354  GLN A C   1 
ATOM   102 O  O   . GLN A 1 22 ? -3.036  -1.740  -13.153 1.00 32.28 ? 354  GLN A O   1 
ATOM   103 C  CB  . GLN A 1 22 ? -3.753  0.912   -14.849 1.00 33.13 ? 354  GLN A CB  1 
ATOM   104 C  CG  . GLN A 1 22 ? -4.114  1.560   -16.193 1.00 31.79 ? 354  GLN A CG  1 
ATOM   105 C  CD  . GLN A 1 22 ? -5.346  2.445   -16.129 1.00 29.55 ? 354  GLN A CD  1 
ATOM   106 O  OE1 . GLN A 1 22 ? -6.399  2.045   -15.619 1.00 29.70 ? 354  GLN A OE1 1 
ATOM   107 N  NE2 . GLN A 1 22 ? -5.225  3.657   -16.666 1.00 29.53 ? 354  GLN A NE2 1 
ATOM   108 N  N   . ASP A 1 23 ? -1.394  -0.201  -12.919 1.00 29.42 ? 355  ASP A N   1 
ATOM   109 C  CA  . ASP A 1 23 ? -1.111  -0.563  -11.537 1.00 27.12 ? 355  ASP A CA  1 
ATOM   110 C  C   . ASP A 1 23 ? -2.334  -0.144  -10.726 1.00 26.04 ? 355  ASP A C   1 
ATOM   111 O  O   . ASP A 1 23 ? -2.667  1.049   -10.671 1.00 26.18 ? 355  ASP A O   1 
ATOM   112 C  CB  . ASP A 1 23 ? 0.139   0.150   -11.018 1.00 26.63 ? 355  ASP A CB  1 
ATOM   113 C  CG  . ASP A 1 23 ? 1.428   -0.334  -11.680 1.00 27.37 ? 355  ASP A CG  1 
ATOM   114 O  OD1 . ASP A 1 23 ? 1.438   -1.440  -12.275 1.00 26.50 ? 355  ASP A OD1 1 
ATOM   115 O  OD2 . ASP A 1 23 ? 2.438   0.397   -11.581 1.00 25.92 ? 355  ASP A OD2 1 
ATOM   116 N  N   . ALA A 1 24 ? -3.016  -1.132  -10.152 1.00 23.97 ? 356  ALA A N   1 
ATOM   117 C  CA  . ALA A 1 24 ? -4.209  -0.911  -9.343  1.00 22.45 ? 356  ALA A CA  1 
ATOM   118 C  C   . ALA A 1 24 ? -3.900  -1.158  -7.872  1.00 21.15 ? 356  ALA A C   1 
ATOM   119 O  O   . ALA A 1 24 ? -3.182  -2.098  -7.533  1.00 20.27 ? 356  ALA A O   1 
ATOM   120 C  CB  . ALA A 1 24 ? -5.337  -1.846  -9.789  1.00 22.69 ? 356  ALA A CB  1 
ATOM   121 N  N   . ILE A 1 25 ? -4.483  -0.337  -7.002  1.00 20.05 ? 357  ILE A N   1 
ATOM   122 C  CA  . ILE A 1 25 ? -4.367  -0.569  -5.564  1.00 19.47 ? 357  ILE A CA  1 
ATOM   123 C  C   . ILE A 1 25 ? -5.715  -0.430  -4.847  1.00 18.64 ? 357  ILE A C   1 
ATOM   124 O  O   . ILE A 1 25 ? -6.506  0.457   -5.158  1.00 17.78 ? 357  ILE A O   1 
ATOM   125 C  CB  . ILE A 1 25 ? -3.255  0.323   -4.949  1.00 20.05 ? 357  ILE A CB  1 
ATOM   126 C  CG1 . ILE A 1 25 ? -2.880  -0.167  -3.553  1.00 20.47 ? 357  ILE A CG1 1 
ATOM   127 C  CG2 . ILE A 1 25 ? -3.629  1.806   -4.983  1.00 19.63 ? 357  ILE A CG2 1 
ATOM   128 C  CD1 . ILE A 1 25 ? -1.480  0.200   -3.155  1.00 23.27 ? 357  ILE A CD1 1 
ATOM   129 N  N   . LEU A 1 26 ? -5.977  -1.352  -3.918  1.00 17.75 ? 358  LEU A N   1 
ATOM   130 C  CA  . LEU A 1 26 ? -7.227  -1.402  -3.193  1.00 17.81 ? 358  LEU A CA  1 
ATOM   131 C  C   . LEU A 1 26 ? -7.016  -0.822  -1.807  1.00 17.55 ? 358  LEU A C   1 
ATOM   132 O  O   . LEU A 1 26 ? -6.059  -1.188  -1.115  1.00 17.22 ? 358  LEU A O   1 
ATOM   133 C  CB  . LEU A 1 26 ? -7.670  -2.868  -3.058  1.00 18.31 ? 358  LEU A CB  1 
ATOM   134 C  CG  . LEU A 1 26 ? -8.929  -3.162  -2.240  1.00 19.81 ? 358  LEU A CG  1 
ATOM   135 C  CD1 . LEU A 1 26 ? -10.180 -2.617  -2.906  1.00 20.57 ? 358  LEU A CD1 1 
ATOM   136 C  CD2 . LEU A 1 26 ? -9.058  -4.665  -1.993  1.00 22.02 ? 358  LEU A CD2 1 
ATOM   137 N  N   . CYS A 1 27 ? -7.909  0.059   -1.380  1.00 17.33 ? 359  CYS A N   1 
ATOM   138 C  CA  . CYS A 1 27 ? -7.847  0.527   -0.006  1.00 18.16 ? 359  CYS A CA  1 
ATOM   139 C  C   . CYS A 1 27 ? -8.347  -0.555  0.937   1.00 19.12 ? 359  CYS A C   1 
ATOM   140 O  O   . CYS A 1 27 ? -9.527  -0.943  0.897   1.00 19.80 ? 359  CYS A O   1 
ATOM   141 C  CB  . CYS A 1 27 ? -8.644  1.802   0.204   1.00 18.28 ? 359  CYS A CB  1 
ATOM   142 S  SG  . CYS A 1 27 ? -8.650  2.288   1.961   1.00 17.21 ? 359  CYS A SG  1 
ATOM   143 N  N   . GLU A 1 28 ? -7.446  -1.034  1.783   1.00 19.10 ? 360  GLU A N   1 
ATOM   144 C  CA  . GLU A 1 28 ? -7.799  -2.089  2.726   1.00 19.75 ? 360  GLU A CA  1 
ATOM   145 C  C   . GLU A 1 28 ? -7.831  -1.580  4.163   1.00 20.68 ? 360  GLU A C   1 
ATOM   146 O  O   . GLU A 1 28 ? -7.788  -2.366  5.114   1.00 21.66 ? 360  GLU A O   1 
ATOM   147 C  CB  . GLU A 1 28 ? -6.870  -3.287  2.545   1.00 19.64 ? 360  GLU A CB  1 
ATOM   148 C  CG  . GLU A 1 28 ? -7.058  -3.962  1.193   1.00 20.68 ? 360  GLU A CG  1 
ATOM   149 C  CD  . GLU A 1 28 ? -6.229  -5.215  1.037   1.00 23.12 ? 360  GLU A CD  1 
ATOM   150 O  OE1 . GLU A 1 28 ? -6.590  -6.240  1.664   1.00 25.95 ? 360  GLU A OE1 1 
ATOM   151 O  OE2 . GLU A 1 28 ? -5.228  -5.183  0.275   1.00 21.21 ? 360  GLU A OE2 1 
ATOM   152 N  N   . ALA A 1 29 ? -7.907  -0.262  4.314   1.00 20.54 ? 361  ALA A N   1 
ATOM   153 C  CA  . ALA A 1 29 ? -8.118  0.337   5.625   1.00 21.39 ? 361  ALA A CA  1 
ATOM   154 C  C   . ALA A 1 29 ? -9.606  0.273   5.962   1.00 22.12 ? 361  ALA A C   1 
ATOM   155 O  O   . ALA A 1 29 ? -9.969  -0.088  7.087   1.00 22.96 ? 361  ALA A O   1 
ATOM   156 C  CB  . ALA A 1 29 ? -7.618  1.769   5.661   1.00 21.20 ? 361  ALA A CB  1 
ATOM   157 N  N   . SER A 1 30 ? -10.461 0.609   4.991   1.00 22.19 ? 362  SER A N   1 
ATOM   158 C  CA  . SER A 1 30 ? -11.915 0.554   5.206   1.00 22.38 ? 362  SER A CA  1 
ATOM   159 C  C   . SER A 1 30 ? -12.750 0.597   3.930   1.00 22.19 ? 362  SER A C   1 
ATOM   160 O  O   . SER A 1 30 ? -13.601 -0.268  3.725   1.00 22.37 ? 362  SER A O   1 
ATOM   161 C  CB  . SER A 1 30 ? -12.374 1.695   6.110   1.00 23.04 ? 362  SER A CB  1 
ATOM   162 O  OG  . SER A 1 30 ? -13.782 1.645   6.302   1.00 23.75 ? 362  SER A OG  1 
ATOM   163 N  N   . CYS A 1 31 ? -12.526 1.615   3.100   1.00 21.40 ? 363  CYS A N   1 
ATOM   164 C  CA  . CYS A 1 31 ? -13.470 1.940   2.016   1.00 21.56 ? 363  CYS A CA  1 
ATOM   165 C  C   . CYS A 1 31 ? -13.511 0.959   0.851   1.00 21.49 ? 363  CYS A C   1 
ATOM   166 O  O   . CYS A 1 31 ? -14.487 0.932   0.106   1.00 21.72 ? 363  CYS A O   1 
ATOM   167 C  CB  . CYS A 1 31 ? -13.290 3.373   1.493   1.00 20.88 ? 363  CYS A CB  1 
ATOM   168 S  SG  . CYS A 1 31 ? -11.831 3.636   0.402   1.00 20.41 ? 363  CYS A SG  1 
ATOM   169 N  N   . GLN A 1 32 ? -12.448 0.174   0.670   1.00 21.40 ? 364  GLN A N   1 
ATOM   170 C  CA  . GLN A 1 32 ? -12.408 -0.854  -0.381  1.00 22.21 ? 364  GLN A CA  1 
ATOM   171 C  C   . GLN A 1 32 ? -12.627 -0.302  -1.799  1.00 21.77 ? 364  GLN A C   1 
ATOM   172 O  O   . GLN A 1 32 ? -13.130 -1.016  -2.686  1.00 22.11 ? 364  GLN A O   1 
ATOM   173 C  CB  . GLN A 1 32 ? -13.398 -1.996  -0.081  1.00 22.74 ? 364  GLN A CB  1 
ATOM   174 C  CG  . GLN A 1 32 ? -13.029 -2.830  1.146   1.00 25.96 ? 364  GLN A CG  1 
ATOM   175 C  CD  . GLN A 1 32 ? -12.159 -4.026  0.807   1.00 30.74 ? 364  GLN A CD  1 
ATOM   176 O  OE1 . GLN A 1 32 ? -10.946 -4.008  1.022   1.00 34.34 ? 364  GLN A OE1 1 
ATOM   177 N  NE2 . GLN A 1 32 ? -12.778 -5.080  0.276   1.00 33.30 ? 364  GLN A NE2 1 
ATOM   178 N  N   . LYS A 1 33 ? -12.242 0.958   -2.008  1.00 20.83 ? 365  LYS A N   1 
ATOM   179 C  CA  . LYS A 1 33 ? -12.191 1.520   -3.357  1.00 20.24 ? 365  LYS A CA  1 
ATOM   180 C  C   . LYS A 1 33 ? -10.876 1.129   -4.023  1.00 19.57 ? 365  LYS A C   1 
ATOM   181 O  O   . LYS A 1 33 ? -9.857  0.950   -3.351  1.00 18.43 ? 365  LYS A O   1 
ATOM   182 C  CB  . LYS A 1 33 ? -12.283 3.041   -3.320  1.00 20.19 ? 365  LYS A CB  1 
ATOM   183 C  CG  . LYS A 1 33 ? -13.620 3.591   -2.892  1.00 20.59 ? 365  LYS A CG  1 
ATOM   184 C  CD  . LYS A 1 33 ? -13.560 5.098   -2.873  1.00 23.04 ? 365  LYS A CD  1 
ATOM   185 C  CE  . LYS A 1 33 ? -14.740 5.662   -2.130  1.00 24.80 ? 365  LYS A CE  1 
ATOM   186 N  NZ  . LYS A 1 33 ? -14.623 7.133   -1.988  1.00 25.92 ? 365  LYS A NZ  1 
ATOM   187 N  N   . TRP A 1 34 ? -10.913 0.987   -5.345  1.00 19.49 ? 366  TRP A N   1 
ATOM   188 C  CA  . TRP A 1 34 ? -9.706  0.822   -6.143  1.00 19.35 ? 366  TRP A CA  1 
ATOM   189 C  C   . TRP A 1 34 ? -9.223  2.190   -6.609  1.00 18.66 ? 366  TRP A C   1 
ATOM   190 O  O   . TRP A 1 34 ? -10.009 3.115   -6.793  1.00 18.66 ? 366  TRP A O   1 
ATOM   191 C  CB  . TRP A 1 34 ? -9.971  -0.069  -7.358  1.00 21.18 ? 366  TRP A CB  1 
ATOM   192 C  CG  . TRP A 1 34 ? -10.122 -1.523  -7.001  1.00 21.45 ? 366  TRP A CG  1 
ATOM   193 C  CD1 . TRP A 1 34 ? -11.290 -2.187  -6.755  1.00 24.34 ? 366  TRP A CD1 1 
ATOM   194 C  CD2 . TRP A 1 34 ? -9.075  -2.485  -6.864  1.00 23.07 ? 366  TRP A CD2 1 
ATOM   195 N  NE1 . TRP A 1 34 ? -11.031 -3.506  -6.467  1.00 25.39 ? 366  TRP A NE1 1 
ATOM   196 C  CE2 . TRP A 1 34 ? -9.679  -3.715  -6.526  1.00 23.89 ? 366  TRP A CE2 1 
ATOM   197 C  CE3 . TRP A 1 34 ? -7.680  -2.427  -6.983  1.00 23.61 ? 366  TRP A CE3 1 
ATOM   198 C  CZ2 . TRP A 1 34 ? -8.937  -4.877  -6.311  1.00 23.35 ? 366  TRP A CZ2 1 
ATOM   199 C  CZ3 . TRP A 1 34 ? -6.942  -3.579  -6.775  1.00 23.52 ? 366  TRP A CZ3 1 
ATOM   200 C  CH2 . TRP A 1 34 ? -7.573  -4.790  -6.435  1.00 23.93 ? 366  TRP A CH2 1 
ATOM   201 N  N   . PHE A 1 35 ? -7.910  2.300   -6.769  1.00 17.98 ? 367  PHE A N   1 
ATOM   202 C  CA  . PHE A 1 35 ? -7.275  3.530   -7.238  1.00 17.39 ? 367  PHE A CA  1 
ATOM   203 C  C   . PHE A 1 35 ? -6.195  3.139   -8.240  1.00 17.31 ? 367  PHE A C   1 
ATOM   204 O  O   . PHE A 1 35 ? -5.653  2.037   -8.184  1.00 18.49 ? 367  PHE A O   1 
ATOM   205 C  CB  . PHE A 1 35 ? -6.578  4.277   -6.083  1.00 17.30 ? 367  PHE A CB  1 
ATOM   206 C  CG  . PHE A 1 35 ? -7.480  4.665   -4.928  1.00 16.30 ? 367  PHE A CG  1 
ATOM   207 C  CD1 . PHE A 1 35 ? -7.773  6.006   -4.695  1.00 17.71 ? 367  PHE A CD1 1 
ATOM   208 C  CD2 . PHE A 1 35 ? -7.991  3.691   -4.042  1.00 14.63 ? 367  PHE A CD2 1 
ATOM   209 C  CE1 . PHE A 1 35 ? -8.577  6.392   -3.620  1.00 17.95 ? 367  PHE A CE1 1 
ATOM   210 C  CE2 . PHE A 1 35 ? -8.802  4.067   -2.968  1.00 16.05 ? 367  PHE A CE2 1 
ATOM   211 C  CZ  . PHE A 1 35 ? -9.097  5.411   -2.760  1.00 15.60 ? 367  PHE A CZ  1 
ATOM   212 N  N   . HIS A 1 36 ? -5.886  4.033   -9.170  1.00 16.58 ? 368  HIS A N   1 
ATOM   213 C  CA  . HIS A 1 36 ? -4.651  3.912   -9.934  1.00 16.47 ? 368  HIS A CA  1 
ATOM   214 C  C   . HIS A 1 36 ? -3.481  4.229   -9.021  1.00 16.10 ? 368  HIS A C   1 
ATOM   215 O  O   . HIS A 1 36 ? -3.510  5.243   -8.303  1.00 16.62 ? 368  HIS A O   1 
ATOM   216 C  CB  . HIS A 1 36 ? -4.620  4.937   -11.067 1.00 16.33 ? 368  HIS A CB  1 
ATOM   217 C  CG  . HIS A 1 36 ? -5.743  4.805   -12.040 1.00 16.84 ? 368  HIS A CG  1 
ATOM   218 N  ND1 . HIS A 1 36 ? -6.751  5.739   -12.132 1.00 19.10 ? 368  HIS A ND1 1 
ATOM   219 C  CD2 . HIS A 1 36 ? -5.999  3.871   -12.987 1.00 20.23 ? 368  HIS A CD2 1 
ATOM   220 C  CE1 . HIS A 1 36 ? -7.593  5.375   -13.086 1.00 18.92 ? 368  HIS A CE1 1 
ATOM   221 N  NE2 . HIS A 1 36 ? -7.163  4.247   -13.617 1.00 19.91 ? 368  HIS A NE2 1 
ATOM   222 N  N   . ARG A 1 37 ? -2.435  3.401   -9.080  1.00 16.46 ? 369  ARG A N   1 
ATOM   223 C  CA  . ARG A 1 37 ? -1.218  3.713   -8.328  1.00 16.12 ? 369  ARG A CA  1 
ATOM   224 C  C   . ARG A 1 37 ? -0.784  5.156   -8.564  1.00 16.46 ? 369  ARG A C   1 
ATOM   225 O  O   . ARG A 1 37 ? -0.485  5.887   -7.620  1.00 16.62 ? 369  ARG A O   1 
ATOM   226 C  CB  . ARG A 1 37 ? -0.064  2.797   -8.706  1.00 15.57 ? 369  ARG A CB  1 
ATOM   227 C  CG  . ARG A 1 37 ? 1.222   3.198   -8.001  1.00 16.92 ? 369  ARG A CG  1 
ATOM   228 C  CD  . ARG A 1 37 ? 2.436   2.549   -8.620  1.00 17.44 ? 369  ARG A CD  1 
ATOM   229 N  NE  . ARG A 1 37 ? 2.603   2.886   -10.037 1.00 17.50 ? 369  ARG A NE  1 
ATOM   230 C  CZ  . ARG A 1 37 ? 3.056   4.048   -10.498 1.00 18.37 ? 369  ARG A CZ  1 
ATOM   231 N  NH1 . ARG A 1 37 ? 3.396   5.037   -9.686  1.00 18.22 ? 369  ARG A NH1 1 
ATOM   232 N  NH2 . ARG A 1 37 ? 3.184   4.218   -11.812 1.00 20.59 ? 369  ARG A NH2 1 
ATOM   233 N  N   . ILE A 1 38 ? -0.741  5.575   -9.831  1.00 17.36 ? 370  ILE A N   1 
ATOM   234 C  CA  . ILE A 1 38 ? -0.214  6.915   -10.111 1.00 18.40 ? 370  ILE A CA  1 
ATOM   235 C  C   . ILE A 1 38 ? -1.008  8.032   -9.416  1.00 18.02 ? 370  ILE A C   1 
ATOM   236 O  O   . ILE A 1 38 ? -0.423  9.022   -8.956  1.00 19.07 ? 370  ILE A O   1 
ATOM   237 C  CB  . ILE A 1 38 ? 0.009   7.207   -11.631 1.00 19.67 ? 370  ILE A CB  1 
ATOM   238 C  CG1 . ILE A 1 38 ? -1.295  7.415   -12.384 1.00 21.92 ? 370  ILE A CG1 1 
ATOM   239 C  CG2 . ILE A 1 38 ? 0.790   6.100   -12.289 1.00 22.18 ? 370  ILE A CG2 1 
ATOM   240 C  CD1 . ILE A 1 38 ? -1.089  8.286   -13.630 1.00 24.96 ? 370  ILE A CD1 1 
ATOM   241 N  N   . CYS A 1 39 ? -2.325  7.856   -9.293  1.00 16.71 ? 371  CYS A N   1 
ATOM   242 C  CA  . CYS A 1 39 ? -3.157  8.878   -8.663  1.00 16.59 ? 371  CYS A CA  1 
ATOM   243 C  C   . CYS A 1 39 ? -2.853  9.034   -7.179  1.00 16.74 ? 371  CYS A C   1 
ATOM   244 O  O   . CYS A 1 39 ? -3.007  10.117  -6.624  1.00 17.71 ? 371  CYS A O   1 
ATOM   245 C  CB  . CYS A 1 39 ? -4.641  8.553   -8.861  1.00 15.82 ? 371  CYS A CB  1 
ATOM   246 S  SG  . CYS A 1 39 ? -5.099  8.648   -10.605 1.00 16.89 ? 371  CYS A SG  1 
ATOM   247 N  N   . THR A 1 40 ? -2.455  7.934   -6.543  1.00 16.77 ? 372  THR A N   1 
ATOM   248 C  CA  . THR A 1 40 ? -2.181  7.945   -5.110  1.00 16.49 ? 372  THR A CA  1 
ATOM   249 C  C   . THR A 1 40 ? -0.886  8.659   -4.758  1.00 16.39 ? 372  THR A C   1 
ATOM   250 O  O   . THR A 1 40 ? -0.720  9.089   -3.613  1.00 16.27 ? 372  THR A O   1 
ATOM   251 C  CB  . THR A 1 40 ? -2.104  6.510   -4.529  1.00 16.48 ? 372  THR A CB  1 
ATOM   252 O  OG1 . THR A 1 40 ? -0.903  5.878   -4.989  1.00 15.60 ? 372  THR A OG1 1 
ATOM   253 C  CG2 . THR A 1 40 ? -3.324  5.678   -4.928  1.00 17.75 ? 372  THR A CG2 1 
ATOM   254 N  N   . GLY A 1 41 ? 0.042   8.750   -5.722  1.00 16.29 ? 373  GLY A N   1 
ATOM   255 C  CA  . GLY A 1 41 ? 1.396   9.257   -5.458  1.00 15.90 ? 373  GLY A CA  1 
ATOM   256 C  C   . GLY A 1 41 ? 2.407   8.205   -4.984  1.00 15.52 ? 373  GLY A C   1 
ATOM   257 O  O   . GLY A 1 41 ? 3.560   8.530   -4.721  1.00 15.99 ? 373  GLY A O   1 
ATOM   258 N  N   . MET A 1 42 ? 1.975   6.952   -4.856  1.00 15.35 ? 374  MET A N   1 
ATOM   259 C  CA  . MET A 1 42 ? 2.904   5.866   -4.505  1.00 14.13 ? 374  MET A CA  1 
ATOM   260 C  C   . MET A 1 42 ? 3.884   5.606   -5.644  1.00 14.67 ? 374  MET A C   1 
ATOM   261 O  O   . MET A 1 42 ? 3.479   5.522   -6.807  1.00 15.23 ? 374  MET A O   1 
ATOM   262 C  CB  . MET A 1 42 ? 2.116   4.601   -4.179  1.00 14.99 ? 374  MET A CB  1 
ATOM   263 C  CG  . MET A 1 42 ? 2.966   3.519   -3.594  1.00 14.59 ? 374  MET A CG  1 
ATOM   264 S  SD  . MET A 1 42 ? 2.015   2.018   -3.278  1.00 16.70 ? 374  MET A SD  1 
ATOM   265 C  CE  . MET A 1 42 ? 0.919   2.608   -2.008  1.00 15.36 ? 374  MET A CE  1 
ATOM   266 N  N   . THR A 1 43 ? 5.166   5.439   -5.317  1.00 14.40 ? 375  THR A N   1 
ATOM   267 C  CA  . THR A 1 43 ? 6.149   5.137   -6.362  1.00 14.68 ? 375  THR A CA  1 
ATOM   268 C  C   . THR A 1 43 ? 5.947   3.713   -6.880  1.00 14.59 ? 375  THR A C   1 
ATOM   269 O  O   . THR A 1 43 ? 5.354   2.870   -6.215  1.00 14.80 ? 375  THR A O   1 
ATOM   270 C  CB  . THR A 1 43 ? 7.608   5.287   -5.881  1.00 15.26 ? 375  THR A CB  1 
ATOM   271 O  OG1 . THR A 1 43 ? 7.878   4.316   -4.871  1.00 16.20 ? 375  THR A OG1 1 
ATOM   272 C  CG2 . THR A 1 43 ? 7.861   6.676   -5.311  1.00 15.95 ? 375  THR A CG2 1 
ATOM   273 N  N   . GLU A 1 44 ? 6.451   3.437   -8.079  1.00 15.08 ? 376  GLU A N   1 
ATOM   274 C  CA  . GLU A 1 44 ? 6.359   2.078   -8.614  1.00 15.79 ? 376  GLU A CA  1 
ATOM   275 C  C   . GLU A 1 44 ? 7.117   1.105   -7.712  1.00 15.07 ? 376  GLU A C   1 
ATOM   276 O  O   . GLU A 1 44 ? 6.670   -0.018  -7.503  1.00 15.17 ? 376  GLU A O   1 
ATOM   277 C  CB  . GLU A 1 44 ? 6.962   2.018   -10.032 1.00 16.70 ? 376  GLU A CB  1 
ATOM   278 C  CG  . GLU A 1 44 ? 6.159   2.773   -11.077 1.00 21.14 ? 376  GLU A CG  1 
ATOM   279 C  CD  . GLU A 1 44 ? 6.553   2.421   -12.501 1.00 26.35 ? 376  GLU A CD  1 
ATOM   280 O  OE1 . GLU A 1 44 ? 6.492   1.229   -12.879 1.00 28.46 ? 376  GLU A OE1 1 
ATOM   281 O  OE2 . GLU A 1 44 ? 6.896   3.352   -13.251 1.00 30.01 ? 376  GLU A OE2 1 
ATOM   282 N  N   . THR A 1 45 ? 8.257   1.529   -7.168  1.00 15.39 ? 377  THR A N   1 
ATOM   283 C  CA  . THR A 1 45 ? 9.033   0.646   -6.295  1.00 15.38 ? 377  THR A CA  1 
ATOM   284 C  C   . THR A 1 45 ? 8.297   0.362   -4.996  1.00 14.76 ? 377  THR A C   1 
ATOM   285 O  O   . THR A 1 45 ? 8.245   -0.790  -4.559  1.00 14.58 ? 377  THR A O   1 
ATOM   286 C  CB  . THR A 1 45 ? 10.435  1.229   -6.030  1.00 16.09 ? 377  THR A CB  1 
ATOM   287 O  OG1 . THR A 1 45 ? 11.097  1.339   -7.294  1.00 18.30 ? 377  THR A OG1 1 
ATOM   288 C  CG2 . THR A 1 45 ? 11.251  0.328   -5.096  1.00 16.32 ? 377  THR A CG2 1 
ATOM   289 N  N   . ALA A 1 46 ? 7.700   1.390   -4.398  1.00 14.29 ? 378  ALA A N   1 
ATOM   290 C  CA  . ALA A 1 46 ? 6.913   1.175   -3.179  1.00 13.12 ? 378  ALA A CA  1 
ATOM   291 C  C   . ALA A 1 46 ? 5.720   0.263   -3.423  1.00 13.21 ? 378  ALA A C   1 
ATOM   292 O  O   . ALA A 1 46 ? 5.396   -0.580  -2.580  1.00 13.51 ? 378  ALA A O   1 
ATOM   293 C  CB  . ALA A 1 46 ? 6.446   2.510   -2.593  1.00 13.68 ? 378  ALA A CB  1 
ATOM   294 N  N   . TYR A 1 47 ? 5.087   0.413   -4.583  1.00 13.01 ? 379  TYR A N   1 
ATOM   295 C  CA  . TYR A 1 47 ? 3.968   -0.427  -4.963  1.00 14.09 ? 379  TYR A CA  1 
ATOM   296 C  C   . TYR A 1 47 ? 4.399   -1.884  -5.113  1.00 13.71 ? 379  TYR A C   1 
ATOM   297 O  O   . TYR A 1 47 ? 3.725   -2.802  -4.625  1.00 14.41 ? 379  TYR A O   1 
ATOM   298 C  CB  . TYR A 1 47 ? 3.380   0.109   -6.269  1.00 14.14 ? 379  TYR A CB  1 
ATOM   299 C  CG  . TYR A 1 47 ? 2.268   -0.705  -6.865  1.00 14.46 ? 379  TYR A CG  1 
ATOM   300 C  CD1 . TYR A 1 47 ? 0.955   -0.586  -6.401  1.00 15.44 ? 379  TYR A CD1 1 
ATOM   301 C  CD2 . TYR A 1 47 ? 2.529   -1.588  -7.899  1.00 16.54 ? 379  TYR A CD2 1 
ATOM   302 C  CE1 . TYR A 1 47 ? -0.083  -1.336  -6.972  1.00 15.71 ? 379  TYR A CE1 1 
ATOM   303 C  CE2 . TYR A 1 47 ? 1.507   -2.332  -8.480  1.00 15.60 ? 379  TYR A CE2 1 
ATOM   304 C  CZ  . TYR A 1 47 ? 0.220   -2.208  -8.008  1.00 15.99 ? 379  TYR A CZ  1 
ATOM   305 O  OH  . TYR A 1 47 ? -0.768  -2.972  -8.598  1.00 18.90 ? 379  TYR A OH  1 
ATOM   306 N  N   . GLY A 1 48 ? 5.530   -2.097  -5.779  1.00 14.36 ? 380  GLY A N   1 
ATOM   307 C  CA  . GLY A 1 48 ? 6.049   -3.458  -5.932  1.00 14.45 ? 380  GLY A CA  1 
ATOM   308 C  C   . GLY A 1 48 ? 6.337   -4.128  -4.595  1.00 14.83 ? 380  GLY A C   1 
ATOM   309 O  O   . GLY A 1 48 ? 6.009   -5.306  -4.385  1.00 15.57 ? 380  GLY A O   1 
ATOM   310 N  N   . LEU A 1 49 ? 6.943   -3.375  -3.674  1.00 13.86 ? 381  LEU A N   1 
ATOM   311 C  CA  . LEU A 1 49 ? 7.280   -3.932  -2.364  1.00 13.70 ? 381  LEU A CA  1 
ATOM   312 C  C   . LEU A 1 49 ? 6.042   -4.211  -1.528  1.00 14.30 ? 381  LEU A C   1 
ATOM   313 O  O   . LEU A 1 49 ? 5.947   -5.248  -0.859  1.00 13.97 ? 381  LEU A O   1 
ATOM   314 C  CB  . LEU A 1 49 ? 8.229   -2.988  -1.609  1.00 13.38 ? 381  LEU A CB  1 
ATOM   315 C  CG  . LEU A 1 49 ? 9.620   -2.809  -2.230  1.00 13.28 ? 381  LEU A CG  1 
ATOM   316 C  CD1 . LEU A 1 49 ? 10.372  -1.707  -1.508  1.00 14.90 ? 381  LEU A CD1 1 
ATOM   317 C  CD2 . LEU A 1 49 ? 10.398  -4.113  -2.198  1.00 16.16 ? 381  LEU A CD2 1 
ATOM   318 N  N   . LEU A 1 50 ? 5.083   -3.290  -1.557  1.00 14.32 ? 382  LEU A N   1 
ATOM   319 C  CA  . LEU A 1 50 ? 3.877   -3.463  -0.780  1.00 15.61 ? 382  LEU A CA  1 
ATOM   320 C  C   . LEU A 1 50 ? 3.053   -4.637  -1.303  1.00 16.56 ? 382  LEU A C   1 
ATOM   321 O  O   . LEU A 1 50 ? 2.540   -5.438  -0.523  1.00 16.91 ? 382  LEU A O   1 
ATOM   322 C  CB  . LEU A 1 50 ? 3.069   -2.162  -0.776  1.00 16.15 ? 382  LEU A CB  1 
ATOM   323 C  CG  . LEU A 1 50 ? 1.859   -2.025  0.143   1.00 18.30 ? 382  LEU A CG  1 
ATOM   324 C  CD1 . LEU A 1 50 ? 2.206   -2.250  1.582   1.00 22.92 ? 382  LEU A CD1 1 
ATOM   325 C  CD2 . LEU A 1 50 ? 1.299   -0.622  -0.023  1.00 23.58 ? 382  LEU A CD2 1 
ATOM   326 N  N   . THR A 1 51 ? 2.952   -4.777  -2.621  1.00 17.13 ? 383  THR A N   1 
ATOM   327 C  CA  . THR A 1 51 ? 2.085   -5.824  -3.160  1.00 19.14 ? 383  THR A CA  1 
ATOM   328 C  C   . THR A 1 51 ? 2.731   -7.210  -2.990  1.00 19.96 ? 383  THR A C   1 
ATOM   329 O  O   . THR A 1 51 ? 2.028   -8.225  -2.982  1.00 22.28 ? 383  THR A O   1 
ATOM   330 C  CB  . THR A 1 51 ? 1.635   -5.499  -4.601  1.00 19.70 ? 383  THR A CB  1 
ATOM   331 O  OG1 . THR A 1 51 ? 2.780   -5.271  -5.408  1.00 21.48 ? 383  THR A OG1 1 
ATOM   332 C  CG2 . THR A 1 51 ? 0.786   -4.248  -4.605  1.00 19.88 ? 383  THR A CG2 1 
ATOM   333 N  N   . ALA A 1 52 ? 4.048   -7.246  -2.789  1.00 19.63 ? 384  ALA A N   1 
ATOM   334 C  CA  . ALA A 1 52 ? 4.782   -8.504  -2.555  1.00 19.79 ? 384  ALA A CA  1 
ATOM   335 C  C   . ALA A 1 52 ? 4.779   -8.950  -1.094  1.00 20.04 ? 384  ALA A C   1 
ATOM   336 O  O   . ALA A 1 52 ? 5.011   -10.128 -0.784  1.00 21.43 ? 384  ALA A O   1 
ATOM   337 C  CB  . ALA A 1 52 ? 6.201   -8.384  -3.040  1.00 19.95 ? 384  ALA A CB  1 
ATOM   338 N  N   . GLU A 1 53 ? 4.557   -8.010  -0.190  1.00 18.89 ? 385  GLU A N   1 
ATOM   339 C  CA  . GLU A 1 53 ? 4.600   -8.321  1.231   1.00 18.50 ? 385  GLU A CA  1 
ATOM   340 C  C   . GLU A 1 53 ? 3.217   -8.690  1.735   1.00 18.51 ? 385  GLU A C   1 
ATOM   341 O  O   . GLU A 1 53 ? 2.296   -7.874  1.735   1.00 17.98 ? 385  GLU A O   1 
ATOM   342 C  CB  . GLU A 1 53 ? 5.173   -7.133  2.012   1.00 18.66 ? 385  GLU A CB  1 
ATOM   343 C  CG  . GLU A 1 53 ? 5.094   -7.311  3.531   1.00 18.77 ? 385  GLU A CG  1 
ATOM   344 C  CD  . GLU A 1 53 ? 5.705   -8.624  4.029   1.00 21.69 ? 385  GLU A CD  1 
ATOM   345 O  OE1 . GLU A 1 53 ? 6.872   -8.919  3.677   1.00 21.66 ? 385  GLU A OE1 1 
ATOM   346 O  OE2 . GLU A 1 53 ? 5.013   -9.353  4.788   1.00 21.63 ? 385  GLU A OE2 1 
ATOM   347 N  N   . ALA A 1 54 ? 3.057   -9.939  2.165   1.00 19.00 ? 386  ALA A N   1 
ATOM   348 C  CA  . ALA A 1 54 ? 1.742   -10.419 2.553   1.00 19.31 ? 386  ALA A CA  1 
ATOM   349 C  C   . ALA A 1 54 ? 1.151   -9.723  3.792   1.00 19.14 ? 386  ALA A C   1 
ATOM   350 O  O   . ALA A 1 54 ? -0.077  -9.611  3.923   1.00 20.35 ? 386  ALA A O   1 
ATOM   351 C  CB  . ALA A 1 54 ? 1.779   -11.926 2.760   1.00 20.27 ? 386  ALA A CB  1 
ATOM   352 N  N   . SER A 1 55 ? 2.017   -9.239  4.679   1.00 18.72 ? 387  SER A N   1 
ATOM   353 C  CA  . SER A 1 55 ? 1.557   -8.633  5.936   1.00 18.19 ? 387  SER A CA  1 
ATOM   354 C  C   . SER A 1 55 ? 1.326   -7.136  5.828   1.00 17.78 ? 387  SER A C   1 
ATOM   355 O  O   . SER A 1 55 ? 1.090   -6.482  6.834   1.00 18.41 ? 387  SER A O   1 
ATOM   356 C  CB  . SER A 1 55 ? 2.543   -8.911  7.077   1.00 18.99 ? 387  SER A CB  1 
ATOM   357 O  OG  . SER A 1 55 ? 3.763   -8.202  6.901   1.00 19.31 ? 387  SER A OG  1 
ATOM   358 N  N   . ALA A 1 56 ? 1.384   -6.610  4.608   1.00 16.64 ? 388  ALA A N   1 
ATOM   359 C  CA  . ALA A 1 56 ? 1.291   -5.165  4.394   1.00 15.87 ? 388  ALA A CA  1 
ATOM   360 C  C   . ALA A 1 56 ? 0.227   -4.854  3.369   1.00 15.14 ? 388  ALA A C   1 
ATOM   361 O  O   . ALA A 1 56 ? 0.213   -5.440  2.291   1.00 16.08 ? 388  ALA A O   1 
ATOM   362 C  CB  . ALA A 1 56 ? 2.621   -4.619  3.925   1.00 16.12 ? 388  ALA A CB  1 
ATOM   363 N  N   . VAL A 1 57 ? -0.647  -3.914  3.701   1.00 14.64 ? 389  VAL A N   1 
ATOM   364 C  CA  . VAL A 1 57 ? -1.670  -3.462  2.778   1.00 14.40 ? 389  VAL A CA  1 
ATOM   365 C  C   . VAL A 1 57 ? -1.663  -1.946  2.798   1.00 13.41 ? 389  VAL A C   1 
ATOM   366 O  O   . VAL A 1 57 ? -0.918  -1.331  3.565   1.00 13.97 ? 389  VAL A O   1 
ATOM   367 C  CB  . VAL A 1 57 ? -3.077  -4.027  3.129   1.00 14.51 ? 389  VAL A CB  1 
ATOM   368 C  CG1 . VAL A 1 57 ? -3.040  -5.539  3.097   1.00 15.57 ? 389  VAL A CG1 1 
ATOM   369 C  CG2 . VAL A 1 57 ? -3.553  -3.516  4.476   1.00 15.14 ? 389  VAL A CG2 1 
ATOM   370 N  N   . TRP A 1 58 ? -2.445  -1.357  1.905   1.00 13.40 ? 390  TRP A N   1 
ATOM   371 C  CA  . TRP A 1 58 ? -2.476  0.091   1.740   1.00 13.43 ? 390  TRP A CA  1 
ATOM   372 C  C   . TRP A 1 58 ? -3.810  0.645   2.216   1.00 14.45 ? 390  TRP A C   1 
ATOM   373 O  O   . TRP A 1 58 ? -4.861  -0.002  2.076   1.00 14.86 ? 390  TRP A O   1 
ATOM   374 C  CB  . TRP A 1 58 ? -2.260  0.439   0.261   1.00 13.66 ? 390  TRP A CB  1 
ATOM   375 C  CG  . TRP A 1 58 ? -2.374  1.903   -0.073  1.00 14.35 ? 390  TRP A CG  1 
ATOM   376 C  CD1 . TRP A 1 58 ? -1.462  2.889   0.174   1.00 14.12 ? 390  TRP A CD1 1 
ATOM   377 C  CD2 . TRP A 1 58 ? -3.479  2.526   -0.724  1.00 12.69 ? 390  TRP A CD2 1 
ATOM   378 N  NE1 . TRP A 1 58 ? -1.939  4.098   -0.288  1.00 14.42 ? 390  TRP A NE1 1 
ATOM   379 C  CE2 . TRP A 1 58 ? -3.173  3.898   -0.853  1.00 14.19 ? 390  TRP A CE2 1 
ATOM   380 C  CE3 . TRP A 1 58 ? -4.701  2.053   -1.224  1.00 13.72 ? 390  TRP A CE3 1 
ATOM   381 C  CZ2 . TRP A 1 58 ? -4.054  4.811   -1.455  1.00 13.95 ? 390  TRP A CZ2 1 
ATOM   382 C  CZ3 . TRP A 1 58 ? -5.576  2.955   -1.822  1.00 13.18 ? 390  TRP A CZ3 1 
ATOM   383 C  CH2 . TRP A 1 58 ? -5.246  4.320   -1.935  1.00 13.92 ? 390  TRP A CH2 1 
ATOM   384 N  N   . GLY A 1 59 ? -3.758  1.864   2.739   1.00 14.27 ? 391  GLY A N   1 
ATOM   385 C  CA  . GLY A 1 59 ? -4.956  2.618   3.089   1.00 15.53 ? 391  GLY A CA  1 
ATOM   386 C  C   . GLY A 1 59 ? -4.906  3.977   2.433   1.00 15.39 ? 391  GLY A C   1 
ATOM   387 O  O   . GLY A 1 59 ? -3.868  4.646   2.423   1.00 15.80 ? 391  GLY A O   1 
ATOM   388 N  N   . CYS A 1 60 ? -6.046  4.414   1.905   1.00 16.42 ? 392  CYS A N   1 
ATOM   389 C  CA  . CYS A 1 60 ? -6.117  5.713   1.251   1.00 17.83 ? 392  CYS A CA  1 
ATOM   390 C  C   . CYS A 1 60 ? -6.026  6.861   2.262   1.00 19.07 ? 392  CYS A C   1 
ATOM   391 O  O   . CYS A 1 60 ? -6.213  6.650   3.458   1.00 18.73 ? 392  CYS A O   1 
ATOM   392 C  CB  . CYS A 1 60 ? -7.368  5.829   0.376   1.00 17.46 ? 392  CYS A CB  1 
ATOM   393 S  SG  . CYS A 1 60 ? -8.910  6.152   1.309   1.00 19.90 ? 392  CYS A SG  1 
ATOM   394 N  N   . ASP A 1 61 ? -5.727  8.060   1.771   1.00 21.07 ? 393  ASP A N   1 
ATOM   395 C  CA  . ASP A 1 61 ? -5.546  9.219   2.632   1.00 22.86 ? 393  ASP A CA  1 
ATOM   396 C  C   . ASP A 1 61 ? -6.803  9.481   3.465   1.00 23.27 ? 393  ASP A C   1 
ATOM   397 O  O   . ASP A 1 61 ? -6.707  9.850   4.636   1.00 23.79 ? 393  ASP A O   1 
ATOM   398 C  CB  . ASP A 1 61 ? -5.184  10.454  1.800   1.00 23.48 ? 393  ASP A CB  1 
ATOM   399 C  CG  . ASP A 1 61 ? -3.800  10.351  1.147   1.00 26.64 ? 393  ASP A CG  1 
ATOM   400 O  OD1 . ASP A 1 61 ? -3.024  9.432   1.496   1.00 29.71 ? 393  ASP A OD1 1 
ATOM   401 O  OD2 . ASP A 1 61 ? -3.486  11.211  0.295   1.00 29.69 ? 393  ASP A OD2 1 
ATOM   402 N  N   . THR A 1 62 ? -7.975  9.253   2.874   1.00 23.64 ? 394  THR A N   1 
ATOM   403 C  CA  . THR A 1 62 ? -9.229  9.504   3.594   1.00 24.08 ? 394  THR A CA  1 
ATOM   404 C  C   . THR A 1 62 ? -9.438  8.545   4.770   1.00 23.93 ? 394  THR A C   1 
ATOM   405 O  O   . THR A 1 62 ? -9.769  8.973   5.884   1.00 24.29 ? 394  THR A O   1 
ATOM   406 C  CB  . THR A 1 62 ? -10.438 9.463   2.653   1.00 24.11 ? 394  THR A CB  1 
ATOM   407 O  OG1 . THR A 1 62 ? -10.224 10.382  1.576   1.00 25.88 ? 394  THR A OG1 1 
ATOM   408 C  CG2 . THR A 1 62 ? -11.714 9.854   3.400   1.00 24.66 ? 394  THR A CG2 1 
ATOM   409 N  N   . CYS A 1 63 ? -9.237  7.256   4.529   1.00 23.52 ? 395  CYS A N   1 
ATOM   410 C  CA  . CYS A 1 63 ? -9.421  6.261   5.574   1.00 23.75 ? 395  CYS A CA  1 
ATOM   411 C  C   . CYS A 1 63 ? -8.322  6.335   6.633   1.00 24.74 ? 395  CYS A C   1 
ATOM   412 O  O   . CYS A 1 63 ? -8.557  6.001   7.790   1.00 25.34 ? 395  CYS A O   1 
ATOM   413 C  CB  . CYS A 1 63 ? -9.479  4.855   4.972   1.00 23.27 ? 395  CYS A CB  1 
ATOM   414 S  SG  . CYS A 1 63 ? -10.939 4.512   3.993   1.00 22.21 ? 395  CYS A SG  1 
ATOM   415 N  N   . MET A 1 64 ? -7.127  6.769   6.238   1.00 25.47 ? 396  MET A N   1 
ATOM   416 C  CA  . MET A 1 64 ? -6.008  6.864   7.167   1.00 26.93 ? 396  MET A CA  1 
ATOM   417 C  C   . MET A 1 64 ? -6.068  8.128   8.022   1.00 28.48 ? 396  MET A C   1 
ATOM   418 O  O   . MET A 1 64 ? -5.527  8.148   9.131   1.00 29.45 ? 396  MET A O   1 
ATOM   419 C  CB  . MET A 1 64 ? -4.664  6.793   6.430   1.00 26.66 ? 396  MET A CB  1 
ATOM   420 C  CG  . MET A 1 64 ? -4.378  5.459   5.743   1.00 25.03 ? 396  MET A CG  1 
ATOM   421 S  SD  . MET A 1 64 ? -4.461  4.034   6.835   1.00 24.34 ? 396  MET A SD  1 
ATOM   422 C  CE  . MET A 1 64 ? -2.874  4.138   7.671   1.00 22.26 ? 396  MET A CE  1 
ATOM   423 N  N   . ALA A 1 65 ? -6.720  9.170   7.511   1.00 29.80 ? 397  ALA A N   1 
ATOM   424 C  CA  . ALA A 1 65 ? -6.825  10.453  8.223   1.00 31.05 ? 397  ALA A CA  1 
ATOM   425 C  C   . ALA A 1 65 ? -7.898  10.434  9.311   1.00 31.87 ? 397  ALA A C   1 
ATOM   426 O  O   . ALA A 1 65 ? -8.084  9.438   10.014  1.00 33.25 ? 397  ALA A O   1 
ATOM   427 C  CB  . ALA A 1 65 ? -7.086  11.597  7.240   1.00 31.45 ? 397  ALA A CB  1 
ATOM   428 N  N   . ALA B 2 1  ? -9.554  -25.279 13.805  1.00 27.24 ? 171  ALA B N   1 
ATOM   429 C  CA  . ALA B 2 1  ? -8.424  -24.344 14.065  1.00 26.27 ? 171  ALA B CA  1 
ATOM   430 C  C   . ALA B 2 1  ? -8.818  -22.875 13.887  1.00 25.73 ? 171  ALA B C   1 
ATOM   431 O  O   . ALA B 2 1  ? -9.661  -22.523 13.052  1.00 25.21 ? 171  ALA B O   1 
ATOM   432 C  CB  . ALA B 2 1  ? -7.215  -24.689 13.174  1.00 26.34 ? 171  ALA B CB  1 
ATOM   433 N  N   A MET B 2 2  ? -8.132  -22.022 14.642  0.50 25.27 ? 172  MET B N   1 
ATOM   434 N  N   B MET B 2 2  ? -8.227  -22.034 14.728  0.50 25.66 ? 172  MET B N   1 
ATOM   435 C  CA  A MET B 2 2  ? -8.415  -20.600 14.694  0.50 24.83 ? 172  MET B CA  1 
ATOM   436 C  CA  B MET B 2 2  ? -8.389  -20.591 14.664  0.50 25.68 ? 172  MET B CA  1 
ATOM   437 C  C   A MET B 2 2  ? -7.100  -19.841 14.882  0.50 24.60 ? 172  MET B C   1 
ATOM   438 C  C   B MET B 2 2  ? -6.992  -19.986 14.682  0.50 24.93 ? 172  MET B C   1 
ATOM   439 O  O   A MET B 2 2  ? -6.318  -20.184 15.767  0.50 24.43 ? 172  MET B O   1 
ATOM   440 O  O   B MET B 2 2  ? -6.064  -20.570 15.242  0.50 24.52 ? 172  MET B O   1 
ATOM   441 C  CB  A MET B 2 2  ? -9.347  -20.348 15.882  0.50 25.13 ? 172  MET B CB  1 
ATOM   442 C  CB  B MET B 2 2  ? -9.183  -20.102 15.882  0.50 26.43 ? 172  MET B CB  1 
ATOM   443 C  CG  A MET B 2 2  ? -10.255 -19.168 15.741  0.50 24.22 ? 172  MET B CG  1 
ATOM   444 C  CG  B MET B 2 2  ? -9.520  -18.618 15.898  0.50 28.51 ? 172  MET B CG  1 
ATOM   445 S  SD  A MET B 2 2  ? -11.272 -19.219 14.253  0.50 21.73 ? 172  MET B SD  1 
ATOM   446 S  SD  B MET B 2 2  ? -11.232 -18.235 15.483  0.50 34.13 ? 172  MET B SD  1 
ATOM   447 C  CE  A MET B 2 2  ? -11.094 -17.493 13.806  0.50 22.18 ? 172  MET B CE  1 
ATOM   448 C  CE  B MET B 2 2  ? -10.979 -16.822 14.420  0.50 31.91 ? 172  MET B CE  1 
ATOM   449 N  N   . ALA B 2 3  ? -6.848  -18.828 14.051  1.00 24.11 ? 173  ALA B N   1 
ATOM   450 C  CA  . ALA B 2 3  ? -5.647  -18.011 14.195  1.00 23.31 ? 173  ALA B CA  1 
ATOM   451 C  C   . ALA B 2 3  ? -5.997  -16.541 14.065  1.00 22.84 ? 173  ALA B C   1 
ATOM   452 O  O   . ALA B 2 3  ? -7.130  -16.179 13.730  1.00 22.26 ? 173  ALA B O   1 
ATOM   453 C  CB  . ALA B 2 3  ? -4.548  -18.423 13.206  1.00 23.45 ? 173  ALA B CB  1 
ATOM   454 N  N   . ALA B 2 4  ? -5.033  -15.698 14.400  1.00 22.42 ? 174  ALA B N   1 
ATOM   455 C  CA  . ALA B 2 4  ? -5.155  -14.273 14.173  1.00 22.41 ? 174  ALA B CA  1 
ATOM   456 C  C   . ALA B 2 4  ? -3.830  -13.796 13.613  1.00 22.51 ? 174  ALA B C   1 
ATOM   457 O  O   . ALA B 2 4  ? -2.781  -14.380 13.897  1.00 23.27 ? 174  ALA B O   1 
ATOM   458 C  CB  . ALA B 2 4  ? -5.504  -13.557 15.446  1.00 22.91 ? 174  ALA B CB  1 
ATOM   459 N  N   . LYS B 2 5  ? -3.904  -12.736 12.811  1.00 21.38 ? 175  LYS B N   1 
ATOM   460 C  CA  . LYS B 2 5  ? -2.806  -12.218 12.004  1.00 21.32 ? 175  LYS B CA  1 
ATOM   461 C  C   . LYS B 2 5  ? -2.767  -10.721 12.260  1.00 19.73 ? 175  LYS B C   1 
ATOM   462 O  O   . LYS B 2 5  ? -3.826  -10.083 12.350  1.00 18.66 ? 175  LYS B O   1 
ATOM   463 C  CB  . LYS B 2 5  ? -3.216  -12.424 10.538  1.00 22.58 ? 175  LYS B CB  1 
ATOM   464 C  CG  . LYS B 2 5  ? -2.155  -12.686 9.549   1.00 26.18 ? 175  LYS B CG  1 
ATOM   465 C  CD  . LYS B 2 5  ? -2.730  -13.391 8.331   1.00 25.99 ? 175  LYS B CD  1 
ATOM   466 C  CE  . LYS B 2 5  ? -3.729  -12.556 7.530   1.00 25.25 ? 175  LYS B CE  1 
ATOM   467 N  NZ  . LYS B 2 5  ? -3.616  -12.881 6.074   1.00 25.95 ? 175  LYS B NZ  1 
ATOM   468 N  N   . VAL B 2 6  ? -1.571  -10.136 12.374  1.00 18.57 ? 176  VAL B N   1 
ATOM   469 C  CA  . VAL B 2 6  ? -1.472  -8.669  12.330  1.00 18.43 ? 176  VAL B CA  1 
ATOM   470 C  C   . VAL B 2 6  ? -1.136  -8.248  10.911  1.00 17.26 ? 176  VAL B C   1 
ATOM   471 O  O   . VAL B 2 6  ? -0.206  -8.783  10.298  1.00 18.09 ? 176  VAL B O   1 
ATOM   472 C  CB  . VAL B 2 6  ? -0.401  -8.109  13.283  1.00 18.42 ? 176  VAL B CB  1 
ATOM   473 C  CG1 . VAL B 2 6  ? -0.229  -6.594  13.073  1.00 19.28 ? 176  VAL B CG1 1 
ATOM   474 C  CG2 . VAL B 2 6  ? -0.790  -8.391  14.714  1.00 19.69 ? 176  VAL B CG2 1 
ATOM   475 N  N   . VAL B 2 7  ? -1.914  -7.300  10.397  1.00 16.17 ? 177  VAL B N   1 
ATOM   476 C  CA  . VAL B 2 7  ? -1.691  -6.766  9.053   1.00 16.05 ? 177  VAL B CA  1 
ATOM   477 C  C   . VAL B 2 7  ? -1.399  -5.287  9.201   1.00 15.80 ? 177  VAL B C   1 
ATOM   478 O  O   . VAL B 2 7  ? -2.155  -4.553  9.852   1.00 15.55 ? 177  VAL B O   1 
ATOM   479 C  CB  . VAL B 2 7  ? -2.926  -6.966  8.149   1.00 16.35 ? 177  VAL B CB  1 
ATOM   480 C  CG1 . VAL B 2 7  ? -2.706  -6.297  6.800   1.00 17.26 ? 177  VAL B CG1 1 
ATOM   481 C  CG2 . VAL B 2 7  ? -3.209  -8.461  7.965   1.00 17.13 ? 177  VAL B CG2 1 
ATOM   482 N  N   . TYR B 2 8  ? -0.288  -4.860  8.611   1.00 15.43 ? 178  TYR B N   1 
ATOM   483 C  CA  . TYR B 2 8  ? 0.120   -3.462  8.680   1.00 16.14 ? 178  TYR B CA  1 
ATOM   484 C  C   . TYR B 2 8  ? -0.506  -2.676  7.542   1.00 16.19 ? 178  TYR B C   1 
ATOM   485 O  O   . TYR B 2 8  ? -0.481  -3.106  6.387   1.00 17.16 ? 178  TYR B O   1 
ATOM   486 C  CB  . TYR B 2 8  ? 1.643   -3.375  8.654   1.00 16.40 ? 178  TYR B CB  1 
ATOM   487 C  CG  . TYR B 2 8  ? 2.227   -3.983  9.895   1.00 18.15 ? 178  TYR B CG  1 
ATOM   488 C  CD1 . TYR B 2 8  ? 2.124   -3.313  11.114  1.00 20.00 ? 178  TYR B CD1 1 
ATOM   489 C  CD2 . TYR B 2 8  ? 2.844   -5.234  9.864   1.00 18.65 ? 178  TYR B CD2 1 
ATOM   490 C  CE1 . TYR B 2 8  ? 2.622   -3.868  12.275  1.00 21.43 ? 178  TYR B CE1 1 
ATOM   491 C  CE2 . TYR B 2 8  ? 3.362   -5.800  11.047  1.00 20.94 ? 178  TYR B CE2 1 
ATOM   492 C  CZ  . TYR B 2 8  ? 3.242   -5.097  12.235  1.00 22.23 ? 178  TYR B CZ  1 
ATOM   493 O  OH  . TYR B 2 8  ? 3.743   -5.626  13.411  1.00 25.82 ? 178  TYR B OH  1 
ATOM   494 N  N   . VAL B 2 9  ? -1.084  -1.527  7.879   1.00 15.41 ? 179  VAL B N   1 
ATOM   495 C  CA  . VAL B 2 9  ? -1.791  -0.687  6.914   1.00 15.69 ? 179  VAL B CA  1 
ATOM   496 C  C   . VAL B 2 9  ? -0.954  0.568   6.673   1.00 15.38 ? 179  VAL B C   1 
ATOM   497 O  O   . VAL B 2 9  ? -0.780  1.390   7.575   1.00 15.53 ? 179  VAL B O   1 
ATOM   498 C  CB  . VAL B 2 9  ? -3.218  -0.334  7.405   1.00 16.36 ? 179  VAL B CB  1 
ATOM   499 C  CG1 . VAL B 2 9  ? -3.998  0.400   6.322   1.00 17.53 ? 179  VAL B CG1 1 
ATOM   500 C  CG2 . VAL B 2 9  ? -3.975  -1.612  7.824   1.00 16.88 ? 179  VAL B CG2 1 
ATOM   501 N  N   . PHE B 2 10 ? -0.401  0.676   5.464   1.00 13.75 ? 180  PHE B N   1 
ATOM   502 C  CA  . PHE B 2 10 ? 0.469   1.799   5.100   1.00 13.57 ? 180  PHE B CA  1 
ATOM   503 C  C   . PHE B 2 10 ? -0.300  2.877   4.323   1.00 13.46 ? 180  PHE B C   1 
ATOM   504 O  O   . PHE B 2 10 ? -0.966  2.577   3.323   1.00 14.12 ? 180  PHE B O   1 
ATOM   505 C  CB  . PHE B 2 10 ? 1.576   1.306   4.151   1.00 13.19 ? 180  PHE B CB  1 
ATOM   506 C  CG  . PHE B 2 10 ? 2.646   0.463   4.797   1.00 13.94 ? 180  PHE B CG  1 
ATOM   507 C  CD1 . PHE B 2 10 ? 3.918   0.978   5.010   1.00 16.73 ? 180  PHE B CD1 1 
ATOM   508 C  CD2 . PHE B 2 10 ? 2.400   -0.859  5.142   1.00 17.27 ? 180  PHE B CD2 1 
ATOM   509 C  CE1 . PHE B 2 10 ? 4.928   0.211   5.603   1.00 17.76 ? 180  PHE B CE1 1 
ATOM   510 C  CE2 . PHE B 2 10 ? 3.399   -1.643  5.721   1.00 16.92 ? 180  PHE B CE2 1 
ATOM   511 C  CZ  . PHE B 2 10 ? 4.672   -1.102  5.957   1.00 16.00 ? 180  PHE B CZ  1 
ATOM   512 N  N   . SER B 2 11 ? -0.181  4.138   4.750   1.00 14.13 ? 181  SER B N   1 
ATOM   513 C  CA  . SER B 2 11 ? -0.528  5.244   3.871   1.00 14.03 ? 181  SER B CA  1 
ATOM   514 C  C   . SER B 2 11 ? 0.454   5.303   2.704   1.00 13.75 ? 181  SER B C   1 
ATOM   515 O  O   . SER B 2 11 ? 1.519   4.667   2.728   1.00 13.14 ? 181  SER B O   1 
ATOM   516 C  CB  . SER B 2 11 ? -0.478  6.584   4.620   1.00 13.99 ? 181  SER B CB  1 
ATOM   517 O  OG  . SER B 2 11 ? 0.841   6.851   5.067   1.00 15.50 ? 181  SER B OG  1 
ATOM   518 N  N   . THR B 2 12 ? 0.108   6.087   1.690   1.00 13.47 ? 182  THR B N   1 
ATOM   519 C  CA  . THR B 2 12 ? 1.041   6.306   0.578   1.00 13.76 ? 182  THR B CA  1 
ATOM   520 C  C   . THR B 2 12 ? 2.368   6.872   1.082   1.00 13.93 ? 182  THR B C   1 
ATOM   521 O  O   . THR B 2 12 ? 3.434   6.414   0.674   1.00 13.55 ? 182  THR B O   1 
ATOM   522 C  CB  . THR B 2 12 ? 0.431   7.228   -0.452  1.00 13.49 ? 182  THR B CB  1 
ATOM   523 O  OG1 . THR B 2 12 ? -0.704  6.579   -1.033  1.00 14.93 ? 182  THR B OG1 1 
ATOM   524 C  CG2 . THR B 2 12 ? 1.427   7.537   -1.538  1.00 13.99 ? 182  THR B CG2 1 
ATOM   525 N  N   . GLU B 2 13 ? 2.297   7.844   1.996   1.00 14.48 ? 183  GLU B N   1 
ATOM   526 C  CA  . GLU B 2 13 ? 3.498   8.438   2.571   1.00 15.79 ? 183  GLU B CA  1 
ATOM   527 C  C   . GLU B 2 13 ? 4.394   7.382   3.214   1.00 14.31 ? 183  GLU B C   1 
ATOM   528 O  O   . GLU B 2 13 ? 5.602   7.361   2.972   1.00 14.71 ? 183  GLU B O   1 
ATOM   529 C  CB  . GLU B 2 13 ? 3.145   9.518   3.598   1.00 16.80 ? 183  GLU B CB  1 
ATOM   530 C  CG  . GLU B 2 13 ? 4.383   10.172  4.183   1.00 21.78 ? 183  GLU B CG  1 
ATOM   531 C  CD  . GLU B 2 13 ? 4.081   11.326  5.120   1.00 28.20 ? 183  GLU B CD  1 
ATOM   532 O  OE1 . GLU B 2 13 ? 2.891   11.631  5.363   1.00 31.26 ? 183  GLU B OE1 1 
ATOM   533 O  OE2 . GLU B 2 13 ? 5.055   11.932  5.614   1.00 31.96 ? 183  GLU B OE2 1 
ATOM   534 N  N   A MET B 2 14 ? 3.811   6.493   4.009   0.50 14.39 ? 184  MET B N   1 
ATOM   535 N  N   B MET B 2 14 ? 3.784   6.518   4.030   0.50 14.38 ? 184  MET B N   1 
ATOM   536 C  CA  A MET B 2 14 ? 4.611   5.514   4.719   0.50 14.30 ? 184  MET B CA  1 
ATOM   537 C  CA  B MET B 2 14 ? 4.478   5.451   4.739   0.50 14.28 ? 184  MET B CA  1 
ATOM   538 C  C   A MET B 2 14 ? 5.055   4.342   3.829   0.50 13.46 ? 184  MET B C   1 
ATOM   539 C  C   B MET B 2 14 ? 5.077   4.434   3.774   0.50 13.41 ? 184  MET B C   1 
ATOM   540 O  O   A MET B 2 14 ? 6.106   3.747   4.075   0.50 13.59 ? 184  MET B O   1 
ATOM   541 O  O   B MET B 2 14 ? 6.227   4.022   3.928   0.50 13.41 ? 184  MET B O   1 
ATOM   542 C  CB  A MET B 2 14 ? 3.910   5.070   6.012   0.50 14.69 ? 184  MET B CB  1 
ATOM   543 C  CB  B MET B 2 14 ? 3.525   4.741   5.718   0.50 14.55 ? 184  MET B CB  1 
ATOM   544 C  CG  A MET B 2 14 ? 3.634   6.252   6.963   0.50 16.61 ? 184  MET B CG  1 
ATOM   545 C  CG  B MET B 2 14 ? 4.168   3.626   6.539   0.50 16.78 ? 184  MET B CG  1 
ATOM   546 S  SD  A MET B 2 14 ? 5.116   7.150   7.482   0.50 20.76 ? 184  MET B SD  1 
ATOM   547 S  SD  B MET B 2 14 ? 5.380   4.237   7.720   0.50 22.57 ? 184  MET B SD  1 
ATOM   548 C  CE  A MET B 2 14 ? 5.935   5.872   8.418   0.50 21.01 ? 184  MET B CE  1 
ATOM   549 C  CE  B MET B 2 14 ? 5.952   2.722   8.506   0.50 18.82 ? 184  MET B CE  1 
ATOM   550 N  N   . ALA B 2 15 ? 4.291   4.038   2.779   1.00 13.08 ? 185  ALA B N   1 
ATOM   551 C  CA  . ALA B 2 15 ? 4.757   3.078   1.775   1.00 12.73 ? 185  ALA B CA  1 
ATOM   552 C  C   . ALA B 2 15 ? 5.983   3.610   1.049   1.00 12.46 ? 185  ALA B C   1 
ATOM   553 O  O   . ALA B 2 15 ? 6.965   2.887   0.871   1.00 12.79 ? 185  ALA B O   1 
ATOM   554 C  CB  . ALA B 2 15 ? 3.640   2.714   0.782   1.00 12.50 ? 185  ALA B CB  1 
ATOM   555 N  N   . ASN B 2 16 ? 5.932   4.881   0.649   1.00 12.27 ? 186  ASN B N   1 
ATOM   556 C  CA  . ASN B 2 16 ? 7.062   5.483   -0.054  1.00 12.19 ? 186  ASN B CA  1 
ATOM   557 C  C   . ASN B 2 16 ? 8.274   5.575   0.871   1.00 12.64 ? 186  ASN B C   1 
ATOM   558 O  O   . ASN B 2 16 ? 9.405   5.289   0.469   1.00 12.84 ? 186  ASN B O   1 
ATOM   559 C  CB  . ASN B 2 16 ? 6.680   6.871   -0.573  1.00 12.29 ? 186  ASN B CB  1 
ATOM   560 C  CG  . ASN B 2 16 ? 5.815   6.825   -1.821  1.00 13.17 ? 186  ASN B CG  1 
ATOM   561 O  OD1 . ASN B 2 16 ? 5.679   5.778   -2.481  1.00 13.74 ? 186  ASN B OD1 1 
ATOM   562 N  ND2 . ASN B 2 16 ? 5.235   7.977   -2.173  1.00 13.75 ? 186  ASN B ND2 1 
ATOM   563 N  N   . LYS B 2 17 ? 8.033   5.955   2.122   1.00 13.35 ? 187  LYS B N   1 
ATOM   564 C  CA  . LYS B 2 17 ? 9.134   6.058   3.096   1.00 14.28 ? 187  LYS B CA  1 
ATOM   565 C  C   . LYS B 2 17 ? 9.766   4.705   3.400   1.00 13.90 ? 187  LYS B C   1 
ATOM   566 O  O   . LYS B 2 17 ? 10.991  4.587   3.504   1.00 15.11 ? 187  LYS B O   1 
ATOM   567 C  CB  . LYS B 2 17 ? 8.676   6.761   4.370   1.00 15.49 ? 187  LYS B CB  1 
ATOM   568 C  CG  . LYS B 2 17 ? 8.533   8.255   4.154   1.00 20.03 ? 187  LYS B CG  1 
ATOM   569 C  CD  . LYS B 2 17 ? 8.060   8.957   5.398   1.00 23.81 ? 187  LYS B CD  1 
ATOM   570 C  CE  . LYS B 2 17 ? 7.959   10.451  5.130   1.00 27.96 ? 187  LYS B CE  1 
ATOM   571 N  NZ  . LYS B 2 17 ? 7.675   11.209  6.376   1.00 31.12 ? 187  LYS B NZ  1 
ATOM   572 N  N   . ALA B 2 18 ? 8.937   3.667   3.492   1.00 13.84 ? 188  ALA B N   1 
ATOM   573 C  CA  . ALA B 2 18 ? 9.464   2.337   3.773   1.00 13.02 ? 188  ALA B CA  1 
ATOM   574 C  C   . ALA B 2 18 ? 10.282  1.837   2.584   1.00 13.62 ? 188  ALA B C   1 
ATOM   575 O  O   . ALA B 2 18 ? 11.307  1.222   2.785   1.00 13.31 ? 188  ALA B O   1 
ATOM   576 C  CB  . ALA B 2 18 ? 8.343   1.368   4.105   1.00 13.45 ? 188  ALA B CB  1 
ATOM   577 N  N   . ALA B 2 19 ? 9.823   2.100   1.355   1.00 13.62 ? 189  ALA B N   1 
ATOM   578 C  CA  . ALA B 2 19 ? 10.625  1.740   0.178   1.00 13.39 ? 189  ALA B CA  1 
ATOM   579 C  C   . ALA B 2 19 ? 11.982  2.451   0.195   1.00 14.23 ? 189  ALA B C   1 
ATOM   580 O  O   . ALA B 2 19 ? 12.995  1.838   -0.093  1.00 14.09 ? 189  ALA B O   1 
ATOM   581 C  CB  . ALA B 2 19 ? 9.875   2.037   -1.112  1.00 13.82 ? 189  ALA B CB  1 
ATOM   582 N  N   . GLU B 2 20 ? 11.989  3.732   0.566   1.00 14.52 ? 190  GLU B N   1 
ATOM   583 C  CA  . GLU B 2 20 ? 13.248  4.488   0.654   1.00 15.74 ? 190  GLU B CA  1 
ATOM   584 C  C   . GLU B 2 20 ? 14.201  3.847   1.668   1.00 15.94 ? 190  GLU B C   1 
ATOM   585 O  O   . GLU B 2 20 ? 15.390  3.712   1.397   1.00 15.59 ? 190  GLU B O   1 
ATOM   586 C  CB  . GLU B 2 20 ? 12.984  5.964   0.989   1.00 16.51 ? 190  GLU B CB  1 
ATOM   587 C  CG  . GLU B 2 20 ? 12.548  6.792   -0.219  1.00 20.97 ? 190  GLU B CG  1 
ATOM   588 C  CD  . GLU B 2 20 ? 13.612  6.890   -1.314  1.00 24.55 ? 190  GLU B CD  1 
ATOM   589 O  OE1 . GLU B 2 20 ? 14.717  7.425   -1.052  1.00 27.29 ? 190  GLU B OE1 1 
ATOM   590 O  OE2 . GLU B 2 20 ? 13.333  6.448   -2.445  1.00 28.58 ? 190  GLU B OE2 1 
ATOM   591 N  N   . ALA B 2 21 ? 13.667  3.406   2.812   1.00 15.37 ? 191  ALA B N   1 
ATOM   592 C  CA  . ALA B 2 21 ? 14.459  2.723   3.847   1.00 15.86 ? 191  ALA B CA  1 
ATOM   593 C  C   . ALA B 2 21 ? 15.104  1.444   3.321   1.00 16.30 ? 191  ALA B C   1 
ATOM   594 O  O   . ALA B 2 21 ? 16.269  1.163   3.596   1.00 16.66 ? 191  ALA B O   1 
ATOM   595 C  CB  . ALA B 2 21 ? 13.591  2.440   5.088   1.00 16.98 ? 191  ALA B CB  1 
ATOM   596 N  N   . VAL B 2 22 ? 14.349  0.681   2.539   1.00 15.28 ? 192  VAL B N   1 
ATOM   597 C  CA  . VAL B 2 22 ? 14.874  -0.522  1.906   1.00 16.09 ? 192  VAL B CA  1 
ATOM   598 C  C   . VAL B 2 22 ? 15.983  -0.153  0.921   1.00 16.54 ? 192  VAL B C   1 
ATOM   599 O  O   . VAL B 2 22 ? 17.077  -0.747  0.953   1.00 17.00 ? 192  VAL B O   1 
ATOM   600 C  CB  . VAL B 2 22 ? 13.736  -1.305  1.202   1.00 15.60 ? 192  VAL B CB  1 
ATOM   601 C  CG1 . VAL B 2 22 ? 14.291  -2.411  0.279   1.00 16.34 ? 192  VAL B CG1 1 
ATOM   602 C  CG2 . VAL B 2 22 ? 12.794  -1.896  2.224   1.00 15.01 ? 192  VAL B CG2 1 
ATOM   603 N  N   . LEU B 2 23 ? 15.715  0.825   0.064   1.00 17.02 ? 193  LEU B N   1 
ATOM   604 C  CA  . LEU B 2 23 ? 16.687  1.251   -0.955  1.00 17.24 ? 193  LEU B CA  1 
ATOM   605 C  C   . LEU B 2 23 ? 17.975  1.797   -0.339  1.00 18.68 ? 193  LEU B C   1 
ATOM   606 O  O   . LEU B 2 23 ? 19.069  1.604   -0.892  1.00 19.09 ? 193  LEU B O   1 
ATOM   607 C  CB  . LEU B 2 23 ? 16.049  2.295   -1.876  1.00 17.35 ? 193  LEU B CB  1 
ATOM   608 C  CG  . LEU B 2 23 ? 14.939  1.764   -2.788  1.00 17.17 ? 193  LEU B CG  1 
ATOM   609 C  CD1 . LEU B 2 23 ? 14.229  2.883   -3.516  1.00 15.93 ? 193  LEU B CD1 1 
ATOM   610 C  CD2 . LEU B 2 23 ? 15.546  0.775   -3.776  1.00 18.42 ? 193  LEU B CD2 1 
ATOM   611 N  N   . LYS B 2 24 ? 17.850  2.467   0.808   1.00 19.09 ? 194  LYS B N   1 
ATOM   612 C  CA  . LYS B 2 24 ? 19.014  3.017   1.520   1.00 20.68 ? 194  LYS B CA  1 
ATOM   613 C  C   . LYS B 2 24 ? 19.769  1.975   2.357   1.00 21.50 ? 194  LYS B C   1 
ATOM   614 O  O   . LYS B 2 24 ? 20.771  2.305   3.016   1.00 22.34 ? 194  LYS B O   1 
ATOM   615 C  CB  . LYS B 2 24 ? 18.607  4.212   2.392   1.00 20.35 ? 194  LYS B CB  1 
ATOM   616 C  CG  . LYS B 2 24 ? 18.152  5.431   1.625   1.00 21.74 ? 194  LYS B CG  1 
ATOM   617 C  CD  . LYS B 2 24 ? 17.700  6.523   2.589   1.00 24.42 ? 194  LYS B CD  1 
ATOM   618 C  CE  . LYS B 2 24 ? 17.332  7.795   1.854   1.00 27.61 ? 194  LYS B CE  1 
ATOM   619 N  NZ  . LYS B 2 24 ? 16.712  8.789   2.768   1.00 31.12 ? 194  LYS B NZ  1 
ATOM   620 N  N   . GLY B 2 25 ? 19.292  0.728   2.340   1.00 21.55 ? 195  GLY B N   1 
ATOM   621 C  CA  . GLY B 2 25 ? 19.925  -0.377  3.062   1.00 22.68 ? 195  GLY B CA  1 
ATOM   622 C  C   . GLY B 2 25 ? 19.713  -0.345  4.567   1.00 23.05 ? 195  GLY B C   1 
ATOM   623 O  O   . GLY B 2 25 ? 20.433  -1.023  5.318   1.00 24.50 ? 195  GLY B O   1 
ATOM   624 N  N   . GLN B 2 26 ? 18.730  0.437   5.010   1.00 22.60 ? 196  GLN B N   1 
ATOM   625 C  CA  . GLN B 2 26 ? 18.470  0.627   6.445   1.00 22.28 ? 196  GLN B CA  1 
ATOM   626 C  C   . GLN B 2 26 ? 17.651  -0.501  7.063   1.00 21.98 ? 196  GLN B C   1 
ATOM   627 O  O   . GLN B 2 26 ? 17.784  -0.795  8.256   1.00 22.36 ? 196  GLN B O   1 
ATOM   628 C  CB  . GLN B 2 26 ? 17.781  1.967   6.690   1.00 22.63 ? 196  GLN B CB  1 
ATOM   629 C  CG  . GLN B 2 26 ? 18.630  3.159   6.293   1.00 23.96 ? 196  GLN B CG  1 
ATOM   630 C  CD  . GLN B 2 26 ? 17.870  4.465   6.291   1.00 26.47 ? 196  GLN B CD  1 
ATOM   631 O  OE1 . GLN B 2 26 ? 16.637  4.488   6.278   1.00 28.44 ? 196  GLN B OE1 1 
ATOM   632 N  NE2 . GLN B 2 26 ? 18.608  5.574   6.290   1.00 28.05 ? 196  GLN B NE2 1 
ATOM   633 N  N   . VAL B 2 27 ? 16.785  -1.110  6.253   1.00 20.57 ? 197  VAL B N   1 
ATOM   634 C  CA  . VAL B 2 27 ? 15.972  -2.252  6.677   1.00 20.13 ? 197  VAL B CA  1 
ATOM   635 C  C   . VAL B 2 27 ? 15.947  -3.293  5.560   1.00 20.16 ? 197  VAL B C   1 
ATOM   636 O  O   . VAL B 2 27 ? 16.164  -2.952  4.393   1.00 20.75 ? 197  VAL B O   1 
ATOM   637 C  CB  . VAL B 2 27 ? 14.499  -1.855  7.034   1.00 19.83 ? 197  VAL B CB  1 
ATOM   638 C  CG1 . VAL B 2 27 ? 14.449  -0.941  8.252   1.00 19.96 ? 197  VAL B CG1 1 
ATOM   639 C  CG2 . VAL B 2 27 ? 13.776  -1.201  5.839   1.00 19.08 ? 197  VAL B CG2 1 
ATOM   640 N  N   . GLU B 2 28 ? 15.684  -4.550  5.920   1.00 20.57 ? 198  GLU B N   1 
ATOM   641 C  CA  . GLU B 2 28 ? 15.575  -5.640  4.949   1.00 21.27 ? 198  GLU B CA  1 
ATOM   642 C  C   . GLU B 2 28 ? 14.280  -5.588  4.138   1.00 20.48 ? 198  GLU B C   1 
ATOM   643 O  O   . GLU B 2 28 ? 14.279  -5.876  2.936   1.00 20.89 ? 198  GLU B O   1 
ATOM   644 C  CB  . GLU B 2 28 ? 15.662  -6.997  5.653   1.00 22.09 ? 198  GLU B CB  1 
ATOM   645 C  CG  . GLU B 2 28 ? 17.072  -7.371  6.096   1.00 27.15 ? 198  GLU B CG  1 
ATOM   646 C  CD  . GLU B 2 28 ? 18.015  -7.607  4.924   1.00 33.35 ? 198  GLU B CD  1 
ATOM   647 O  OE1 . GLU B 2 28 ? 17.576  -8.175  3.900   1.00 36.98 ? 198  GLU B OE1 1 
ATOM   648 O  OE2 . GLU B 2 28 ? 19.197  -7.211  5.024   1.00 37.71 ? 198  GLU B OE2 1 
ATOM   649 N  N   . THR B 2 29 ? 13.184  -5.244  4.813   1.00 18.61 ? 199  THR B N   1 
ATOM   650 C  CA  . THR B 2 29 ? 11.850  -5.235  4.215   1.00 17.64 ? 199  THR B CA  1 
ATOM   651 C  C   . THR B 2 29 ? 11.044  -4.064  4.750   1.00 16.43 ? 199  THR B C   1 
ATOM   652 O  O   . THR B 2 29 ? 11.387  -3.487  5.793   1.00 16.37 ? 199  THR B O   1 
ATOM   653 C  CB  . THR B 2 29 ? 11.027  -6.516  4.531   1.00 17.96 ? 199  THR B CB  1 
ATOM   654 O  OG1 . THR B 2 29 ? 10.468  -6.448  5.853   1.00 17.84 ? 199  THR B OG1 1 
ATOM   655 C  CG2 . THR B 2 29 ? 11.863  -7.784  4.399   1.00 19.53 ? 199  THR B CG2 1 
ATOM   656 N  N   . ILE B 2 30 ? 9.953   -3.754  4.059   1.00 15.53 ? 200  ILE B N   1 
ATOM   657 C  CA  . ILE B 2 30 ? 9.099   -2.625  4.442   1.00 14.47 ? 200  ILE B CA  1 
ATOM   658 C  C   . ILE B 2 30 ? 8.358   -2.864  5.763   1.00 14.59 ? 200  ILE B C   1 
ATOM   659 O  O   . ILE B 2 30 ? 7.779   -1.922  6.311   1.00 14.87 ? 200  ILE B O   1 
ATOM   660 C  CB  . ILE B 2 30 ? 8.086   -2.230  3.321   1.00 13.74 ? 200  ILE B CB  1 
ATOM   661 C  CG1 . ILE B 2 30 ? 7.108   -3.387  2.994   1.00 13.49 ? 200  ILE B CG1 1 
ATOM   662 C  CG2 . ILE B 2 30 ? 8.832   -1.754  2.055   1.00 14.84 ? 200  ILE B CG2 1 
ATOM   663 C  CD1 . ILE B 2 30 ? 5.896   -2.949  2.234   1.00 14.62 ? 200  ILE B CD1 1 
ATOM   664 N  N   . VAL B 2 31 ? 8.374   -4.097  6.280   1.00 14.87 ? 201  VAL B N   1 
ATOM   665 C  CA  . VAL B 2 31 ? 7.754   -4.376  7.589   1.00 15.58 ? 201  VAL B CA  1 
ATOM   666 C  C   . VAL B 2 31 ? 8.783   -4.768  8.656   1.00 16.28 ? 201  VAL B C   1 
ATOM   667 O  O   . VAL B 2 31 ? 8.429   -5.318  9.706   1.00 17.03 ? 201  VAL B O   1 
ATOM   668 C  CB  . VAL B 2 31 ? 6.606   -5.432  7.505   1.00 15.50 ? 201  VAL B CB  1 
ATOM   669 C  CG1 . VAL B 2 31 ? 5.402   -4.879  6.728   1.00 15.46 ? 201  VAL B CG1 1 
ATOM   670 C  CG2 . VAL B 2 31 ? 7.111   -6.733  6.889   1.00 16.50 ? 201  VAL B CG2 1 
ATOM   671 N  N   . SER B 2 32 ? 10.051  -4.458  8.395   1.00 16.59 ? 202  SER B N   1 
ATOM   672 C  CA  . SER B 2 32 ? 11.132  -4.738  9.348   1.00 17.40 ? 202  SER B CA  1 
ATOM   673 C  C   . SER B 2 32 ? 11.204  -3.653  10.422  1.00 17.27 ? 202  SER B C   1 
ATOM   674 O  O   . SER B 2 32 ? 12.209  -2.953  10.542  1.00 16.98 ? 202  SER B O   1 
ATOM   675 C  CB  . SER B 2 32 ? 12.465  -4.856  8.619   1.00 17.78 ? 202  SER B CB  1 
ATOM   676 O  OG  . SER B 2 32 ? 12.416  -5.930  7.703   1.00 19.77 ? 202  SER B OG  1 
ATOM   677 N  N   . PHE B 2 33 ? 10.127  -3.501  11.187  1.00 17.73 ? 203  PHE B N   1 
ATOM   678 C  CA  . PHE B 2 33 ? 10.065  -2.441  12.203  1.00 18.17 ? 203  PHE B CA  1 
ATOM   679 C  C   . PHE B 2 33 ? 11.096  -2.691  13.287  1.00 18.34 ? 203  PHE B C   1 
ATOM   680 O  O   . PHE B 2 33 ? 11.421  -3.837  13.591  1.00 19.12 ? 203  PHE B O   1 
ATOM   681 C  CB  . PHE B 2 33 ? 8.669   -2.333  12.807  1.00 19.06 ? 203  PHE B CB  1 
ATOM   682 C  CG  . PHE B 2 33 ? 7.594   -2.159  11.788  1.00 20.47 ? 203  PHE B CG  1 
ATOM   683 C  CD1 . PHE B 2 33 ? 7.439   -0.959  11.117  1.00 22.92 ? 203  PHE B CD1 1 
ATOM   684 C  CD2 . PHE B 2 33 ? 6.737   -3.211  11.491  1.00 21.48 ? 203  PHE B CD2 1 
ATOM   685 C  CE1 . PHE B 2 33 ? 6.436   -0.807  10.144  1.00 23.91 ? 203  PHE B CE1 1 
ATOM   686 C  CE2 . PHE B 2 33 ? 5.731   -3.063  10.538  1.00 22.62 ? 203  PHE B CE2 1 
ATOM   687 C  CZ  . PHE B 2 33 ? 5.585   -1.862  9.868   1.00 21.80 ? 203  PHE B CZ  1 
ATOM   688 N  N   . HIS B 2 34 ? 11.614  -1.609  13.853  1.00 17.25 ? 204  HIS B N   1 
ATOM   689 C  CA  . HIS B 2 34 ? 12.710  -1.734  14.804  1.00 17.56 ? 204  HIS B CA  1 
ATOM   690 C  C   . HIS B 2 34 ? 12.819  -0.462  15.597  1.00 17.61 ? 204  HIS B C   1 
ATOM   691 O  O   . HIS B 2 34 ? 12.102  0.508   15.358  1.00 15.59 ? 204  HIS B O   1 
ATOM   692 C  CB  . HIS B 2 34 ? 14.009  -1.947  14.035  1.00 17.44 ? 204  HIS B CB  1 
ATOM   693 C  CG  . HIS B 2 34 ? 14.295  -0.853  13.057  1.00 18.56 ? 204  HIS B CG  1 
ATOM   694 N  ND1 . HIS B 2 34 ? 15.173  0.176   13.321  1.00 21.38 ? 204  HIS B ND1 1 
ATOM   695 C  CD2 . HIS B 2 34 ? 13.774  -0.596  11.831  1.00 17.57 ? 204  HIS B CD2 1 
ATOM   696 C  CE1 . HIS B 2 34 ? 15.192  1.012   12.294  1.00 20.79 ? 204  HIS B CE1 1 
ATOM   697 N  NE2 . HIS B 2 34 ? 14.350  0.565   11.379  1.00 20.62 ? 204  HIS B NE2 1 
ATOM   698 N  N   . ILE B 2 35 ? 13.741  -0.484  16.553  1.00 18.79 ? 205  ILE B N   1 
ATOM   699 C  CA  . ILE B 2 35 ? 14.087  0.708   17.301  1.00 20.69 ? 205  ILE B CA  1 
ATOM   700 C  C   . ILE B 2 35 ? 15.346  1.343   16.704  1.00 21.79 ? 205  ILE B C   1 
ATOM   701 O  O   . ILE B 2 35 ? 16.214  0.669   16.139  1.00 24.38 ? 205  ILE B O   1 
ATOM   702 C  CB  . ILE B 2 35 ? 14.250  0.382   18.804  1.00 20.17 ? 205  ILE B CB  1 
ATOM   703 C  CG1 . ILE B 2 35 ? 13.953  1.621   19.647  1.00 21.83 ? 205  ILE B CG1 1 
ATOM   704 C  CG2 . ILE B 2 35 ? 15.620  -0.229  19.110  1.00 22.31 ? 205  ILE B CG2 1 
ATOM   705 C  CD1 . ILE B 2 35 ? 12.455  2.004   19.568  1.00 24.19 ? 205  ILE B CD1 1 
ATOM   706 O  OXT . ILE B 2 35 ? 15.524  2.549   16.734  1.00 22.53 ? 205  ILE B OXT 1 
HETATM 707 NA NA  . NA  C 3 .  ? 0.755   -6.652  0.474   1.00 17.29 ? 1398 NA  A NA  1 
HETATM 708 NA NA  . NA  D 3 .  ? -3.986  -2.757  -0.246  1.00 25.01 ? 1399 NA  A NA  1 
HETATM 709 ZN ZN  . ZN  E 4 .  ? -7.048  7.444   -10.951 1.00 17.21 2 1400 ZN  A ZN  1 
HETATM 710 ZN ZN  . ZN  F 4 .  ? -10.044 4.131   1.851   1.00 20.27 2 1401 ZN  A ZN  1 
HETATM 711 O  O   . HOH G 5 .  ? -15.711 1.020   -6.335  1.00 46.66 ? 2001 HOH A O   1 
HETATM 712 O  O   . HOH G 5 .  ? -16.782 3.736   -5.304  0.50 37.23 ? 2002 HOH A O   1 
HETATM 713 O  O   . HOH G 5 .  ? -1.786  -3.406  -1.745  1.00 33.32 ? 2003 HOH A O   1 
HETATM 714 O  O   . HOH G 5 .  ? -4.359  -9.207  4.514   1.00 48.72 ? 2004 HOH A O   1 
HETATM 715 O  O   . HOH G 5 .  ? 12.195  6.002   -6.051  1.00 45.34 ? 2005 HOH A O   1 
HETATM 716 O  O   . HOH G 5 .  ? 4.728   -4.241  -9.511  1.00 40.18 ? 2006 HOH A O   1 
HETATM 717 O  O   . HOH G 5 .  ? 10.732  6.719   -8.074  1.00 56.46 ? 2007 HOH A O   1 
HETATM 718 O  O   . HOH G 5 .  ? 10.101  -5.669  -5.817  1.00 33.37 ? 2008 HOH A O   1 
HETATM 719 O  O   . HOH G 5 .  ? 6.605   -5.984  -8.650  1.00 46.02 ? 2009 HOH A O   1 
HETATM 720 O  O   . HOH G 5 .  ? 9.780   -7.688  -2.119  1.00 29.40 ? 2010 HOH A O   1 
HETATM 721 O  O   . HOH G 5 .  ? -7.321  9.671   -1.588  1.00 41.42 ? 2011 HOH A O   1 
HETATM 722 O  O   . HOH G 5 .  ? -13.208 1.890   -6.942  1.00 27.15 ? 2012 HOH A O   1 
HETATM 723 O  O   . HOH G 5 .  ? -14.246 4.908   -6.436  1.00 35.22 ? 2013 HOH A O   1 
HETATM 724 O  O   . HOH G 5 .  ? -14.518 8.279   -7.600  1.00 44.63 ? 2014 HOH A O   1 
HETATM 725 O  O   . HOH G 5 .  ? -10.774 12.380  -3.367  1.00 54.40 ? 2015 HOH A O   1 
HETATM 726 O  O   . HOH G 5 .  ? -12.287 5.668   -17.611 1.00 37.25 ? 2016 HOH A O   1 
HETATM 727 O  O   . HOH G 5 .  ? -9.037  4.005   -17.468 1.00 31.75 ? 2017 HOH A O   1 
HETATM 728 O  O   . HOH G 5 .  ? -4.691  -4.035  -12.886 1.00 42.29 ? 2018 HOH A O   1 
HETATM 729 O  O   . HOH G 5 .  ? -5.636  1.076   -19.659 1.00 40.69 ? 2019 HOH A O   1 
HETATM 730 O  O   . HOH G 5 .  ? 4.769   -0.826  -11.527 1.00 36.30 ? 2020 HOH A O   1 
HETATM 731 O  O   . HOH G 5 .  ? -2.867  -4.011  -10.878 1.00 36.44 ? 2021 HOH A O   1 
HETATM 732 O  O   . HOH G 5 .  ? -3.172  -4.846  -6.139  1.00 49.34 ? 2022 HOH A O   1 
HETATM 733 O  O   . HOH G 5 .  ? -4.110  -3.769  -3.847  1.00 27.51 ? 2023 HOH A O   1 
HETATM 734 O  O   . HOH G 5 .  ? -4.679  -8.645  1.861   1.00 43.33 ? 2024 HOH A O   1 
HETATM 735 O  O   . HOH G 5 .  ? -10.975 -3.530  4.738   1.00 36.23 ? 2025 HOH A O   1 
HETATM 736 O  O   . HOH G 5 .  ? -3.258  -7.022  -0.175  1.00 31.32 ? 2026 HOH A O   1 
HETATM 737 O  O   . HOH G 5 .  ? -5.335  -5.930  -2.859  1.00 37.77 ? 2027 HOH A O   1 
HETATM 738 O  O   . HOH G 5 .  ? -13.721 -2.715  5.035   1.00 26.61 ? 2028 HOH A O   1 
HETATM 739 O  O   . HOH G 5 .  ? -15.259 -0.822  -4.281  1.00 54.01 ? 2029 HOH A O   1 
HETATM 740 O  O   . HOH G 5 .  ? -9.949  -5.608  3.554   1.00 55.84 ? 2030 HOH A O   1 
HETATM 741 O  O   . HOH G 5 .  ? -13.497 -4.395  -3.151  1.00 51.92 ? 2031 HOH A O   1 
HETATM 742 O  O   . HOH G 5 .  ? -14.124 8.604   -4.325  1.00 45.74 ? 2032 HOH A O   1 
HETATM 743 O  O   . HOH G 5 .  ? -12.738 6.928   0.458   1.00 34.95 ? 2033 HOH A O   1 
HETATM 744 O  O   . HOH G 5 .  ? -13.015 -5.550  -5.475  1.00 44.90 ? 2034 HOH A O   1 
HETATM 745 O  O   . HOH G 5 .  ? 4.593   6.651   -12.563 1.00 46.90 ? 2035 HOH A O   1 
HETATM 746 O  O   . HOH G 5 .  ? 3.980   7.821   -10.185 1.00 32.70 ? 2036 HOH A O   1 
HETATM 747 O  O   . HOH G 5 .  ? 2.402   8.139   -8.102  1.00 35.26 ? 2037 HOH A O   1 
HETATM 748 O  O   . HOH G 5 .  ? 1.430   10.906  -9.328  1.00 35.24 ? 2038 HOH A O   1 
HETATM 749 O  O   . HOH G 5 .  ? -1.367  3.594   -12.018 1.00 23.24 ? 2039 HOH A O   1 
HETATM 750 O  O   . HOH G 5 .  ? -3.622  12.687  -7.043  1.00 31.26 ? 2040 HOH A O   1 
HETATM 751 O  O   . HOH G 5 .  ? 4.181   11.183  -3.981  1.00 48.51 ? 2041 HOH A O   1 
HETATM 752 O  O   . HOH G 5 .  ? 10.376  4.361   -4.205  1.00 29.28 ? 2042 HOH A O   1 
HETATM 753 O  O   . HOH G 5 .  ? 5.943   -1.917  -9.431  1.00 25.96 ? 2043 HOH A O   1 
HETATM 754 O  O   . HOH G 5 .  ? 9.600   0.051   -11.899 1.00 36.77 ? 2044 HOH A O   1 
HETATM 755 O  O   . HOH G 5 .  ? 7.620   5.760   -9.582  1.00 23.10 ? 2045 HOH A O   1 
HETATM 756 O  O   . HOH G 5 .  ? 12.795  3.457   -7.052  1.00 25.49 ? 2046 HOH A O   1 
HETATM 757 O  O   . HOH G 5 .  ? 9.752   3.865   -8.427  1.00 24.58 ? 2047 HOH A O   1 
HETATM 758 O  O   . HOH G 5 .  ? 9.362   -3.047  -6.117  1.00 22.20 ? 2048 HOH A O   1 
HETATM 759 O  O   . HOH G 5 .  ? 10.356  -0.242  -9.404  1.00 34.50 ? 2049 HOH A O   1 
HETATM 760 O  O   . HOH G 5 .  ? 6.433   -0.061  0.137   1.00 20.98 ? 2050 HOH A O   1 
HETATM 761 O  O   . HOH G 5 .  ? 0.004   -4.320  -11.178 1.00 44.57 ? 2051 HOH A O   1 
HETATM 762 O  O   . HOH G 5 .  ? 5.561   -7.112  -6.431  1.00 34.65 ? 2052 HOH A O   1 
HETATM 763 O  O   . HOH G 5 .  ? 8.284   -6.585  -0.146  1.00 19.79 ? 2053 HOH A O   1 
HETATM 764 O  O   . HOH G 5 .  ? 2.962   -5.813  -8.127  1.00 50.13 ? 2054 HOH A O   1 
HETATM 765 O  O   . HOH G 5 .  ? 0.459   -8.690  -0.697  1.00 39.27 ? 2055 HOH A O   1 
HETATM 766 O  O   . HOH G 5 .  ? 8.377   -10.238 5.280   1.00 40.30 ? 2056 HOH A O   1 
HETATM 767 O  O   . HOH G 5 .  ? 5.408   -11.942 5.162   1.00 48.03 ? 2057 HOH A O   1 
HETATM 768 O  O   . HOH G 5 .  ? 8.612   -8.018  1.992   1.00 36.56 ? 2058 HOH A O   1 
HETATM 769 O  O   . HOH G 5 .  ? 4.968   -11.917 1.777   1.00 32.33 ? 2059 HOH A O   1 
HETATM 770 O  O   . HOH G 5 .  ? 4.908   -8.583  9.353   1.00 32.72 ? 2060 HOH A O   1 
HETATM 771 O  O   . HOH G 5 .  ? -0.934  -5.815  -1.004  1.00 25.72 ? 2061 HOH A O   1 
HETATM 772 O  O   . HOH G 5 .  ? -1.080  -8.197  1.047   1.00 36.55 ? 2062 HOH A O   1 
HETATM 773 O  O   . HOH G 5 .  ? -5.226  8.238   -1.170  1.00 25.85 ? 2063 HOH A O   1 
HETATM 774 O  O   . HOH G 5 .  ? -2.546  6.896   1.668   1.00 20.21 ? 2064 HOH A O   1 
HETATM 775 O  O   . HOH G 5 .  ? -9.673  8.528   -0.802  1.00 36.11 ? 2065 HOH A O   1 
HETATM 776 O  O   . HOH H 5 .  ? -9.777  -27.583 12.162  1.00 52.18 ? 2001 HOH B O   1 
HETATM 777 O  O   . HOH H 5 .  ? -3.920  -22.126 14.371  1.00 56.66 ? 2002 HOH B O   1 
HETATM 778 O  O   . HOH H 5 .  ? -2.901  -17.160 16.023  1.00 34.40 ? 2003 HOH B O   1 
HETATM 779 O  O   . HOH H 5 .  ? -1.304  -11.275 6.018   1.00 29.79 ? 2004 HOH B O   1 
HETATM 780 O  O   . HOH H 5 .  ? -5.539  -11.524 4.707   1.00 37.16 ? 2005 HOH B O   1 
HETATM 781 O  O   . HOH H 5 .  ? 2.435   -9.344  10.952  1.00 31.05 ? 2006 HOH B O   1 
HETATM 782 O  O   . HOH H 5 .  ? 0.836   -11.669 12.644  1.00 32.88 ? 2007 HOH B O   1 
HETATM 783 O  O   . HOH H 5 .  ? -0.137  -10.646 8.328   1.00 25.12 ? 2008 HOH B O   1 
HETATM 784 O  O   . HOH H 5 .  ? 3.294   -8.669  13.474  1.00 40.67 ? 2009 HOH B O   1 
HETATM 785 O  O   . HOH H 5 .  ? -2.482  9.572   5.148   1.00 49.10 ? 2010 HOH B O   1 
HETATM 786 O  O   . HOH H 5 .  ? 8.103   10.061  -3.616  1.00 45.73 ? 2011 HOH B O   1 
HETATM 787 O  O   . HOH H 5 .  ? -2.474  8.606   -1.402  1.00 20.19 ? 2012 HOH B O   1 
HETATM 788 O  O   . HOH H 5 .  ? 9.509   8.317   -2.214  1.00 27.55 ? 2013 HOH B O   1 
HETATM 789 O  O   . HOH H 5 .  ? -0.134  9.533   2.498   1.00 19.19 ? 2014 HOH B O   1 
HETATM 790 O  O   . HOH H 5 .  ? 6.951   9.551   1.792   1.00 31.36 ? 2015 HOH B O   1 
HETATM 791 O  O   . HOH H 5 .  ? 7.579   3.815   6.331   1.00 40.58 ? 2016 HOH B O   1 
HETATM 792 O  O   . HOH H 5 .  ? 20.295  -3.479  1.283   1.00 43.46 ? 2017 HOH B O   1 
HETATM 793 O  O   . HOH H 5 .  ? 9.691   8.928   0.597   1.00 33.66 ? 2018 HOH B O   1 
HETATM 794 O  O   . HOH H 5 .  ? 9.678   5.606   -2.362  1.00 32.14 ? 2019 HOH B O   1 
HETATM 795 O  O   . HOH H 5 .  ? 5.564   10.348  -0.374  1.00 27.38 ? 2020 HOH B O   1 
HETATM 796 O  O   . HOH H 5 .  ? 13.918  -5.651  -1.757  1.00 30.03 ? 2021 HOH B O   1 
HETATM 797 O  O   . HOH H 5 .  ? 12.735  6.511   4.722   1.00 34.83 ? 2022 HOH B O   1 
HETATM 798 O  O   . HOH H 5 .  ? 11.394  -8.048  11.387  1.00 43.47 ? 2023 HOH B O   1 
HETATM 799 O  O   . HOH H 5 .  ? 16.707  5.104   13.361  1.00 46.69 ? 2024 HOH B O   1 
HETATM 800 O  O   . HOH H 5 .  ? 17.890  -3.004  -0.755  1.00 40.97 ? 2025 HOH B O   1 
HETATM 801 O  O   . HOH H 5 .  ? 22.353  4.557   1.864   1.00 37.81 ? 2026 HOH B O   1 
HETATM 802 O  O   . HOH H 5 .  ? 18.428  8.470   5.716   1.00 47.77 ? 2027 HOH B O   1 
HETATM 803 O  O   . HOH H 5 .  ? 17.690  -3.244  2.081   1.00 31.25 ? 2028 HOH B O   1 
HETATM 804 O  O   . HOH H 5 .  ? 12.559  -6.087  0.830   1.00 24.52 ? 2029 HOH B O   1 
HETATM 805 O  O   . HOH H 5 .  ? 16.081  -5.155  8.665   1.00 23.95 ? 2030 HOH B O   1 
HETATM 806 O  O   . HOH H 5 .  ? 9.980   -8.972  6.901   1.00 32.26 ? 2031 HOH B O   1 
HETATM 807 O  O   . HOH H 5 .  ? 10.038  -5.064  1.429   1.00 18.27 ? 2032 HOH B O   1 
HETATM 808 O  O   . HOH H 5 .  ? 6.953   -7.487  10.617  1.00 27.97 ? 2033 HOH B O   1 
HETATM 809 O  O   . HOH H 5 .  ? 13.249  -8.162  8.794   1.00 39.15 ? 2034 HOH B O   1 
HETATM 810 O  O   . HOH H 5 .  ? 14.936  -3.789  10.778  1.00 24.96 ? 2035 HOH B O   1 
HETATM 811 O  O   . HOH H 5 .  ? 15.351  -3.063  16.861  1.00 27.73 ? 2036 HOH B O   1 
HETATM 812 O  O   . HOH H 5 .  ? 17.663  3.528   15.547  1.00 32.94 ? 2037 HOH B O   1 
# 
loop_
_pdbx_poly_seq_scheme.asym_id 
_pdbx_poly_seq_scheme.entity_id 
_pdbx_poly_seq_scheme.seq_id 
_pdbx_poly_seq_scheme.mon_id 
_pdbx_poly_seq_scheme.ndb_seq_num 
_pdbx_poly_seq_scheme.pdb_seq_num 
_pdbx_poly_seq_scheme.auth_seq_num 
_pdbx_poly_seq_scheme.pdb_mon_id 
_pdbx_poly_seq_scheme.auth_mon_id 
_pdbx_poly_seq_scheme.pdb_strand_id 
_pdbx_poly_seq_scheme.pdb_ins_code 
_pdbx_poly_seq_scheme.hetero 
A 1 1  GLY 1  333 ?   ?   ?   A . n 
A 1 2  HIS 2  334 ?   ?   ?   A . n 
A 1 3  SER 3  335 ?   ?   ?   A . n 
A 1 4  SER 4  336 ?   ?   ?   A . n 
A 1 5  SER 5  337 ?   ?   ?   A . n 
A 1 6  ASP 6  338 ?   ?   ?   A . n 
A 1 7  PRO 7  339 ?   ?   ?   A . n 
A 1 8  VAL 8  340 ?   ?   ?   A . n 
A 1 9  TYR 9  341 341 TYR TYR A . n 
A 1 10 PRO 10 342 342 PRO PRO A . n 
A 1 11 CYS 11 343 343 CYS CYS A . n 
A 1 12 GLY 12 344 344 GLY GLY A . n 
A 1 13 ILE 13 345 345 ILE ILE A . n 
A 1 14 CYS 14 346 346 CYS CYS A . n 
A 1 15 THR 15 347 347 THR THR A . n 
A 1 16 ASN 16 348 348 ASN ASN A . n 
A 1 17 GLU 17 349 349 GLU GLU A . n 
A 1 18 VAL 18 350 350 VAL VAL A . n 
A 1 19 ASN 19 351 351 ASN ASN A . n 
A 1 20 ASP 20 352 352 ASP ASP A . n 
A 1 21 ASP 21 353 353 ASP ASP A . n 
A 1 22 GLN 22 354 354 GLN GLN A . n 
A 1 23 ASP 23 355 355 ASP ASP A . n 
A 1 24 ALA 24 356 356 ALA ALA A . n 
A 1 25 ILE 25 357 357 ILE ILE A . n 
A 1 26 LEU 26 358 358 LEU LEU A . n 
A 1 27 CYS 27 359 359 CYS CYS A . n 
A 1 28 GLU 28 360 360 GLU GLU A . n 
A 1 29 ALA 29 361 361 ALA ALA A . n 
A 1 30 SER 30 362 362 SER SER A . n 
A 1 31 CYS 31 363 363 CYS CYS A . n 
A 1 32 GLN 32 364 364 GLN GLN A . n 
A 1 33 LYS 33 365 365 LYS LYS A . n 
A 1 34 TRP 34 366 366 TRP TRP A . n 
A 1 35 PHE 35 367 367 PHE PHE A . n 
A 1 36 HIS 36 368 368 HIS HIS A . n 
A 1 37 ARG 37 369 369 ARG ARG A . n 
A 1 38 ILE 38 370 370 ILE ILE A . n 
A 1 39 CYS 39 371 371 CYS CYS A . n 
A 1 40 THR 40 372 372 THR THR A . n 
A 1 41 GLY 41 373 373 GLY GLY A . n 
A 1 42 MET 42 374 374 MET MET A . n 
A 1 43 THR 43 375 375 THR THR A . n 
A 1 44 GLU 44 376 376 GLU GLU A . n 
A 1 45 THR 45 377 377 THR THR A . n 
A 1 46 ALA 46 378 378 ALA ALA A . n 
A 1 47 TYR 47 379 379 TYR TYR A . n 
A 1 48 GLY 48 380 380 GLY GLY A . n 
A 1 49 LEU 49 381 381 LEU LEU A . n 
A 1 50 LEU 50 382 382 LEU LEU A . n 
A 1 51 THR 51 383 383 THR THR A . n 
A 1 52 ALA 52 384 384 ALA ALA A . n 
A 1 53 GLU 53 385 385 GLU GLU A . n 
A 1 54 ALA 54 386 386 ALA ALA A . n 
A 1 55 SER 55 387 387 SER SER A . n 
A 1 56 ALA 56 388 388 ALA ALA A . n 
A 1 57 VAL 57 389 389 VAL VAL A . n 
A 1 58 TRP 58 390 390 TRP TRP A . n 
A 1 59 GLY 59 391 391 GLY GLY A . n 
A 1 60 CYS 60 392 392 CYS CYS A . n 
A 1 61 ASP 61 393 393 ASP ASP A . n 
A 1 62 THR 62 394 394 THR THR A . n 
A 1 63 CYS 63 395 395 CYS CYS A . n 
A 1 64 MET 64 396 396 MET MET A . n 
A 1 65 ALA 65 397 397 ALA ALA A . n 
B 2 1  ALA 1  171 171 ALA ALA B . n 
B 2 2  MET 2  172 172 MET MET B . n 
B 2 3  ALA 3  173 173 ALA ALA B . n 
B 2 4  ALA 4  174 174 ALA ALA B . n 
B 2 5  LYS 5  175 175 LYS LYS B . n 
B 2 6  VAL 6  176 176 VAL VAL B . n 
B 2 7  VAL 7  177 177 VAL VAL B . n 
B 2 8  TYR 8  178 178 TYR TYR B . n 
B 2 9  VAL 9  179 179 VAL VAL B . n 
B 2 10 PHE 10 180 180 PHE PHE B . n 
B 2 11 SER 11 181 181 SER SER B . n 
B 2 12 THR 12 182 182 THR THR B . n 
B 2 13 GLU 13 183 183 GLU GLU B . n 
B 2 14 MET 14 184 184 MET MET B . n 
B 2 15 ALA 15 185 185 ALA ALA B . n 
B 2 16 ASN 16 186 186 ASN ASN B . n 
B 2 17 LYS 17 187 187 LYS LYS B . n 
B 2 18 ALA 18 188 188 ALA ALA B . n 
B 2 19 ALA 19 189 189 ALA ALA B . n 
B 2 20 GLU 20 190 190 GLU GLU B . n 
B 2 21 ALA 21 191 191 ALA ALA B . n 
B 2 22 VAL 22 192 192 VAL VAL B . n 
B 2 23 LEU 23 193 193 LEU LEU B . n 
B 2 24 LYS 24 194 194 LYS LYS B . n 
B 2 25 GLY 25 195 195 GLY GLY B . n 
B 2 26 GLN 26 196 196 GLN GLN B . n 
B 2 27 VAL 27 197 197 VAL VAL B . n 
B 2 28 GLU 28 198 198 GLU GLU B . n 
B 2 29 THR 29 199 199 THR THR B . n 
B 2 30 ILE 30 200 200 ILE ILE B . n 
B 2 31 VAL 31 201 201 VAL VAL B . n 
B 2 32 SER 32 202 202 SER SER B . n 
B 2 33 PHE 33 203 203 PHE PHE B . n 
B 2 34 HIS 34 204 204 HIS HIS B . n 
B 2 35 ILE 35 205 205 ILE ILE B . n 
# 
loop_
_pdbx_nonpoly_scheme.asym_id 
_pdbx_nonpoly_scheme.entity_id 
_pdbx_nonpoly_scheme.mon_id 
_pdbx_nonpoly_scheme.ndb_seq_num 
_pdbx_nonpoly_scheme.pdb_seq_num 
_pdbx_nonpoly_scheme.auth_seq_num 
_pdbx_nonpoly_scheme.pdb_mon_id 
_pdbx_nonpoly_scheme.auth_mon_id 
_pdbx_nonpoly_scheme.pdb_strand_id 
_pdbx_nonpoly_scheme.pdb_ins_code 
C 3 NA  1  1398 1398 NA  NA  A . 
D 3 NA  1  1399 1399 NA  NA  A . 
E 4 ZN  1  1400 1400 ZN  ZN  A . 
F 4 ZN  1  1401 1401 ZN  ZN  A . 
G 5 HOH 1  2001 2001 HOH HOH A . 
G 5 HOH 2  2002 2002 HOH HOH A . 
G 5 HOH 3  2003 2003 HOH HOH A . 
G 5 HOH 4  2004 2004 HOH HOH A . 
G 5 HOH 5  2005 2005 HOH HOH A . 
G 5 HOH 6  2006 2006 HOH HOH A . 
G 5 HOH 7  2007 2007 HOH HOH A . 
G 5 HOH 8  2008 2008 HOH HOH A . 
G 5 HOH 9  2009 2009 HOH HOH A . 
G 5 HOH 10 2010 2010 HOH HOH A . 
G 5 HOH 11 2011 2011 HOH HOH A . 
G 5 HOH 12 2012 2012 HOH HOH A . 
G 5 HOH 13 2013 2013 HOH HOH A . 
G 5 HOH 14 2014 2014 HOH HOH A . 
G 5 HOH 15 2015 2015 HOH HOH A . 
G 5 HOH 16 2016 2016 HOH HOH A . 
G 5 HOH 17 2017 2017 HOH HOH A . 
G 5 HOH 18 2018 2018 HOH HOH A . 
G 5 HOH 19 2019 2019 HOH HOH A . 
G 5 HOH 20 2020 2020 HOH HOH A . 
G 5 HOH 21 2021 2021 HOH HOH A . 
G 5 HOH 22 2022 2022 HOH HOH A . 
G 5 HOH 23 2023 2023 HOH HOH A . 
G 5 HOH 24 2024 2024 HOH HOH A . 
G 5 HOH 25 2025 2025 HOH HOH A . 
G 5 HOH 26 2026 2026 HOH HOH A . 
G 5 HOH 27 2027 2027 HOH HOH A . 
G 5 HOH 28 2028 2028 HOH HOH A . 
G 5 HOH 29 2029 2029 HOH HOH A . 
G 5 HOH 30 2030 2030 HOH HOH A . 
G 5 HOH 31 2031 2031 HOH HOH A . 
G 5 HOH 32 2032 2032 HOH HOH A . 
G 5 HOH 33 2033 2033 HOH HOH A . 
G 5 HOH 34 2034 2034 HOH HOH A . 
G 5 HOH 35 2035 2035 HOH HOH A . 
G 5 HOH 36 2036 2036 HOH HOH A . 
G 5 HOH 37 2037 2037 HOH HOH A . 
G 5 HOH 38 2038 2038 HOH HOH A . 
G 5 HOH 39 2039 2039 HOH HOH A . 
G 5 HOH 40 2040 2040 HOH HOH A . 
G 5 HOH 41 2041 2041 HOH HOH A . 
G 5 HOH 42 2042 2042 HOH HOH A . 
G 5 HOH 43 2043 2043 HOH HOH A . 
G 5 HOH 44 2044 2044 HOH HOH A . 
G 5 HOH 45 2045 2045 HOH HOH A . 
G 5 HOH 46 2046 2046 HOH HOH A . 
G 5 HOH 47 2047 2047 HOH HOH A . 
G 5 HOH 48 2048 2048 HOH HOH A . 
G 5 HOH 49 2049 2049 HOH HOH A . 
G 5 HOH 50 2050 2050 HOH HOH A . 
G 5 HOH 51 2051 2051 HOH HOH A . 
G 5 HOH 52 2052 2052 HOH HOH A . 
G 5 HOH 53 2053 2053 HOH HOH A . 
G 5 HOH 54 2054 2054 HOH HOH A . 
G 5 HOH 55 2055 2055 HOH HOH A . 
G 5 HOH 56 2056 2056 HOH HOH A . 
G 5 HOH 57 2057 2057 HOH HOH A . 
G 5 HOH 58 2058 2058 HOH HOH A . 
G 5 HOH 59 2059 2059 HOH HOH A . 
G 5 HOH 60 2060 2060 HOH HOH A . 
G 5 HOH 61 2061 2061 HOH HOH A . 
G 5 HOH 62 2062 2062 HOH HOH A . 
G 5 HOH 63 2063 2063 HOH HOH A . 
G 5 HOH 64 2064 2064 HOH HOH A . 
G 5 HOH 65 2065 2065 HOH HOH A . 
H 5 HOH 1  2001 2001 HOH HOH B . 
H 5 HOH 2  2002 2002 HOH HOH B . 
H 5 HOH 3  2003 2003 HOH HOH B . 
H 5 HOH 4  2004 2004 HOH HOH B . 
H 5 HOH 5  2005 2005 HOH HOH B . 
H 5 HOH 6  2006 2006 HOH HOH B . 
H 5 HOH 7  2007 2007 HOH HOH B . 
H 5 HOH 8  2008 2008 HOH HOH B . 
H 5 HOH 9  2009 2009 HOH HOH B . 
H 5 HOH 10 2010 2010 HOH HOH B . 
H 5 HOH 11 2011 2011 HOH HOH B . 
H 5 HOH 12 2012 2012 HOH HOH B . 
H 5 HOH 13 2013 2013 HOH HOH B . 
H 5 HOH 14 2014 2014 HOH HOH B . 
H 5 HOH 15 2015 2015 HOH HOH B . 
H 5 HOH 16 2016 2016 HOH HOH B . 
H 5 HOH 17 2017 2017 HOH HOH B . 
H 5 HOH 18 2018 2018 HOH HOH B . 
H 5 HOH 19 2019 2019 HOH HOH B . 
H 5 HOH 20 2020 2020 HOH HOH B . 
H 5 HOH 21 2021 2021 HOH HOH B . 
H 5 HOH 22 2022 2022 HOH HOH B . 
H 5 HOH 23 2023 2023 HOH HOH B . 
H 5 HOH 24 2024 2024 HOH HOH B . 
H 5 HOH 25 2025 2025 HOH HOH B . 
H 5 HOH 26 2026 2026 HOH HOH B . 
H 5 HOH 27 2027 2027 HOH HOH B . 
H 5 HOH 28 2028 2028 HOH HOH B . 
H 5 HOH 29 2029 2029 HOH HOH B . 
H 5 HOH 30 2030 2030 HOH HOH B . 
H 5 HOH 31 2031 2031 HOH HOH B . 
H 5 HOH 32 2032 2032 HOH HOH B . 
H 5 HOH 33 2033 2033 HOH HOH B . 
H 5 HOH 34 2034 2034 HOH HOH B . 
H 5 HOH 35 2035 2035 HOH HOH B . 
H 5 HOH 36 2036 2036 HOH HOH B . 
H 5 HOH 37 2037 2037 HOH HOH B . 
# 
_pdbx_struct_assembly.id                   1 
_pdbx_struct_assembly.details              author_and_software_defined_assembly 
_pdbx_struct_assembly.method_details       PQS 
_pdbx_struct_assembly.oligomeric_details   dimeric 
_pdbx_struct_assembly.oligomeric_count     2 
# 
_pdbx_struct_assembly_gen.assembly_id       1 
_pdbx_struct_assembly_gen.oper_expression   1 
_pdbx_struct_assembly_gen.asym_id_list      A,B,C,D,E,F,G,H 
# 
loop_
_pdbx_struct_assembly_prop.biol_id 
_pdbx_struct_assembly_prop.type 
_pdbx_struct_assembly_prop.value 
_pdbx_struct_assembly_prop.details 
1 'ABSA (A^2)' 1430 ? 
1 MORE         -14  ? 
1 'SSA (A^2)'  7250 ? 
# 
_pdbx_struct_oper_list.id                   1 
_pdbx_struct_oper_list.type                 'identity operation' 
_pdbx_struct_oper_list.name                 1_555 
_pdbx_struct_oper_list.symmetry_operation   x,y,z 
_pdbx_struct_oper_list.matrix[1][1]         1.0000000000 
_pdbx_struct_oper_list.matrix[1][2]         0.0000000000 
_pdbx_struct_oper_list.matrix[1][3]         0.0000000000 
_pdbx_struct_oper_list.vector[1]            0.0000000000 
_pdbx_struct_oper_list.matrix[2][1]         0.0000000000 
_pdbx_struct_oper_list.matrix[2][2]         1.0000000000 
_pdbx_struct_oper_list.matrix[2][3]         0.0000000000 
_pdbx_struct_oper_list.vector[2]            0.0000000000 
_pdbx_struct_oper_list.matrix[3][1]         0.0000000000 
_pdbx_struct_oper_list.matrix[3][2]         0.0000000000 
_pdbx_struct_oper_list.matrix[3][3]         1.0000000000 
_pdbx_struct_oper_list.vector[3]            0.0000000000 
# 
_pdbx_struct_special_symmetry.id              1 
_pdbx_struct_special_symmetry.PDB_model_num   1 
_pdbx_struct_special_symmetry.auth_asym_id    A 
_pdbx_struct_special_symmetry.auth_comp_id    HOH 
_pdbx_struct_special_symmetry.auth_seq_id     2002 
_pdbx_struct_special_symmetry.PDB_ins_code    ? 
_pdbx_struct_special_symmetry.label_asym_id   G 
_pdbx_struct_special_symmetry.label_comp_id   HOH 
_pdbx_struct_special_symmetry.label_seq_id    . 
# 
loop_
_pdbx_struct_conn_angle.id 
_pdbx_struct_conn_angle.ptnr1_label_atom_id 
_pdbx_struct_conn_angle.ptnr1_label_alt_id 
_pdbx_struct_conn_angle.ptnr1_label_asym_id 
_pdbx_struct_conn_angle.ptnr1_label_comp_id 
_pdbx_struct_conn_angle.ptnr1_label_seq_id 
_pdbx_struct_conn_angle.ptnr1_auth_atom_id 
_pdbx_struct_conn_angle.ptnr1_auth_asym_id 
_pdbx_struct_conn_angle.ptnr1_auth_comp_id 
_pdbx_struct_conn_angle.ptnr1_auth_seq_id 
_pdbx_struct_conn_angle.ptnr1_PDB_ins_code 
_pdbx_struct_conn_angle.ptnr1_symmetry 
_pdbx_struct_conn_angle.ptnr2_label_atom_id 
_pdbx_struct_conn_angle.ptnr2_label_alt_id 
_pdbx_struct_conn_angle.ptnr2_label_asym_id 
_pdbx_struct_conn_angle.ptnr2_label_comp_id 
_pdbx_struct_conn_angle.ptnr2_label_seq_id 
_pdbx_struct_conn_angle.ptnr2_auth_atom_id 
_pdbx_struct_conn_angle.ptnr2_auth_asym_id 
_pdbx_struct_conn_angle.ptnr2_auth_comp_id 
_pdbx_struct_conn_angle.ptnr2_auth_seq_id 
_pdbx_struct_conn_angle.ptnr2_PDB_ins_code 
_pdbx_struct_conn_angle.ptnr2_symmetry 
_pdbx_struct_conn_angle.ptnr3_label_atom_id 
_pdbx_struct_conn_angle.ptnr3_label_alt_id 
_pdbx_struct_conn_angle.ptnr3_label_asym_id 
_pdbx_struct_conn_angle.ptnr3_label_comp_id 
_pdbx_struct_conn_angle.ptnr3_label_seq_id 
_pdbx_struct_conn_angle.ptnr3_auth_atom_id 
_pdbx_struct_conn_angle.ptnr3_auth_asym_id 
_pdbx_struct_conn_angle.ptnr3_auth_comp_id 
_pdbx_struct_conn_angle.ptnr3_auth_seq_id 
_pdbx_struct_conn_angle.ptnr3_PDB_ins_code 
_pdbx_struct_conn_angle.ptnr3_symmetry 
_pdbx_struct_conn_angle.value 
_pdbx_struct_conn_angle.value_esd 
1  SG  ? A CYS 11 ? A CYS 343  ? 1_555 ZN ? E ZN . ? A ZN 1400 ? 1_555 SG  ? A CYS 14 ? A CYS 346  ? 1_555 110.6 ? 
2  SG  ? A CYS 11 ? A CYS 343  ? 1_555 ZN ? E ZN . ? A ZN 1400 ? 1_555 ND1 ? A HIS 36 ? A HIS 368  ? 1_555 103.0 ? 
3  SG  ? A CYS 14 ? A CYS 346  ? 1_555 ZN ? E ZN . ? A ZN 1400 ? 1_555 ND1 ? A HIS 36 ? A HIS 368  ? 1_555 98.7  ? 
4  SG  ? A CYS 11 ? A CYS 343  ? 1_555 ZN ? E ZN . ? A ZN 1400 ? 1_555 SG  ? A CYS 39 ? A CYS 371  ? 1_555 117.3 ? 
5  SG  ? A CYS 14 ? A CYS 346  ? 1_555 ZN ? E ZN . ? A ZN 1400 ? 1_555 SG  ? A CYS 39 ? A CYS 371  ? 1_555 112.5 ? 
6  ND1 ? A HIS 36 ? A HIS 368  ? 1_555 ZN ? E ZN . ? A ZN 1400 ? 1_555 SG  ? A CYS 39 ? A CYS 371  ? 1_555 112.8 ? 
7  SG  ? A CYS 27 ? A CYS 359  ? 1_555 ZN ? F ZN . ? A ZN 1401 ? 1_555 SG  ? A CYS 31 ? A CYS 363  ? 1_555 108.6 ? 
8  SG  ? A CYS 27 ? A CYS 359  ? 1_555 ZN ? F ZN . ? A ZN 1401 ? 1_555 SG  ? A CYS 60 ? A CYS 392  ? 1_555 113.6 ? 
9  SG  ? A CYS 31 ? A CYS 363  ? 1_555 ZN ? F ZN . ? A ZN 1401 ? 1_555 SG  ? A CYS 60 ? A CYS 392  ? 1_555 113.6 ? 
10 SG  ? A CYS 27 ? A CYS 359  ? 1_555 ZN ? F ZN . ? A ZN 1401 ? 1_555 SG  ? A CYS 63 ? A CYS 395  ? 1_555 108.4 ? 
11 SG  ? A CYS 31 ? A CYS 363  ? 1_555 ZN ? F ZN . ? A ZN 1401 ? 1_555 SG  ? A CYS 63 ? A CYS 395  ? 1_555 107.8 ? 
12 SG  ? A CYS 60 ? A CYS 392  ? 1_555 ZN ? F ZN . ? A ZN 1401 ? 1_555 SG  ? A CYS 63 ? A CYS 395  ? 1_555 104.6 ? 
13 O   ? A LEU 50 ? A LEU 382  ? 1_555 NA ? C NA . ? A NA 1398 ? 1_555 O   ? A GLU 53 ? A GLU 385  ? 1_555 89.9  ? 
14 O   ? A LEU 50 ? A LEU 382  ? 1_555 NA ? C NA . ? A NA 1398 ? 1_555 O   ? A ALA 56 ? A ALA 388  ? 1_555 104.1 ? 
15 O   ? A GLU 53 ? A GLU 385  ? 1_555 NA ? C NA . ? A NA 1398 ? 1_555 O   ? A ALA 56 ? A ALA 388  ? 1_555 90.3  ? 
16 O   ? A LEU 50 ? A LEU 382  ? 1_555 NA ? C NA . ? A NA 1398 ? 1_555 O   ? G HOH .  ? A HOH 2055 ? 1_555 109.0 ? 
17 O   ? A GLU 53 ? A GLU 385  ? 1_555 NA ? C NA . ? A NA 1398 ? 1_555 O   ? G HOH .  ? A HOH 2055 ? 1_555 84.2  ? 
18 O   ? A ALA 56 ? A ALA 388  ? 1_555 NA ? C NA . ? A NA 1398 ? 1_555 O   ? G HOH .  ? A HOH 2055 ? 1_555 146.3 ? 
19 O   ? A LEU 50 ? A LEU 382  ? 1_555 NA ? C NA . ? A NA 1398 ? 1_555 O   ? G HOH .  ? A HOH 2061 ? 1_555 95.3  ? 
20 O   ? A GLU 53 ? A GLU 385  ? 1_555 NA ? C NA . ? A NA 1398 ? 1_555 O   ? G HOH .  ? A HOH 2061 ? 1_555 168.8 ? 
21 O   ? A ALA 56 ? A ALA 388  ? 1_555 NA ? C NA . ? A NA 1398 ? 1_555 O   ? G HOH .  ? A HOH 2061 ? 1_555 98.0  ? 
22 O   ? G HOH .  ? A HOH 2055 ? 1_555 NA ? C NA . ? A NA 1398 ? 1_555 O   ? G HOH .  ? A HOH 2061 ? 1_555 84.7  ? 
23 O   ? A LEU 50 ? A LEU 382  ? 1_555 NA ? C NA . ? A NA 1398 ? 1_555 O   ? G HOH .  ? A HOH 2062 ? 1_555 167.4 ? 
24 O   ? A GLU 53 ? A GLU 385  ? 1_555 NA ? C NA . ? A NA 1398 ? 1_555 O   ? G HOH .  ? A HOH 2062 ? 1_555 92.2  ? 
25 O   ? A ALA 56 ? A ALA 388  ? 1_555 NA ? C NA . ? A NA 1398 ? 1_555 O   ? G HOH .  ? A HOH 2062 ? 1_555 88.3  ? 
26 O   ? G HOH .  ? A HOH 2055 ? 1_555 NA ? C NA . ? A NA 1398 ? 1_555 O   ? G HOH .  ? A HOH 2062 ? 1_555 58.9  ? 
27 O   ? G HOH .  ? A HOH 2061 ? 1_555 NA ? C NA . ? A NA 1398 ? 1_555 O   ? G HOH .  ? A HOH 2062 ? 1_555 80.6  ? 
# 
loop_
_pdbx_audit_revision_history.ordinal 
_pdbx_audit_revision_history.data_content_type 
_pdbx_audit_revision_history.major_revision 
_pdbx_audit_revision_history.minor_revision 
_pdbx_audit_revision_history.revision_date 
1 'Structure model' 1 0 2008-06-17 
2 'Structure model' 1 1 2011-05-08 
3 'Structure model' 1 2 2011-07-13 
4 'Structure model' 1 3 2019-05-08 
5 'Structure model' 1 4 2019-05-29 
6 'Structure model' 1 5 2023-12-13 
# 
_pdbx_audit_revision_details.ordinal             1 
_pdbx_audit_revision_details.revision_ordinal    1 
_pdbx_audit_revision_details.data_content_type   'Structure model' 
_pdbx_audit_revision_details.provider            repository 
_pdbx_audit_revision_details.type                'Initial release' 
_pdbx_audit_revision_details.description         ? 
_pdbx_audit_revision_details.details             ? 
# 
loop_
_pdbx_audit_revision_group.ordinal 
_pdbx_audit_revision_group.revision_ordinal 
_pdbx_audit_revision_group.data_content_type 
_pdbx_audit_revision_group.group 
1  2 'Structure model' 'Version format compliance' 
2  3 'Structure model' 'Version format compliance' 
3  4 'Structure model' 'Data collection'           
4  4 'Structure model' 'Experimental preparation'  
5  4 'Structure model' Other                       
6  5 'Structure model' 'Data collection'           
7  5 'Structure model' 'Experimental preparation'  
8  6 'Structure model' 'Data collection'           
9  6 'Structure model' 'Database references'       
10 6 'Structure model' 'Derived calculations'      
11 6 'Structure model' Other                       
12 6 'Structure model' 'Refinement description'    
# 
loop_
_pdbx_audit_revision_category.ordinal 
_pdbx_audit_revision_category.revision_ordinal 
_pdbx_audit_revision_category.data_content_type 
_pdbx_audit_revision_category.category 
1  4 'Structure model' exptl_crystal_grow            
2  4 'Structure model' pdbx_database_proc            
3  4 'Structure model' pdbx_database_status          
4  5 'Structure model' exptl_crystal_grow            
5  5 'Structure model' struct_biol                   
6  6 'Structure model' chem_comp_atom                
7  6 'Structure model' chem_comp_bond                
8  6 'Structure model' database_2                    
9  6 'Structure model' pdbx_database_status          
10 6 'Structure model' pdbx_initial_refinement_model 
11 6 'Structure model' pdbx_struct_conn_angle        
12 6 'Structure model' struct_conn                   
# 
loop_
_pdbx_audit_revision_item.ordinal 
_pdbx_audit_revision_item.revision_ordinal 
_pdbx_audit_revision_item.data_content_type 
_pdbx_audit_revision_item.item 
1  4 'Structure model' '_exptl_crystal_grow.temp'                    
2  4 'Structure model' '_pdbx_database_status.recvd_author_approval' 
3  5 'Structure model' '_exptl_crystal_grow.method'                  
4  6 'Structure model' '_database_2.pdbx_DOI'                        
5  6 'Structure model' '_database_2.pdbx_database_accession'         
6  6 'Structure model' '_pdbx_database_status.status_code_sf'        
7  6 'Structure model' '_pdbx_struct_conn_angle.ptnr1_auth_comp_id'  
8  6 'Structure model' '_pdbx_struct_conn_angle.ptnr1_auth_seq_id'   
9  6 'Structure model' '_pdbx_struct_conn_angle.ptnr1_label_asym_id' 
10 6 'Structure model' '_pdbx_struct_conn_angle.ptnr1_label_atom_id' 
11 6 'Structure model' '_pdbx_struct_conn_angle.ptnr1_label_comp_id' 
12 6 'Structure model' '_pdbx_struct_conn_angle.ptnr1_label_seq_id'  
13 6 'Structure model' '_pdbx_struct_conn_angle.ptnr2_auth_comp_id'  
14 6 'Structure model' '_pdbx_struct_conn_angle.ptnr2_auth_seq_id'   
15 6 'Structure model' '_pdbx_struct_conn_angle.ptnr2_label_asym_id' 
16 6 'Structure model' '_pdbx_struct_conn_angle.ptnr2_label_atom_id' 
17 6 'Structure model' '_pdbx_struct_conn_angle.ptnr2_label_comp_id' 
18 6 'Structure model' '_pdbx_struct_conn_angle.ptnr3_auth_comp_id'  
19 6 'Structure model' '_pdbx_struct_conn_angle.ptnr3_auth_seq_id'   
20 6 'Structure model' '_pdbx_struct_conn_angle.ptnr3_label_asym_id' 
21 6 'Structure model' '_pdbx_struct_conn_angle.ptnr3_label_atom_id' 
22 6 'Structure model' '_pdbx_struct_conn_angle.ptnr3_label_comp_id' 
23 6 'Structure model' '_pdbx_struct_conn_angle.ptnr3_label_seq_id'  
24 6 'Structure model' '_pdbx_struct_conn_angle.value'               
25 6 'Structure model' '_struct_conn.pdbx_dist_value'                
26 6 'Structure model' '_struct_conn.ptnr1_auth_comp_id'             
27 6 'Structure model' '_struct_conn.ptnr1_auth_seq_id'              
28 6 'Structure model' '_struct_conn.ptnr1_label_asym_id'            
29 6 'Structure model' '_struct_conn.ptnr1_label_atom_id'            
30 6 'Structure model' '_struct_conn.ptnr1_label_comp_id'            
31 6 'Structure model' '_struct_conn.ptnr1_label_seq_id'             
32 6 'Structure model' '_struct_conn.ptnr2_auth_comp_id'             
33 6 'Structure model' '_struct_conn.ptnr2_auth_seq_id'              
34 6 'Structure model' '_struct_conn.ptnr2_label_asym_id'            
35 6 'Structure model' '_struct_conn.ptnr2_label_atom_id'            
36 6 'Structure model' '_struct_conn.ptnr2_label_comp_id'            
37 6 'Structure model' '_struct_conn.ptnr2_label_seq_id'             
# 
loop_
_software.name 
_software.classification 
_software.version 
_software.citation_id 
_software.pdbx_ordinal 
_software.date 
_software.type 
_software.location 
_software.language 
REFMAC refinement       5.3.0037 ? 1 ? ? ? ? 
MOSFLM 'data reduction' .        ? 2 ? ? ? ? 
SCALA  'data scaling'   .        ? 3 ? ? ? ? 
PHASER phasing          .        ? 4 ? ? ? ? 
# 
loop_
_pdbx_validate_torsion.id 
_pdbx_validate_torsion.PDB_model_num 
_pdbx_validate_torsion.auth_comp_id 
_pdbx_validate_torsion.auth_asym_id 
_pdbx_validate_torsion.auth_seq_id 
_pdbx_validate_torsion.PDB_ins_code 
_pdbx_validate_torsion.label_alt_id 
_pdbx_validate_torsion.phi 
_pdbx_validate_torsion.psi 
1 1 THR A 347 ? ? 70.95   -9.38  
2 1 SER A 362 ? ? -164.37 -54.23 
# 
loop_
_pdbx_unobs_or_zero_occ_residues.id 
_pdbx_unobs_or_zero_occ_residues.PDB_model_num 
_pdbx_unobs_or_zero_occ_residues.polymer_flag 
_pdbx_unobs_or_zero_occ_residues.occupancy_flag 
_pdbx_unobs_or_zero_occ_residues.auth_asym_id 
_pdbx_unobs_or_zero_occ_residues.auth_comp_id 
_pdbx_unobs_or_zero_occ_residues.auth_seq_id 
_pdbx_unobs_or_zero_occ_residues.PDB_ins_code 
_pdbx_unobs_or_zero_occ_residues.label_asym_id 
_pdbx_unobs_or_zero_occ_residues.label_comp_id 
_pdbx_unobs_or_zero_occ_residues.label_seq_id 
1 1 Y 1 A GLY 333 ? A GLY 1 
2 1 Y 1 A HIS 334 ? A HIS 2 
3 1 Y 1 A SER 335 ? A SER 3 
4 1 Y 1 A SER 336 ? A SER 4 
5 1 Y 1 A SER 337 ? A SER 5 
6 1 Y 1 A ASP 338 ? A ASP 6 
7 1 Y 1 A PRO 339 ? A PRO 7 
8 1 Y 1 A VAL 340 ? A VAL 8 
# 
loop_
_chem_comp_atom.comp_id 
_chem_comp_atom.atom_id 
_chem_comp_atom.type_symbol 
_chem_comp_atom.pdbx_aromatic_flag 
_chem_comp_atom.pdbx_stereo_config 
_chem_comp_atom.pdbx_ordinal 
ALA N    N  N N 1   
ALA CA   C  N S 2   
ALA C    C  N N 3   
ALA O    O  N N 4   
ALA CB   C  N N 5   
ALA OXT  O  N N 6   
ALA H    H  N N 7   
ALA H2   H  N N 8   
ALA HA   H  N N 9   
ALA HB1  H  N N 10  
ALA HB2  H  N N 11  
ALA HB3  H  N N 12  
ALA HXT  H  N N 13  
ARG N    N  N N 14  
ARG CA   C  N S 15  
ARG C    C  N N 16  
ARG O    O  N N 17  
ARG CB   C  N N 18  
ARG CG   C  N N 19  
ARG CD   C  N N 20  
ARG NE   N  N N 21  
ARG CZ   C  N N 22  
ARG NH1  N  N N 23  
ARG NH2  N  N N 24  
ARG OXT  O  N N 25  
ARG H    H  N N 26  
ARG H2   H  N N 27  
ARG HA   H  N N 28  
ARG HB2  H  N N 29  
ARG HB3  H  N N 30  
ARG HG2  H  N N 31  
ARG HG3  H  N N 32  
ARG HD2  H  N N 33  
ARG HD3  H  N N 34  
ARG HE   H  N N 35  
ARG HH11 H  N N 36  
ARG HH12 H  N N 37  
ARG HH21 H  N N 38  
ARG HH22 H  N N 39  
ARG HXT  H  N N 40  
ASN N    N  N N 41  
ASN CA   C  N S 42  
ASN C    C  N N 43  
ASN O    O  N N 44  
ASN CB   C  N N 45  
ASN CG   C  N N 46  
ASN OD1  O  N N 47  
ASN ND2  N  N N 48  
ASN OXT  O  N N 49  
ASN H    H  N N 50  
ASN H2   H  N N 51  
ASN HA   H  N N 52  
ASN HB2  H  N N 53  
ASN HB3  H  N N 54  
ASN HD21 H  N N 55  
ASN HD22 H  N N 56  
ASN HXT  H  N N 57  
ASP N    N  N N 58  
ASP CA   C  N S 59  
ASP C    C  N N 60  
ASP O    O  N N 61  
ASP CB   C  N N 62  
ASP CG   C  N N 63  
ASP OD1  O  N N 64  
ASP OD2  O  N N 65  
ASP OXT  O  N N 66  
ASP H    H  N N 67  
ASP H2   H  N N 68  
ASP HA   H  N N 69  
ASP HB2  H  N N 70  
ASP HB3  H  N N 71  
ASP HD2  H  N N 72  
ASP HXT  H  N N 73  
CYS N    N  N N 74  
CYS CA   C  N R 75  
CYS C    C  N N 76  
CYS O    O  N N 77  
CYS CB   C  N N 78  
CYS SG   S  N N 79  
CYS OXT  O  N N 80  
CYS H    H  N N 81  
CYS H2   H  N N 82  
CYS HA   H  N N 83  
CYS HB2  H  N N 84  
CYS HB3  H  N N 85  
CYS HG   H  N N 86  
CYS HXT  H  N N 87  
GLN N    N  N N 88  
GLN CA   C  N S 89  
GLN C    C  N N 90  
GLN O    O  N N 91  
GLN CB   C  N N 92  
GLN CG   C  N N 93  
GLN CD   C  N N 94  
GLN OE1  O  N N 95  
GLN NE2  N  N N 96  
GLN OXT  O  N N 97  
GLN H    H  N N 98  
GLN H2   H  N N 99  
GLN HA   H  N N 100 
GLN HB2  H  N N 101 
GLN HB3  H  N N 102 
GLN HG2  H  N N 103 
GLN HG3  H  N N 104 
GLN HE21 H  N N 105 
GLN HE22 H  N N 106 
GLN HXT  H  N N 107 
GLU N    N  N N 108 
GLU CA   C  N S 109 
GLU C    C  N N 110 
GLU O    O  N N 111 
GLU CB   C  N N 112 
GLU CG   C  N N 113 
GLU CD   C  N N 114 
GLU OE1  O  N N 115 
GLU OE2  O  N N 116 
GLU OXT  O  N N 117 
GLU H    H  N N 118 
GLU H2   H  N N 119 
GLU HA   H  N N 120 
GLU HB2  H  N N 121 
GLU HB3  H  N N 122 
GLU HG2  H  N N 123 
GLU HG3  H  N N 124 
GLU HE2  H  N N 125 
GLU HXT  H  N N 126 
GLY N    N  N N 127 
GLY CA   C  N N 128 
GLY C    C  N N 129 
GLY O    O  N N 130 
GLY OXT  O  N N 131 
GLY H    H  N N 132 
GLY H2   H  N N 133 
GLY HA2  H  N N 134 
GLY HA3  H  N N 135 
GLY HXT  H  N N 136 
HIS N    N  N N 137 
HIS CA   C  N S 138 
HIS C    C  N N 139 
HIS O    O  N N 140 
HIS CB   C  N N 141 
HIS CG   C  Y N 142 
HIS ND1  N  Y N 143 
HIS CD2  C  Y N 144 
HIS CE1  C  Y N 145 
HIS NE2  N  Y N 146 
HIS OXT  O  N N 147 
HIS H    H  N N 148 
HIS H2   H  N N 149 
HIS HA   H  N N 150 
HIS HB2  H  N N 151 
HIS HB3  H  N N 152 
HIS HD1  H  N N 153 
HIS HD2  H  N N 154 
HIS HE1  H  N N 155 
HIS HE2  H  N N 156 
HIS HXT  H  N N 157 
HOH O    O  N N 158 
HOH H1   H  N N 159 
HOH H2   H  N N 160 
ILE N    N  N N 161 
ILE CA   C  N S 162 
ILE C    C  N N 163 
ILE O    O  N N 164 
ILE CB   C  N S 165 
ILE CG1  C  N N 166 
ILE CG2  C  N N 167 
ILE CD1  C  N N 168 
ILE OXT  O  N N 169 
ILE H    H  N N 170 
ILE H2   H  N N 171 
ILE HA   H  N N 172 
ILE HB   H  N N 173 
ILE HG12 H  N N 174 
ILE HG13 H  N N 175 
ILE HG21 H  N N 176 
ILE HG22 H  N N 177 
ILE HG23 H  N N 178 
ILE HD11 H  N N 179 
ILE HD12 H  N N 180 
ILE HD13 H  N N 181 
ILE HXT  H  N N 182 
LEU N    N  N N 183 
LEU CA   C  N S 184 
LEU C    C  N N 185 
LEU O    O  N N 186 
LEU CB   C  N N 187 
LEU CG   C  N N 188 
LEU CD1  C  N N 189 
LEU CD2  C  N N 190 
LEU OXT  O  N N 191 
LEU H    H  N N 192 
LEU H2   H  N N 193 
LEU HA   H  N N 194 
LEU HB2  H  N N 195 
LEU HB3  H  N N 196 
LEU HG   H  N N 197 
LEU HD11 H  N N 198 
LEU HD12 H  N N 199 
LEU HD13 H  N N 200 
LEU HD21 H  N N 201 
LEU HD22 H  N N 202 
LEU HD23 H  N N 203 
LEU HXT  H  N N 204 
LYS N    N  N N 205 
LYS CA   C  N S 206 
LYS C    C  N N 207 
LYS O    O  N N 208 
LYS CB   C  N N 209 
LYS CG   C  N N 210 
LYS CD   C  N N 211 
LYS CE   C  N N 212 
LYS NZ   N  N N 213 
LYS OXT  O  N N 214 
LYS H    H  N N 215 
LYS H2   H  N N 216 
LYS HA   H  N N 217 
LYS HB2  H  N N 218 
LYS HB3  H  N N 219 
LYS HG2  H  N N 220 
LYS HG3  H  N N 221 
LYS HD2  H  N N 222 
LYS HD3  H  N N 223 
LYS HE2  H  N N 224 
LYS HE3  H  N N 225 
LYS HZ1  H  N N 226 
LYS HZ2  H  N N 227 
LYS HZ3  H  N N 228 
LYS HXT  H  N N 229 
MET N    N  N N 230 
MET CA   C  N S 231 
MET C    C  N N 232 
MET O    O  N N 233 
MET CB   C  N N 234 
MET CG   C  N N 235 
MET SD   S  N N 236 
MET CE   C  N N 237 
MET OXT  O  N N 238 
MET H    H  N N 239 
MET H2   H  N N 240 
MET HA   H  N N 241 
MET HB2  H  N N 242 
MET HB3  H  N N 243 
MET HG2  H  N N 244 
MET HG3  H  N N 245 
MET HE1  H  N N 246 
MET HE2  H  N N 247 
MET HE3  H  N N 248 
MET HXT  H  N N 249 
NA  NA   NA N N 250 
PHE N    N  N N 251 
PHE CA   C  N S 252 
PHE C    C  N N 253 
PHE O    O  N N 254 
PHE CB   C  N N 255 
PHE CG   C  Y N 256 
PHE CD1  C  Y N 257 
PHE CD2  C  Y N 258 
PHE CE1  C  Y N 259 
PHE CE2  C  Y N 260 
PHE CZ   C  Y N 261 
PHE OXT  O  N N 262 
PHE H    H  N N 263 
PHE H2   H  N N 264 
PHE HA   H  N N 265 
PHE HB2  H  N N 266 
PHE HB3  H  N N 267 
PHE HD1  H  N N 268 
PHE HD2  H  N N 269 
PHE HE1  H  N N 270 
PHE HE2  H  N N 271 
PHE HZ   H  N N 272 
PHE HXT  H  N N 273 
PRO N    N  N N 274 
PRO CA   C  N S 275 
PRO C    C  N N 276 
PRO O    O  N N 277 
PRO CB   C  N N 278 
PRO CG   C  N N 279 
PRO CD   C  N N 280 
PRO OXT  O  N N 281 
PRO H    H  N N 282 
PRO HA   H  N N 283 
PRO HB2  H  N N 284 
PRO HB3  H  N N 285 
PRO HG2  H  N N 286 
PRO HG3  H  N N 287 
PRO HD2  H  N N 288 
PRO HD3  H  N N 289 
PRO HXT  H  N N 290 
SER N    N  N N 291 
SER CA   C  N S 292 
SER C    C  N N 293 
SER O    O  N N 294 
SER CB   C  N N 295 
SER OG   O  N N 296 
SER OXT  O  N N 297 
SER H    H  N N 298 
SER H2   H  N N 299 
SER HA   H  N N 300 
SER HB2  H  N N 301 
SER HB3  H  N N 302 
SER HG   H  N N 303 
SER HXT  H  N N 304 
THR N    N  N N 305 
THR CA   C  N S 306 
THR C    C  N N 307 
THR O    O  N N 308 
THR CB   C  N R 309 
THR OG1  O  N N 310 
THR CG2  C  N N 311 
THR OXT  O  N N 312 
THR H    H  N N 313 
THR H2   H  N N 314 
THR HA   H  N N 315 
THR HB   H  N N 316 
THR HG1  H  N N 317 
THR HG21 H  N N 318 
THR HG22 H  N N 319 
THR HG23 H  N N 320 
THR HXT  H  N N 321 
TRP N    N  N N 322 
TRP CA   C  N S 323 
TRP C    C  N N 324 
TRP O    O  N N 325 
TRP CB   C  N N 326 
TRP CG   C  Y N 327 
TRP CD1  C  Y N 328 
TRP CD2  C  Y N 329 
TRP NE1  N  Y N 330 
TRP CE2  C  Y N 331 
TRP CE3  C  Y N 332 
TRP CZ2  C  Y N 333 
TRP CZ3  C  Y N 334 
TRP CH2  C  Y N 335 
TRP OXT  O  N N 336 
TRP H    H  N N 337 
TRP H2   H  N N 338 
TRP HA   H  N N 339 
TRP HB2  H  N N 340 
TRP HB3  H  N N 341 
TRP HD1  H  N N 342 
TRP HE1  H  N N 343 
TRP HE3  H  N N 344 
TRP HZ2  H  N N 345 
TRP HZ3  H  N N 346 
TRP HH2  H  N N 347 
TRP HXT  H  N N 348 
TYR N    N  N N 349 
TYR CA   C  N S 350 
TYR C    C  N N 351 
TYR O    O  N N 352 
TYR CB   C  N N 353 
TYR CG   C  Y N 354 
TYR CD1  C  Y N 355 
TYR CD2  C  Y N 356 
TYR CE1  C  Y N 357 
TYR CE2  C  Y N 358 
TYR CZ   C  Y N 359 
TYR OH   O  N N 360 
TYR OXT  O  N N 361 
TYR H    H  N N 362 
TYR H2   H  N N 363 
TYR HA   H  N N 364 
TYR HB2  H  N N 365 
TYR HB3  H  N N 366 
TYR HD1  H  N N 367 
TYR HD2  H  N N 368 
TYR HE1  H  N N 369 
TYR HE2  H  N N 370 
TYR HH   H  N N 371 
TYR HXT  H  N N 372 
VAL N    N  N N 373 
VAL CA   C  N S 374 
VAL C    C  N N 375 
VAL O    O  N N 376 
VAL CB   C  N N 377 
VAL CG1  C  N N 378 
VAL CG2  C  N N 379 
VAL OXT  O  N N 380 
VAL H    H  N N 381 
VAL H2   H  N N 382 
VAL HA   H  N N 383 
VAL HB   H  N N 384 
VAL HG11 H  N N 385 
VAL HG12 H  N N 386 
VAL HG13 H  N N 387 
VAL HG21 H  N N 388 
VAL HG22 H  N N 389 
VAL HG23 H  N N 390 
VAL HXT  H  N N 391 
ZN  ZN   ZN N N 392 
# 
loop_
_chem_comp_bond.comp_id 
_chem_comp_bond.atom_id_1 
_chem_comp_bond.atom_id_2 
_chem_comp_bond.value_order 
_chem_comp_bond.pdbx_aromatic_flag 
_chem_comp_bond.pdbx_stereo_config 
_chem_comp_bond.pdbx_ordinal 
ALA N   CA   sing N N 1   
ALA N   H    sing N N 2   
ALA N   H2   sing N N 3   
ALA CA  C    sing N N 4   
ALA CA  CB   sing N N 5   
ALA CA  HA   sing N N 6   
ALA C   O    doub N N 7   
ALA C   OXT  sing N N 8   
ALA CB  HB1  sing N N 9   
ALA CB  HB2  sing N N 10  
ALA CB  HB3  sing N N 11  
ALA OXT HXT  sing N N 12  
ARG N   CA   sing N N 13  
ARG N   H    sing N N 14  
ARG N   H2   sing N N 15  
ARG CA  C    sing N N 16  
ARG CA  CB   sing N N 17  
ARG CA  HA   sing N N 18  
ARG C   O    doub N N 19  
ARG C   OXT  sing N N 20  
ARG CB  CG   sing N N 21  
ARG CB  HB2  sing N N 22  
ARG CB  HB3  sing N N 23  
ARG CG  CD   sing N N 24  
ARG CG  HG2  sing N N 25  
ARG CG  HG3  sing N N 26  
ARG CD  NE   sing N N 27  
ARG CD  HD2  sing N N 28  
ARG CD  HD3  sing N N 29  
ARG NE  CZ   sing N N 30  
ARG NE  HE   sing N N 31  
ARG CZ  NH1  sing N N 32  
ARG CZ  NH2  doub N N 33  
ARG NH1 HH11 sing N N 34  
ARG NH1 HH12 sing N N 35  
ARG NH2 HH21 sing N N 36  
ARG NH2 HH22 sing N N 37  
ARG OXT HXT  sing N N 38  
ASN N   CA   sing N N 39  
ASN N   H    sing N N 40  
ASN N   H2   sing N N 41  
ASN CA  C    sing N N 42  
ASN CA  CB   sing N N 43  
ASN CA  HA   sing N N 44  
ASN C   O    doub N N 45  
ASN C   OXT  sing N N 46  
ASN CB  CG   sing N N 47  
ASN CB  HB2  sing N N 48  
ASN CB  HB3  sing N N 49  
ASN CG  OD1  doub N N 50  
ASN CG  ND2  sing N N 51  
ASN ND2 HD21 sing N N 52  
ASN ND2 HD22 sing N N 53  
ASN OXT HXT  sing N N 54  
ASP N   CA   sing N N 55  
ASP N   H    sing N N 56  
ASP N   H2   sing N N 57  
ASP CA  C    sing N N 58  
ASP CA  CB   sing N N 59  
ASP CA  HA   sing N N 60  
ASP C   O    doub N N 61  
ASP C   OXT  sing N N 62  
ASP CB  CG   sing N N 63  
ASP CB  HB2  sing N N 64  
ASP CB  HB3  sing N N 65  
ASP CG  OD1  doub N N 66  
ASP CG  OD2  sing N N 67  
ASP OD2 HD2  sing N N 68  
ASP OXT HXT  sing N N 69  
CYS N   CA   sing N N 70  
CYS N   H    sing N N 71  
CYS N   H2   sing N N 72  
CYS CA  C    sing N N 73  
CYS CA  CB   sing N N 74  
CYS CA  HA   sing N N 75  
CYS C   O    doub N N 76  
CYS C   OXT  sing N N 77  
CYS CB  SG   sing N N 78  
CYS CB  HB2  sing N N 79  
CYS CB  HB3  sing N N 80  
CYS SG  HG   sing N N 81  
CYS OXT HXT  sing N N 82  
GLN N   CA   sing N N 83  
GLN N   H    sing N N 84  
GLN N   H2   sing N N 85  
GLN CA  C    sing N N 86  
GLN CA  CB   sing N N 87  
GLN CA  HA   sing N N 88  
GLN C   O    doub N N 89  
GLN C   OXT  sing N N 90  
GLN CB  CG   sing N N 91  
GLN CB  HB2  sing N N 92  
GLN CB  HB3  sing N N 93  
GLN CG  CD   sing N N 94  
GLN CG  HG2  sing N N 95  
GLN CG  HG3  sing N N 96  
GLN CD  OE1  doub N N 97  
GLN CD  NE2  sing N N 98  
GLN NE2 HE21 sing N N 99  
GLN NE2 HE22 sing N N 100 
GLN OXT HXT  sing N N 101 
GLU N   CA   sing N N 102 
GLU N   H    sing N N 103 
GLU N   H2   sing N N 104 
GLU CA  C    sing N N 105 
GLU CA  CB   sing N N 106 
GLU CA  HA   sing N N 107 
GLU C   O    doub N N 108 
GLU C   OXT  sing N N 109 
GLU CB  CG   sing N N 110 
GLU CB  HB2  sing N N 111 
GLU CB  HB3  sing N N 112 
GLU CG  CD   sing N N 113 
GLU CG  HG2  sing N N 114 
GLU CG  HG3  sing N N 115 
GLU CD  OE1  doub N N 116 
GLU CD  OE2  sing N N 117 
GLU OE2 HE2  sing N N 118 
GLU OXT HXT  sing N N 119 
GLY N   CA   sing N N 120 
GLY N   H    sing N N 121 
GLY N   H2   sing N N 122 
GLY CA  C    sing N N 123 
GLY CA  HA2  sing N N 124 
GLY CA  HA3  sing N N 125 
GLY C   O    doub N N 126 
GLY C   OXT  sing N N 127 
GLY OXT HXT  sing N N 128 
HIS N   CA   sing N N 129 
HIS N   H    sing N N 130 
HIS N   H2   sing N N 131 
HIS CA  C    sing N N 132 
HIS CA  CB   sing N N 133 
HIS CA  HA   sing N N 134 
HIS C   O    doub N N 135 
HIS C   OXT  sing N N 136 
HIS CB  CG   sing N N 137 
HIS CB  HB2  sing N N 138 
HIS CB  HB3  sing N N 139 
HIS CG  ND1  sing Y N 140 
HIS CG  CD2  doub Y N 141 
HIS ND1 CE1  doub Y N 142 
HIS ND1 HD1  sing N N 143 
HIS CD2 NE2  sing Y N 144 
HIS CD2 HD2  sing N N 145 
HIS CE1 NE2  sing Y N 146 
HIS CE1 HE1  sing N N 147 
HIS NE2 HE2  sing N N 148 
HIS OXT HXT  sing N N 149 
HOH O   H1   sing N N 150 
HOH O   H2   sing N N 151 
ILE N   CA   sing N N 152 
ILE N   H    sing N N 153 
ILE N   H2   sing N N 154 
ILE CA  C    sing N N 155 
ILE CA  CB   sing N N 156 
ILE CA  HA   sing N N 157 
ILE C   O    doub N N 158 
ILE C   OXT  sing N N 159 
ILE CB  CG1  sing N N 160 
ILE CB  CG2  sing N N 161 
ILE CB  HB   sing N N 162 
ILE CG1 CD1  sing N N 163 
ILE CG1 HG12 sing N N 164 
ILE CG1 HG13 sing N N 165 
ILE CG2 HG21 sing N N 166 
ILE CG2 HG22 sing N N 167 
ILE CG2 HG23 sing N N 168 
ILE CD1 HD11 sing N N 169 
ILE CD1 HD12 sing N N 170 
ILE CD1 HD13 sing N N 171 
ILE OXT HXT  sing N N 172 
LEU N   CA   sing N N 173 
LEU N   H    sing N N 174 
LEU N   H2   sing N N 175 
LEU CA  C    sing N N 176 
LEU CA  CB   sing N N 177 
LEU CA  HA   sing N N 178 
LEU C   O    doub N N 179 
LEU C   OXT  sing N N 180 
LEU CB  CG   sing N N 181 
LEU CB  HB2  sing N N 182 
LEU CB  HB3  sing N N 183 
LEU CG  CD1  sing N N 184 
LEU CG  CD2  sing N N 185 
LEU CG  HG   sing N N 186 
LEU CD1 HD11 sing N N 187 
LEU CD1 HD12 sing N N 188 
LEU CD1 HD13 sing N N 189 
LEU CD2 HD21 sing N N 190 
LEU CD2 HD22 sing N N 191 
LEU CD2 HD23 sing N N 192 
LEU OXT HXT  sing N N 193 
LYS N   CA   sing N N 194 
LYS N   H    sing N N 195 
LYS N   H2   sing N N 196 
LYS CA  C    sing N N 197 
LYS CA  CB   sing N N 198 
LYS CA  HA   sing N N 199 
LYS C   O    doub N N 200 
LYS C   OXT  sing N N 201 
LYS CB  CG   sing N N 202 
LYS CB  HB2  sing N N 203 
LYS CB  HB3  sing N N 204 
LYS CG  CD   sing N N 205 
LYS CG  HG2  sing N N 206 
LYS CG  HG3  sing N N 207 
LYS CD  CE   sing N N 208 
LYS CD  HD2  sing N N 209 
LYS CD  HD3  sing N N 210 
LYS CE  NZ   sing N N 211 
LYS CE  HE2  sing N N 212 
LYS CE  HE3  sing N N 213 
LYS NZ  HZ1  sing N N 214 
LYS NZ  HZ2  sing N N 215 
LYS NZ  HZ3  sing N N 216 
LYS OXT HXT  sing N N 217 
MET N   CA   sing N N 218 
MET N   H    sing N N 219 
MET N   H2   sing N N 220 
MET CA  C    sing N N 221 
MET CA  CB   sing N N 222 
MET CA  HA   sing N N 223 
MET C   O    doub N N 224 
MET C   OXT  sing N N 225 
MET CB  CG   sing N N 226 
MET CB  HB2  sing N N 227 
MET CB  HB3  sing N N 228 
MET CG  SD   sing N N 229 
MET CG  HG2  sing N N 230 
MET CG  HG3  sing N N 231 
MET SD  CE   sing N N 232 
MET CE  HE1  sing N N 233 
MET CE  HE2  sing N N 234 
MET CE  HE3  sing N N 235 
MET OXT HXT  sing N N 236 
PHE N   CA   sing N N 237 
PHE N   H    sing N N 238 
PHE N   H2   sing N N 239 
PHE CA  C    sing N N 240 
PHE CA  CB   sing N N 241 
PHE CA  HA   sing N N 242 
PHE C   O    doub N N 243 
PHE C   OXT  sing N N 244 
PHE CB  CG   sing N N 245 
PHE CB  HB2  sing N N 246 
PHE CB  HB3  sing N N 247 
PHE CG  CD1  doub Y N 248 
PHE CG  CD2  sing Y N 249 
PHE CD1 CE1  sing Y N 250 
PHE CD1 HD1  sing N N 251 
PHE CD2 CE2  doub Y N 252 
PHE CD2 HD2  sing N N 253 
PHE CE1 CZ   doub Y N 254 
PHE CE1 HE1  sing N N 255 
PHE CE2 CZ   sing Y N 256 
PHE CE2 HE2  sing N N 257 
PHE CZ  HZ   sing N N 258 
PHE OXT HXT  sing N N 259 
PRO N   CA   sing N N 260 
PRO N   CD   sing N N 261 
PRO N   H    sing N N 262 
PRO CA  C    sing N N 263 
PRO CA  CB   sing N N 264 
PRO CA  HA   sing N N 265 
PRO C   O    doub N N 266 
PRO C   OXT  sing N N 267 
PRO CB  CG   sing N N 268 
PRO CB  HB2  sing N N 269 
PRO CB  HB3  sing N N 270 
PRO CG  CD   sing N N 271 
PRO CG  HG2  sing N N 272 
PRO CG  HG3  sing N N 273 
PRO CD  HD2  sing N N 274 
PRO CD  HD3  sing N N 275 
PRO OXT HXT  sing N N 276 
SER N   CA   sing N N 277 
SER N   H    sing N N 278 
SER N   H2   sing N N 279 
SER CA  C    sing N N 280 
SER CA  CB   sing N N 281 
SER CA  HA   sing N N 282 
SER C   O    doub N N 283 
SER C   OXT  sing N N 284 
SER CB  OG   sing N N 285 
SER CB  HB2  sing N N 286 
SER CB  HB3  sing N N 287 
SER OG  HG   sing N N 288 
SER OXT HXT  sing N N 289 
THR N   CA   sing N N 290 
THR N   H    sing N N 291 
THR N   H2   sing N N 292 
THR CA  C    sing N N 293 
THR CA  CB   sing N N 294 
THR CA  HA   sing N N 295 
THR C   O    doub N N 296 
THR C   OXT  sing N N 297 
THR CB  OG1  sing N N 298 
THR CB  CG2  sing N N 299 
THR CB  HB   sing N N 300 
THR OG1 HG1  sing N N 301 
THR CG2 HG21 sing N N 302 
THR CG2 HG22 sing N N 303 
THR CG2 HG23 sing N N 304 
THR OXT HXT  sing N N 305 
TRP N   CA   sing N N 306 
TRP N   H    sing N N 307 
TRP N   H2   sing N N 308 
TRP CA  C    sing N N 309 
TRP CA  CB   sing N N 310 
TRP CA  HA   sing N N 311 
TRP C   O    doub N N 312 
TRP C   OXT  sing N N 313 
TRP CB  CG   sing N N 314 
TRP CB  HB2  sing N N 315 
TRP CB  HB3  sing N N 316 
TRP CG  CD1  doub Y N 317 
TRP CG  CD2  sing Y N 318 
TRP CD1 NE1  sing Y N 319 
TRP CD1 HD1  sing N N 320 
TRP CD2 CE2  doub Y N 321 
TRP CD2 CE3  sing Y N 322 
TRP NE1 CE2  sing Y N 323 
TRP NE1 HE1  sing N N 324 
TRP CE2 CZ2  sing Y N 325 
TRP CE3 CZ3  doub Y N 326 
TRP CE3 HE3  sing N N 327 
TRP CZ2 CH2  doub Y N 328 
TRP CZ2 HZ2  sing N N 329 
TRP CZ3 CH2  sing Y N 330 
TRP CZ3 HZ3  sing N N 331 
TRP CH2 HH2  sing N N 332 
TRP OXT HXT  sing N N 333 
TYR N   CA   sing N N 334 
TYR N   H    sing N N 335 
TYR N   H2   sing N N 336 
TYR CA  C    sing N N 337 
TYR CA  CB   sing N N 338 
TYR CA  HA   sing N N 339 
TYR C   O    doub N N 340 
TYR C   OXT  sing N N 341 
TYR CB  CG   sing N N 342 
TYR CB  HB2  sing N N 343 
TYR CB  HB3  sing N N 344 
TYR CG  CD1  doub Y N 345 
TYR CG  CD2  sing Y N 346 
TYR CD1 CE1  sing Y N 347 
TYR CD1 HD1  sing N N 348 
TYR CD2 CE2  doub Y N 349 
TYR CD2 HD2  sing N N 350 
TYR CE1 CZ   doub Y N 351 
TYR CE1 HE1  sing N N 352 
TYR CE2 CZ   sing Y N 353 
TYR CE2 HE2  sing N N 354 
TYR CZ  OH   sing N N 355 
TYR OH  HH   sing N N 356 
TYR OXT HXT  sing N N 357 
VAL N   CA   sing N N 358 
VAL N   H    sing N N 359 
VAL N   H2   sing N N 360 
VAL CA  C    sing N N 361 
VAL CA  CB   sing N N 362 
VAL CA  HA   sing N N 363 
VAL C   O    doub N N 364 
VAL C   OXT  sing N N 365 
VAL CB  CG1  sing N N 366 
VAL CB  CG2  sing N N 367 
VAL CB  HB   sing N N 368 
VAL CG1 HG11 sing N N 369 
VAL CG1 HG12 sing N N 370 
VAL CG1 HG13 sing N N 371 
VAL CG2 HG21 sing N N 372 
VAL CG2 HG22 sing N N 373 
VAL CG2 HG23 sing N N 374 
VAL OXT HXT  sing N N 375 
# 
loop_
_pdbx_entity_nonpoly.entity_id 
_pdbx_entity_nonpoly.name 
_pdbx_entity_nonpoly.comp_id 
3 'SODIUM ION' NA  
4 'ZINC ION'   ZN  
5 water        HOH 
# 
_pdbx_initial_refinement_model.id               1 
_pdbx_initial_refinement_model.entity_id_list   ? 
_pdbx_initial_refinement_model.type             'experimental model' 
_pdbx_initial_refinement_model.source_name      PDB 
_pdbx_initial_refinement_model.accession_code   2VP7 
_pdbx_initial_refinement_model.details          'PDB ENTRY 2VP7' 
# 
